data_2I6M
# 
_entry.id   2I6M 
# 
_audit_conform.dict_name       mmcif_pdbx.dic 
_audit_conform.dict_version    5.380 
_audit_conform.dict_location   http://mmcif.pdb.org/dictionaries/ascii/mmcif_pdbx.dic 
# 
loop_
_database_2.database_id 
_database_2.database_code 
_database_2.pdbx_database_accession 
_database_2.pdbx_DOI 
PDB   2I6M         pdb_00002i6m 10.2210/pdb2i6m/pdb 
RCSB  RCSB039202   ?            ?                   
WWPDB D_1000039202 ?            ?                   
# 
loop_
_pdbx_database_related.db_name 
_pdbx_database_related.db_id 
_pdbx_database_related.details 
_pdbx_database_related.content_type 
PDB 2DXP 'the same protein with phosphopeptides A-(p)Y-R'     unspecified 
PDB 2I6I 'the same protein'                                   unspecified 
PDB 2I6J 'the same protein with phosphate ion'                unspecified 
PDB 2I6O 'the same protein with phosphopeptides N-G-(p)Y-K-N' unspecified 
PDB 2I6P 'the same protein with pNPP'                         unspecified 
# 
_pdbx_database_status.status_code                     REL 
_pdbx_database_status.entry_id                        2I6M 
_pdbx_database_status.recvd_initial_deposition_date   2006-08-29 
_pdbx_database_status.deposit_site                    RCSB 
_pdbx_database_status.process_site                    PDBJ 
_pdbx_database_status.status_code_sf                  REL 
_pdbx_database_status.status_code_mr                  ? 
_pdbx_database_status.SG_entry                        ? 
_pdbx_database_status.pdb_format_compatible           Y 
_pdbx_database_status.status_code_cs                  ? 
_pdbx_database_status.status_code_nmr_data            ? 
_pdbx_database_status.methods_development_category    ? 
# 
loop_
_audit_author.name 
_audit_author.pdbx_ordinal 
'Chu, H.M.'    1 
'Wang, A.H.J.' 2 
# 
_citation.id                        primary 
_citation.title                     
;Enzyme-substrate interactions revealed by the crystal structures of the archaeal Sulfolobus PTP-fold phosphatase and its phosphopeptide complexes
;
_citation.journal_abbrev            Proteins 
_citation.journal_volume            66 
_citation.page_first                996 
_citation.page_last                 1003 
_citation.year                      2006 
_citation.journal_id_ASTM           PSFGEY 
_citation.country                   US 
_citation.journal_id_ISSN           0887-3585 
_citation.journal_id_CSD            0867 
_citation.book_publisher            ? 
_citation.pdbx_database_id_PubMed   17173287 
_citation.pdbx_database_id_DOI      10.1002/prot.21262 
# 
loop_
_citation_author.citation_id 
_citation_author.name 
_citation_author.ordinal 
_citation_author.identifier_ORCID 
primary 'Chu, H.M.'    1 ? 
primary 'Wang, A.H.J.' 2 ? 
# 
_cell.entry_id           2I6M 
_cell.length_a           72.288 
_cell.length_b           72.288 
_cell.length_c           32.518 
_cell.angle_alpha        90.00 
_cell.angle_beta         90.00 
_cell.angle_gamma        90.00 
_cell.Z_PDB              4 
_cell.pdbx_unique_axis   ? 
_cell.length_a_esd       ? 
_cell.length_b_esd       ? 
_cell.length_c_esd       ? 
_cell.angle_alpha_esd    ? 
_cell.angle_beta_esd     ? 
_cell.angle_gamma_esd    ? 
# 
_symmetry.entry_id                         2I6M 
_symmetry.space_group_name_H-M             'P 41' 
_symmetry.pdbx_full_space_group_name_H-M   ? 
_symmetry.cell_setting                     ? 
_symmetry.Int_Tables_number                76 
_symmetry.space_group_name_Hall            ? 
# 
loop_
_entity.id 
_entity.type 
_entity.src_method 
_entity.pdbx_description 
_entity.formula_weight 
_entity.pdbx_number_of_molecules 
_entity.pdbx_ec 
_entity.pdbx_mutation 
_entity.pdbx_fragment 
_entity.details 
1 polymer     man 'Sulfolobus solfataricus protein tyrosine phosphatase' 18433.164 1  3.1.3.48 ? ? ? 
2 non-polymer syn 'TUNGSTATE(VI)ION'                                     247.838   1  ?        ? ? ? 
3 water       nat water                                                  18.015    41 ?        ? ? ? 
# 
_entity_name_com.entity_id   1 
_entity_name_com.name        SsoPTP 
# 
_entity_poly.entity_id                      1 
_entity_poly.type                           'polypeptide(L)' 
_entity_poly.nstd_linkage                   no 
_entity_poly.nstd_monomer                   no 
_entity_poly.pdbx_seq_one_letter_code       
;MYWVRRKTIGGSGLPYTENEILEWRKEGVKRVLVLPEDWEIEESWGDKDYYLSILKKNGLQPLHIPIPDGGVPSDSQFLT
IMKWLLSEKEGNLVHCVGGIGRTGTILASYLILTEGLEVESAIDEVRLVRPGAVQTYEQEMFLLRVEGMRKSWLKNIYSN
S
;
_entity_poly.pdbx_seq_one_letter_code_can   
;MYWVRRKTIGGSGLPYTENEILEWRKEGVKRVLVLPEDWEIEESWGDKDYYLSILKKNGLQPLHIPIPDGGVPSDSQFLT
IMKWLLSEKEGNLVHCVGGIGRTGTILASYLILTEGLEVESAIDEVRLVRPGAVQTYEQEMFLLRVEGMRKSWLKNIYSN
S
;
_entity_poly.pdbx_strand_id                 A 
_entity_poly.pdbx_target_identifier         ? 
# 
loop_
_entity_poly_seq.entity_id 
_entity_poly_seq.num 
_entity_poly_seq.mon_id 
_entity_poly_seq.hetero 
1 1   MET n 
1 2   TYR n 
1 3   TRP n 
1 4   VAL n 
1 5   ARG n 
1 6   ARG n 
1 7   LYS n 
1 8   THR n 
1 9   ILE n 
1 10  GLY n 
1 11  GLY n 
1 12  SER n 
1 13  GLY n 
1 14  LEU n 
1 15  PRO n 
1 16  TYR n 
1 17  THR n 
1 18  GLU n 
1 19  ASN n 
1 20  GLU n 
1 21  ILE n 
1 22  LEU n 
1 23  GLU n 
1 24  TRP n 
1 25  ARG n 
1 26  LYS n 
1 27  GLU n 
1 28  GLY n 
1 29  VAL n 
1 30  LYS n 
1 31  ARG n 
1 32  VAL n 
1 33  LEU n 
1 34  VAL n 
1 35  LEU n 
1 36  PRO n 
1 37  GLU n 
1 38  ASP n 
1 39  TRP n 
1 40  GLU n 
1 41  ILE n 
1 42  GLU n 
1 43  GLU n 
1 44  SER n 
1 45  TRP n 
1 46  GLY n 
1 47  ASP n 
1 48  LYS n 
1 49  ASP n 
1 50  TYR n 
1 51  TYR n 
1 52  LEU n 
1 53  SER n 
1 54  ILE n 
1 55  LEU n 
1 56  LYS n 
1 57  LYS n 
1 58  ASN n 
1 59  GLY n 
1 60  LEU n 
1 61  GLN n 
1 62  PRO n 
1 63  LEU n 
1 64  HIS n 
1 65  ILE n 
1 66  PRO n 
1 67  ILE n 
1 68  PRO n 
1 69  ASP n 
1 70  GLY n 
1 71  GLY n 
1 72  VAL n 
1 73  PRO n 
1 74  SER n 
1 75  ASP n 
1 76  SER n 
1 77  GLN n 
1 78  PHE n 
1 79  LEU n 
1 80  THR n 
1 81  ILE n 
1 82  MET n 
1 83  LYS n 
1 84  TRP n 
1 85  LEU n 
1 86  LEU n 
1 87  SER n 
1 88  GLU n 
1 89  LYS n 
1 90  GLU n 
1 91  GLY n 
1 92  ASN n 
1 93  LEU n 
1 94  VAL n 
1 95  HIS n 
1 96  CYS n 
1 97  VAL n 
1 98  GLY n 
1 99  GLY n 
1 100 ILE n 
1 101 GLY n 
1 102 ARG n 
1 103 THR n 
1 104 GLY n 
1 105 THR n 
1 106 ILE n 
1 107 LEU n 
1 108 ALA n 
1 109 SER n 
1 110 TYR n 
1 111 LEU n 
1 112 ILE n 
1 113 LEU n 
1 114 THR n 
1 115 GLU n 
1 116 GLY n 
1 117 LEU n 
1 118 GLU n 
1 119 VAL n 
1 120 GLU n 
1 121 SER n 
1 122 ALA n 
1 123 ILE n 
1 124 ASP n 
1 125 GLU n 
1 126 VAL n 
1 127 ARG n 
1 128 LEU n 
1 129 VAL n 
1 130 ARG n 
1 131 PRO n 
1 132 GLY n 
1 133 ALA n 
1 134 VAL n 
1 135 GLN n 
1 136 THR n 
1 137 TYR n 
1 138 GLU n 
1 139 GLN n 
1 140 GLU n 
1 141 MET n 
1 142 PHE n 
1 143 LEU n 
1 144 LEU n 
1 145 ARG n 
1 146 VAL n 
1 147 GLU n 
1 148 GLY n 
1 149 MET n 
1 150 ARG n 
1 151 LYS n 
1 152 SER n 
1 153 TRP n 
1 154 LEU n 
1 155 LYS n 
1 156 ASN n 
1 157 ILE n 
1 158 TYR n 
1 159 SER n 
1 160 ASN n 
1 161 SER n 
# 
_entity_src_gen.entity_id                          1 
_entity_src_gen.pdbx_src_id                        1 
_entity_src_gen.pdbx_alt_source_flag               sample 
_entity_src_gen.pdbx_seq_type                      ? 
_entity_src_gen.pdbx_beg_seq_num                   ? 
_entity_src_gen.pdbx_end_seq_num                   ? 
_entity_src_gen.gene_src_common_name               ? 
_entity_src_gen.gene_src_genus                     Sulfolobus 
_entity_src_gen.pdbx_gene_src_gene                 ? 
_entity_src_gen.gene_src_species                   ? 
_entity_src_gen.gene_src_strain                    ? 
_entity_src_gen.gene_src_tissue                    ? 
_entity_src_gen.gene_src_tissue_fraction           ? 
_entity_src_gen.gene_src_details                   ? 
_entity_src_gen.pdbx_gene_src_fragment             ? 
_entity_src_gen.pdbx_gene_src_scientific_name      'Sulfolobus solfataricus' 
_entity_src_gen.pdbx_gene_src_ncbi_taxonomy_id     2287 
_entity_src_gen.pdbx_gene_src_variant              ? 
_entity_src_gen.pdbx_gene_src_cell_line            ? 
_entity_src_gen.pdbx_gene_src_atcc                 ? 
_entity_src_gen.pdbx_gene_src_organ                ? 
_entity_src_gen.pdbx_gene_src_organelle            ? 
_entity_src_gen.pdbx_gene_src_cell                 ? 
_entity_src_gen.pdbx_gene_src_cellular_location    ? 
_entity_src_gen.host_org_common_name               ? 
_entity_src_gen.pdbx_host_org_scientific_name      'Escherichia coli BL21' 
_entity_src_gen.pdbx_host_org_ncbi_taxonomy_id     511693 
_entity_src_gen.host_org_genus                     Escherichia 
_entity_src_gen.pdbx_host_org_gene                 ? 
_entity_src_gen.pdbx_host_org_organ                ? 
_entity_src_gen.host_org_species                   'Escherichia coli' 
_entity_src_gen.pdbx_host_org_tissue               ? 
_entity_src_gen.pdbx_host_org_tissue_fraction      ? 
_entity_src_gen.pdbx_host_org_strain               BL21 
_entity_src_gen.pdbx_host_org_variant              ? 
_entity_src_gen.pdbx_host_org_cell_line            ? 
_entity_src_gen.pdbx_host_org_atcc                 ? 
_entity_src_gen.pdbx_host_org_culture_collection   ? 
_entity_src_gen.pdbx_host_org_cell                 ? 
_entity_src_gen.pdbx_host_org_organelle            ? 
_entity_src_gen.pdbx_host_org_cellular_location    ? 
_entity_src_gen.pdbx_host_org_vector_type          plasmid 
_entity_src_gen.pdbx_host_org_vector               ? 
_entity_src_gen.host_org_details                   ? 
_entity_src_gen.expression_system_id               ? 
_entity_src_gen.plasmid_name                       pET21 
_entity_src_gen.plasmid_details                    ? 
_entity_src_gen.pdbx_description                   ? 
# 
_struct_ref.id                         1 
_struct_ref.db_name                    UNP 
_struct_ref.db_code                    Q97VZ7_SULSO 
_struct_ref.pdbx_db_accession          Q97VZ7 
_struct_ref.entity_id                  1 
_struct_ref.pdbx_seq_one_letter_code   
;MYWVRRKTIGGSGLPYTENEILEWRKEGVKRVLVLPEDWEIEESWGDKDYYLSILKKNGLQPLHIPIPDGGVPSDSQFLT
IMKWLLSEKEGNLVHCVGGIGRTGTILASYLILTEGLEVESAIDEVRLVRPGAVQTYEQEMFLLRVEGMRKSWLKNIYSN
S
;
_struct_ref.pdbx_align_begin           1 
_struct_ref.pdbx_db_isoform            ? 
# 
_struct_ref_seq.align_id                      1 
_struct_ref_seq.ref_id                        1 
_struct_ref_seq.pdbx_PDB_id_code              2I6M 
_struct_ref_seq.pdbx_strand_id                A 
_struct_ref_seq.seq_align_beg                 1 
_struct_ref_seq.pdbx_seq_align_beg_ins_code   ? 
_struct_ref_seq.seq_align_end                 161 
_struct_ref_seq.pdbx_seq_align_end_ins_code   ? 
_struct_ref_seq.pdbx_db_accession             Q97VZ7 
_struct_ref_seq.db_align_beg                  1 
_struct_ref_seq.pdbx_db_align_beg_ins_code    ? 
_struct_ref_seq.db_align_end                  161 
_struct_ref_seq.pdbx_db_align_end_ins_code    ? 
_struct_ref_seq.pdbx_auth_seq_align_beg       1 
_struct_ref_seq.pdbx_auth_seq_align_end       161 
# 
loop_
_chem_comp.id 
_chem_comp.type 
_chem_comp.mon_nstd_flag 
_chem_comp.name 
_chem_comp.pdbx_synonyms 
_chem_comp.formula 
_chem_comp.formula_weight 
ALA 'L-peptide linking' y ALANINE            ? 'C3 H7 N O2'     89.093  
ARG 'L-peptide linking' y ARGININE           ? 'C6 H15 N4 O2 1' 175.209 
ASN 'L-peptide linking' y ASPARAGINE         ? 'C4 H8 N2 O3'    132.118 
ASP 'L-peptide linking' y 'ASPARTIC ACID'    ? 'C4 H7 N O4'     133.103 
CYS 'L-peptide linking' y CYSTEINE           ? 'C3 H7 N O2 S'   121.158 
GLN 'L-peptide linking' y GLUTAMINE          ? 'C5 H10 N2 O3'   146.144 
GLU 'L-peptide linking' y 'GLUTAMIC ACID'    ? 'C5 H9 N O4'     147.129 
GLY 'peptide linking'   y GLYCINE            ? 'C2 H5 N O2'     75.067  
HIS 'L-peptide linking' y HISTIDINE          ? 'C6 H10 N3 O2 1' 156.162 
HOH non-polymer         . WATER              ? 'H2 O'           18.015  
ILE 'L-peptide linking' y ISOLEUCINE         ? 'C6 H13 N O2'    131.173 
LEU 'L-peptide linking' y LEUCINE            ? 'C6 H13 N O2'    131.173 
LYS 'L-peptide linking' y LYSINE             ? 'C6 H15 N2 O2 1' 147.195 
MET 'L-peptide linking' y METHIONINE         ? 'C5 H11 N O2 S'  149.211 
PHE 'L-peptide linking' y PHENYLALANINE      ? 'C9 H11 N O2'    165.189 
PRO 'L-peptide linking' y PROLINE            ? 'C5 H9 N O2'     115.130 
SER 'L-peptide linking' y SERINE             ? 'C3 H7 N O3'     105.093 
THR 'L-peptide linking' y THREONINE          ? 'C4 H9 N O3'     119.119 
TRP 'L-peptide linking' y TRYPTOPHAN         ? 'C11 H12 N2 O2'  204.225 
TYR 'L-peptide linking' y TYROSINE           ? 'C9 H11 N O3'    181.189 
VAL 'L-peptide linking' y VALINE             ? 'C5 H11 N O2'    117.146 
WO4 non-polymer         . 'TUNGSTATE(VI)ION' ? 'O4 W -2'        247.838 
# 
_exptl.entry_id          2I6M 
_exptl.method            'X-RAY DIFFRACTION' 
_exptl.crystals_number   1 
# 
_exptl_crystal.id                    1 
_exptl_crystal.density_meas          ? 
_exptl_crystal.density_Matthews      2.30 
_exptl_crystal.density_percent_sol   46.61 
_exptl_crystal.description           ? 
_exptl_crystal.F_000                 ? 
_exptl_crystal.preparation           ? 
# 
_exptl_crystal_grow.crystal_id      1 
_exptl_crystal_grow.method          'VAPOR DIFFUSION, HANGING DROP' 
_exptl_crystal_grow.temp            298 
_exptl_crystal_grow.temp_details    ? 
_exptl_crystal_grow.pH              5.5 
_exptl_crystal_grow.pdbx_details    'pH 5.5, VAPOR DIFFUSION, HANGING DROP, temperature 298K' 
_exptl_crystal_grow.pdbx_pH_range   . 
# 
_diffrn.id                     1 
_diffrn.ambient_temp           298 
_diffrn.ambient_temp_details   ? 
_diffrn.crystal_id             1 
# 
_diffrn_detector.diffrn_id              1 
_diffrn_detector.detector               'IMAGE PLATE' 
_diffrn_detector.type                   'RIGAKU RAXIS IV' 
_diffrn_detector.pdbx_collection_date   2005-06-30 
_diffrn_detector.details                ? 
# 
_diffrn_radiation.diffrn_id                        1 
_diffrn_radiation.wavelength_id                    1 
_diffrn_radiation.pdbx_monochromatic_or_laue_m_l   M 
_diffrn_radiation.monochromator                    ? 
_diffrn_radiation.pdbx_diffrn_protocol             'SINGLE WAVELENGTH' 
_diffrn_radiation.pdbx_scattering_type             x-ray 
# 
_diffrn_radiation_wavelength.id           1 
_diffrn_radiation_wavelength.wavelength   1.54 
_diffrn_radiation_wavelength.wt           1.0 
# 
_diffrn_source.diffrn_id                   1 
_diffrn_source.source                      'ROTATING ANODE' 
_diffrn_source.type                        RIGAKU 
_diffrn_source.pdbx_synchrotron_site       ? 
_diffrn_source.pdbx_synchrotron_beamline   ? 
_diffrn_source.pdbx_wavelength             ? 
_diffrn_source.pdbx_wavelength_list        1.54 
# 
_reflns.entry_id                     2I6M 
_reflns.observed_criterion_sigma_F   0.0 
_reflns.observed_criterion_sigma_I   ? 
_reflns.d_resolution_high            1.9 
_reflns.d_resolution_low             50 
_reflns.number_all                   13524 
_reflns.number_obs                   11220 
_reflns.percent_possible_obs         83 
_reflns.pdbx_Rmerge_I_obs            0.09 
_reflns.pdbx_Rsym_value              0.064 
_reflns.pdbx_netI_over_sigmaI        12.6 
_reflns.B_iso_Wilson_estimate        ? 
_reflns.pdbx_redundancy              2.4 
_reflns.R_free_details               ? 
_reflns.limit_h_max                  ? 
_reflns.limit_h_min                  ? 
_reflns.limit_k_max                  ? 
_reflns.limit_k_min                  ? 
_reflns.limit_l_max                  ? 
_reflns.limit_l_min                  ? 
_reflns.observed_criterion_F_max     ? 
_reflns.observed_criterion_F_min     ? 
_reflns.pdbx_chi_squared             ? 
_reflns.pdbx_scaling_rejects         ? 
_reflns.pdbx_diffrn_id               1 
_reflns.pdbx_ordinal                 1 
# 
_reflns_shell.d_res_high             1.9 
_reflns_shell.d_res_low              1.97 
_reflns_shell.percent_possible_all   73.2 
_reflns_shell.Rmerge_I_obs           0.555 
_reflns_shell.pdbx_Rsym_value        0.49 
_reflns_shell.meanI_over_sigI_obs    1.72 
_reflns_shell.pdbx_redundancy        2.3 
_reflns_shell.percent_possible_obs   ? 
_reflns_shell.number_unique_all      956 
_reflns_shell.number_measured_all    ? 
_reflns_shell.number_measured_obs    ? 
_reflns_shell.number_unique_obs      ? 
_reflns_shell.pdbx_chi_squared       ? 
_reflns_shell.pdbx_diffrn_id         ? 
_reflns_shell.pdbx_ordinal           1 
# 
_refine.entry_id                                 2I6M 
_refine.ls_d_res_high                            1.9 
_refine.ls_d_res_low                             50 
_refine.pdbx_ls_sigma_F                          0.0 
_refine.pdbx_ls_sigma_I                          ? 
_refine.ls_number_reflns_all                     13524 
_refine.ls_number_reflns_obs                     11220 
_refine.ls_number_reflns_R_free                  577 
_refine.ls_percent_reflns_obs                    83 
_refine.ls_R_factor_all                          ? 
_refine.ls_R_factor_obs                          ? 
_refine.ls_R_factor_R_work                       0.223 
_refine.ls_R_factor_R_free                       0.233 
_refine.ls_redundancy_reflns_obs                 ? 
_refine.pdbx_data_cutoff_high_absF               ? 
_refine.pdbx_data_cutoff_low_absF                ? 
_refine.ls_number_parameters                     ? 
_refine.ls_number_restraints                     ? 
_refine.ls_percent_reflns_R_free                 ? 
_refine.ls_R_factor_R_free_error                 ? 
_refine.ls_R_factor_R_free_error_details         ? 
_refine.pdbx_method_to_determine_struct          'MOLECULAR REPLACEMENT' 
_refine.pdbx_starting_model                      1OHE 
_refine.pdbx_ls_cross_valid_method               ? 
_refine.pdbx_R_Free_selection_details            ? 
_refine.pdbx_stereochem_target_val_spec_case     ? 
_refine.pdbx_stereochemistry_target_values       ? 
_refine.solvent_model_details                    ? 
_refine.solvent_model_param_bsol                 ? 
_refine.solvent_model_param_ksol                 ? 
_refine.occupancy_max                            ? 
_refine.occupancy_min                            ? 
_refine.pdbx_isotropic_thermal_model             ? 
_refine.B_iso_mean                               ? 
_refine.aniso_B[1][1]                            ? 
_refine.aniso_B[1][2]                            ? 
_refine.aniso_B[1][3]                            ? 
_refine.aniso_B[2][2]                            ? 
_refine.aniso_B[2][3]                            ? 
_refine.aniso_B[3][3]                            ? 
_refine.details                                  ? 
_refine.B_iso_min                                ? 
_refine.B_iso_max                                ? 
_refine.correlation_coeff_Fo_to_Fc               ? 
_refine.correlation_coeff_Fo_to_Fc_free          ? 
_refine.pdbx_solvent_vdw_probe_radii             ? 
_refine.pdbx_solvent_ion_probe_radii             ? 
_refine.pdbx_solvent_shrinkage_radii             ? 
_refine.overall_SU_R_Cruickshank_DPI             ? 
_refine.overall_SU_R_free                        ? 
_refine.overall_SU_ML                            ? 
_refine.overall_SU_B                             ? 
_refine.pdbx_overall_ESU_R_Free                  ? 
_refine.pdbx_data_cutoff_high_rms_absF           ? 
_refine.pdbx_overall_ESU_R                       ? 
_refine.ls_wR_factor_R_free                      ? 
_refine.ls_wR_factor_R_work                      ? 
_refine.overall_FOM_free_R_set                   ? 
_refine.overall_FOM_work_R_set                   ? 
_refine.pdbx_refine_id                           'X-RAY DIFFRACTION' 
_refine.pdbx_diffrn_id                           1 
_refine.pdbx_TLS_residual_ADP_flag               ? 
_refine.pdbx_overall_phase_error                 ? 
_refine.pdbx_overall_SU_R_free_Cruickshank_DPI   ? 
_refine.pdbx_overall_SU_R_Blow_DPI               ? 
_refine.pdbx_overall_SU_R_free_Blow_DPI          ? 
# 
_refine_hist.pdbx_refine_id                   'X-RAY DIFFRACTION' 
_refine_hist.cycle_id                         LAST 
_refine_hist.pdbx_number_atoms_protein        1298 
_refine_hist.pdbx_number_atoms_nucleic_acid   0 
_refine_hist.pdbx_number_atoms_ligand         5 
_refine_hist.number_atoms_solvent             41 
_refine_hist.number_atoms_total               1344 
_refine_hist.d_res_high                       1.9 
_refine_hist.d_res_low                        50 
# 
loop_
_refine_ls_restr.type 
_refine_ls_restr.dev_ideal 
_refine_ls_restr.dev_ideal_target 
_refine_ls_restr.weight 
_refine_ls_restr.number 
_refine_ls_restr.pdbx_refine_id 
_refine_ls_restr.pdbx_restraint_function 
c_angle_deg 1.3485 ? ? ? 'X-RAY DIFFRACTION' ? 
c_bond_d    0.0063 ? ? ? 'X-RAY DIFFRACTION' ? 
# 
_struct.entry_id                  2I6M 
_struct.title                     
'Crystal structure of the complexes of the archaeal sulfolobus PTP-fold phosphatase with Tungstate' 
_struct.pdbx_model_details        ? 
_struct.pdbx_CASP_flag            ? 
_struct.pdbx_model_type_details   ? 
# 
_struct_keywords.entry_id        2I6M 
_struct_keywords.pdbx_keywords   HYDROLASE 
_struct_keywords.text            'PTP domain, Hydrolase' 
# 
loop_
_struct_asym.id 
_struct_asym.pdbx_blank_PDB_chainid_flag 
_struct_asym.pdbx_modified 
_struct_asym.entity_id 
_struct_asym.details 
A N N 1 ? 
B N N 2 ? 
C N N 3 ? 
# 
loop_
_struct_conf.conf_type_id 
_struct_conf.id 
_struct_conf.pdbx_PDB_helix_id 
_struct_conf.beg_label_comp_id 
_struct_conf.beg_label_asym_id 
_struct_conf.beg_label_seq_id 
_struct_conf.pdbx_beg_PDB_ins_code 
_struct_conf.end_label_comp_id 
_struct_conf.end_label_asym_id 
_struct_conf.end_label_seq_id 
_struct_conf.pdbx_end_PDB_ins_code 
_struct_conf.beg_auth_comp_id 
_struct_conf.beg_auth_asym_id 
_struct_conf.beg_auth_seq_id 
_struct_conf.end_auth_comp_id 
_struct_conf.end_auth_asym_id 
_struct_conf.end_auth_seq_id 
_struct_conf.pdbx_PDB_helix_class 
_struct_conf.details 
_struct_conf.pdbx_PDB_helix_length 
HELX_P HELX_P1 1 THR A 17  ? GLY A 28  ? THR A 17  GLY A 28  1 ? 12 
HELX_P HELX_P2 2 GLU A 37  ? GLY A 46  ? GLU A 37  GLY A 46  1 ? 10 
HELX_P HELX_P3 3 ASP A 47  ? ASN A 58  ? ASP A 47  ASN A 58  1 ? 12 
HELX_P HELX_P4 4 SER A 74  ? GLU A 88  ? SER A 74  GLU A 88  1 ? 15 
HELX_P HELX_P5 5 ILE A 100 ? GLY A 116 ? ILE A 100 GLY A 116 1 ? 17 
HELX_P HELX_P6 6 GLU A 118 ? LEU A 128 ? GLU A 118 LEU A 128 1 ? 11 
HELX_P HELX_P7 7 THR A 136 ? MET A 149 ? THR A 136 MET A 149 1 ? 14 
HELX_P HELX_P8 8 MET A 149 ? TYR A 158 ? MET A 149 TYR A 158 1 ? 10 
# 
_struct_conf_type.id          HELX_P 
_struct_conf_type.criteria    ? 
_struct_conf_type.reference   ? 
# 
_struct_sheet.id               A 
_struct_sheet.type             ? 
_struct_sheet.number_strands   5 
_struct_sheet.details          ? 
# 
loop_
_struct_sheet_order.sheet_id 
_struct_sheet_order.range_id_1 
_struct_sheet_order.range_id_2 
_struct_sheet_order.offset 
_struct_sheet_order.sense 
A 1 2 ? anti-parallel 
A 2 3 ? parallel      
A 3 4 ? parallel      
A 4 5 ? parallel      
# 
loop_
_struct_sheet_range.sheet_id 
_struct_sheet_range.id 
_struct_sheet_range.beg_label_comp_id 
_struct_sheet_range.beg_label_asym_id 
_struct_sheet_range.beg_label_seq_id 
_struct_sheet_range.pdbx_beg_PDB_ins_code 
_struct_sheet_range.end_label_comp_id 
_struct_sheet_range.end_label_asym_id 
_struct_sheet_range.end_label_seq_id 
_struct_sheet_range.pdbx_end_PDB_ins_code 
_struct_sheet_range.beg_auth_comp_id 
_struct_sheet_range.beg_auth_asym_id 
_struct_sheet_range.beg_auth_seq_id 
_struct_sheet_range.end_auth_comp_id 
_struct_sheet_range.end_auth_asym_id 
_struct_sheet_range.end_auth_seq_id 
A 1 TYR A 2  ? ARG A 5  ? TYR A 2  ARG A 5  
A 2 ILE A 9  ? SER A 12 ? ILE A 9  SER A 12 
A 3 ASN A 92 ? HIS A 95 ? ASN A 92 HIS A 95 
A 4 ARG A 31 ? VAL A 34 ? ARG A 31 VAL A 34 
A 5 GLN A 61 ? HIS A 64 ? GLN A 61 HIS A 64 
# 
loop_
_pdbx_struct_sheet_hbond.sheet_id 
_pdbx_struct_sheet_hbond.range_id_1 
_pdbx_struct_sheet_hbond.range_id_2 
_pdbx_struct_sheet_hbond.range_1_label_atom_id 
_pdbx_struct_sheet_hbond.range_1_label_comp_id 
_pdbx_struct_sheet_hbond.range_1_label_asym_id 
_pdbx_struct_sheet_hbond.range_1_label_seq_id 
_pdbx_struct_sheet_hbond.range_1_PDB_ins_code 
_pdbx_struct_sheet_hbond.range_1_auth_atom_id 
_pdbx_struct_sheet_hbond.range_1_auth_comp_id 
_pdbx_struct_sheet_hbond.range_1_auth_asym_id 
_pdbx_struct_sheet_hbond.range_1_auth_seq_id 
_pdbx_struct_sheet_hbond.range_2_label_atom_id 
_pdbx_struct_sheet_hbond.range_2_label_comp_id 
_pdbx_struct_sheet_hbond.range_2_label_asym_id 
_pdbx_struct_sheet_hbond.range_2_label_seq_id 
_pdbx_struct_sheet_hbond.range_2_PDB_ins_code 
_pdbx_struct_sheet_hbond.range_2_auth_atom_id 
_pdbx_struct_sheet_hbond.range_2_auth_comp_id 
_pdbx_struct_sheet_hbond.range_2_auth_asym_id 
_pdbx_struct_sheet_hbond.range_2_auth_seq_id 
A 1 2 N VAL A 4  ? N VAL A 4  O ILE A 9  ? O ILE A 9  
A 2 3 N GLY A 10 ? N GLY A 10 O ASN A 92 ? O ASN A 92 
A 3 4 O LEU A 93 ? O LEU A 93 N LEU A 33 ? N LEU A 33 
A 4 5 N VAL A 34 ? N VAL A 34 O LEU A 63 ? O LEU A 63 
# 
_struct_site.id                   AC1 
_struct_site.pdbx_evidence_code   Software 
_struct_site.pdbx_auth_asym_id    A 
_struct_site.pdbx_auth_comp_id    WO4 
_struct_site.pdbx_auth_seq_id     1380 
_struct_site.pdbx_auth_ins_code   ? 
_struct_site.pdbx_num_residues    9 
_struct_site.details              'BINDING SITE FOR RESIDUE WO4 A 1380' 
# 
loop_
_struct_site_gen.id 
_struct_site_gen.site_id 
_struct_site_gen.pdbx_num_res 
_struct_site_gen.label_comp_id 
_struct_site_gen.label_asym_id 
_struct_site_gen.label_seq_id 
_struct_site_gen.pdbx_auth_ins_code 
_struct_site_gen.auth_comp_id 
_struct_site_gen.auth_asym_id 
_struct_site_gen.auth_seq_id 
_struct_site_gen.label_atom_id 
_struct_site_gen.label_alt_id 
_struct_site_gen.symmetry 
_struct_site_gen.details 
1 AC1 9 ASP A 69  ? ASP A 69   . ? 1_555 ? 
2 AC1 9 CYS A 96  ? CYS A 96   . ? 1_555 ? 
3 AC1 9 VAL A 97  ? VAL A 97   . ? 1_555 ? 
4 AC1 9 GLY A 98  ? GLY A 98   . ? 1_555 ? 
5 AC1 9 ILE A 100 ? ILE A 100  . ? 1_555 ? 
6 AC1 9 GLY A 101 ? GLY A 101  . ? 1_555 ? 
7 AC1 9 ARG A 102 ? ARG A 102  . ? 1_555 ? 
8 AC1 9 HOH C .   ? HOH A 5224 . ? 1_555 ? 
9 AC1 9 HOH C .   ? HOH A 5226 . ? 1_555 ? 
# 
_atom_sites.entry_id                    2I6M 
_atom_sites.fract_transf_matrix[1][1]   -0.00359347 
_atom_sites.fract_transf_matrix[1][2]   -0.00142322 
_atom_sites.fract_transf_matrix[1][3]   0.01328311 
_atom_sites.fract_transf_matrix[2][1]   0.00845385 
_atom_sites.fract_transf_matrix[2][2]   0.01040849 
_atom_sites.fract_transf_matrix[2][3]   0.00340223 
_atom_sites.fract_transf_matrix[3][1]   -0.02299404 
_atom_sites.fract_transf_matrix[3][2]   0.02000850 
_atom_sites.fract_transf_matrix[3][3]   -0.00407674 
_atom_sites.fract_transf_vector[1]      0.332159 
_atom_sites.fract_transf_vector[2]      -0.209394 
_atom_sites.fract_transf_vector[3]      0.127487 
# 
loop_
_atom_type.symbol 
C 
N 
O 
S 
W 
# 
loop_
_atom_site.group_PDB 
_atom_site.id 
_atom_site.type_symbol 
_atom_site.label_atom_id 
_atom_site.label_alt_id 
_atom_site.label_comp_id 
_atom_site.label_asym_id 
_atom_site.label_entity_id 
_atom_site.label_seq_id 
_atom_site.pdbx_PDB_ins_code 
_atom_site.Cartn_x 
_atom_site.Cartn_y 
_atom_site.Cartn_z 
_atom_site.occupancy 
_atom_site.B_iso_or_equiv 
_atom_site.pdbx_formal_charge 
_atom_site.auth_seq_id 
_atom_site.auth_comp_id 
_atom_site.auth_asym_id 
_atom_site.auth_atom_id 
_atom_site.pdbx_PDB_model_num 
ATOM   1    N N   . MET A 1 1   ? 12.070  -3.168  -4.613  1.00 20.33 ? 1    MET A N   1 
ATOM   2    C CA  . MET A 1 1   ? 10.599  -3.325  -4.895  1.00 22.08 ? 1    MET A CA  1 
ATOM   3    C C   . MET A 1 1   ? 10.241  -4.809  -4.994  1.00 20.61 ? 1    MET A C   1 
ATOM   4    O O   . MET A 1 1   ? 10.981  -5.583  -5.598  1.00 19.34 ? 1    MET A O   1 
ATOM   5    C CB  . MET A 1 1   ? 10.255  -2.641  -6.214  1.00 24.19 ? 1    MET A CB  1 
ATOM   6    C CG  . MET A 1 1   ? 8.777   -2.488  -6.479  1.00 26.34 ? 1    MET A CG  1 
ATOM   7    S SD  . MET A 1 1   ? 8.284   -3.043  -8.130  1.00 28.62 ? 1    MET A SD  1 
ATOM   8    C CE  . MET A 1 1   ? 7.241   -4.383  -7.668  1.00 23.80 ? 1    MET A CE  1 
ATOM   9    N N   . TYR A 1 2   ? 9.105   -5.201  -4.419  1.00 19.50 ? 2    TYR A N   1 
ATOM   10   C CA  . TYR A 1 2   ? 8.690   -6.601  -4.441  1.00 18.40 ? 2    TYR A CA  1 
ATOM   11   C C   . TYR A 1 2   ? 7.223   -6.808  -4.797  1.00 18.69 ? 2    TYR A C   1 
ATOM   12   O O   . TYR A 1 2   ? 6.380   -5.966  -4.506  1.00 17.72 ? 2    TYR A O   1 
ATOM   13   C CB  . TYR A 1 2   ? 8.948   -7.252  -3.077  1.00 18.13 ? 2    TYR A CB  1 
ATOM   14   C CG  . TYR A 1 2   ? 8.247   -6.559  -1.919  1.00 17.17 ? 2    TYR A CG  1 
ATOM   15   C CD1 . TYR A 1 2   ? 8.869   -5.520  -1.220  1.00 19.01 ? 2    TYR A CD1 1 
ATOM   16   C CD2 . TYR A 1 2   ? 6.953   -6.927  -1.537  1.00 16.68 ? 2    TYR A CD2 1 
ATOM   17   C CE1 . TYR A 1 2   ? 8.220   -4.864  -0.168  1.00 15.93 ? 2    TYR A CE1 1 
ATOM   18   C CE2 . TYR A 1 2   ? 6.294   -6.276  -0.484  1.00 15.91 ? 2    TYR A CE2 1 
ATOM   19   C CZ  . TYR A 1 2   ? 6.935   -5.247  0.193   1.00 16.20 ? 2    TYR A CZ  1 
ATOM   20   O OH  . TYR A 1 2   ? 6.300   -4.608  1.233   1.00 15.41 ? 2    TYR A OH  1 
ATOM   21   N N   . TRP A 1 3   ? 6.921   -7.944  -5.421  1.00 18.70 ? 3    TRP A N   1 
ATOM   22   C CA  . TRP A 1 3   ? 5.544   -8.262  -5.778  1.00 18.27 ? 3    TRP A CA  1 
ATOM   23   C C   . TRP A 1 3   ? 4.995   -9.264  -4.780  1.00 18.70 ? 3    TRP A C   1 
ATOM   24   O O   . TRP A 1 3   ? 5.691   -10.200 -4.402  1.00 18.63 ? 3    TRP A O   1 
ATOM   25   C CB  . TRP A 1 3   ? 5.456   -8.879  -7.183  1.00 19.28 ? 3    TRP A CB  1 
ATOM   26   C CG  . TRP A 1 3   ? 5.743   -7.927  -8.304  1.00 18.36 ? 3    TRP A CG  1 
ATOM   27   C CD1 . TRP A 1 3   ? 6.860   -7.902  -9.095  1.00 20.36 ? 3    TRP A CD1 1 
ATOM   28   C CD2 . TRP A 1 3   ? 4.913   -6.844  -8.745  1.00 19.49 ? 3    TRP A CD2 1 
ATOM   29   N NE1 . TRP A 1 3   ? 6.777   -6.869  -10.001 1.00 19.47 ? 3    TRP A NE1 1 
ATOM   30   C CE2 . TRP A 1 3   ? 5.594   -6.202  -9.809  1.00 19.94 ? 3    TRP A CE2 1 
ATOM   31   C CE3 . TRP A 1 3   ? 3.663   -6.351  -8.346  1.00 17.28 ? 3    TRP A CE3 1 
ATOM   32   C CZ2 . TRP A 1 3   ? 5.064   -5.088  -10.479 1.00 18.57 ? 3    TRP A CZ2 1 
ATOM   33   C CZ3 . TRP A 1 3   ? 3.134   -5.241  -9.012  1.00 17.87 ? 3    TRP A CZ3 1 
ATOM   34   C CH2 . TRP A 1 3   ? 3.839   -4.622  -10.068 1.00 18.46 ? 3    TRP A CH2 1 
ATOM   35   N N   . VAL A 1 4   ? 3.754   -9.058  -4.346  1.00 18.46 ? 4    VAL A N   1 
ATOM   36   C CA  . VAL A 1 4   ? 3.102   -9.987  -3.429  1.00 20.11 ? 4    VAL A CA  1 
ATOM   37   C C   . VAL A 1 4   ? 2.303   -10.921 -4.327  1.00 19.70 ? 4    VAL A C   1 
ATOM   38   O O   . VAL A 1 4   ? 2.212   -12.130 -4.092  1.00 19.14 ? 4    VAL A O   1 
ATOM   39   C CB  . VAL A 1 4   ? 2.141   -9.262  -2.466  1.00 19.72 ? 4    VAL A CB  1 
ATOM   40   C CG1 . VAL A 1 4   ? 1.448   -10.277 -1.571  1.00 19.26 ? 4    VAL A CG1 1 
ATOM   41   C CG2 . VAL A 1 4   ? 2.915   -8.266  -1.621  1.00 22.45 ? 4    VAL A CG2 1 
ATOM   42   N N   . ARG A 1 5   ? 1.725   -10.332 -5.366  1.00 20.61 ? 5    ARG A N   1 
ATOM   43   C CA  . ARG A 1 5   ? 0.957   -11.058 -6.367  1.00 21.37 ? 5    ARG A CA  1 
ATOM   44   C C   . ARG A 1 5   ? 1.487   -10.533 -7.692  1.00 23.00 ? 5    ARG A C   1 
ATOM   45   O O   . ARG A 1 5   ? 1.200   -9.401  -8.092  1.00 21.18 ? 5    ARG A O   1 
ATOM   46   C CB  . ARG A 1 5   ? -0.539  -10.776 -6.219  1.00 21.16 ? 5    ARG A CB  1 
ATOM   47   C CG  . ARG A 1 5   ? -1.166  -11.403 -4.979  1.00 20.77 ? 5    ARG A CG  1 
ATOM   48   C CD  . ARG A 1 5   ? -1.151  -12.933 -5.049  1.00 20.06 ? 5    ARG A CD  1 
ATOM   49   N NE  . ARG A 1 5   ? -1.793  -13.546 -3.888  1.00 21.32 ? 5    ARG A NE  1 
ATOM   50   C CZ  . ARG A 1 5   ? -1.152  -13.995 -2.811  1.00 21.65 ? 5    ARG A CZ  1 
ATOM   51   N NH1 . ARG A 1 5   ? 0.169   -13.915 -2.731  1.00 19.68 ? 5    ARG A NH1 1 
ATOM   52   N NH2 . ARG A 1 5   ? -1.838  -14.510 -1.799  1.00 23.42 ? 5    ARG A NH2 1 
ATOM   53   N N   . ARG A 1 6   ? 2.288   -11.372 -8.345  1.00 25.72 ? 6    ARG A N   1 
ATOM   54   C CA  . ARG A 1 6   ? 2.949   -11.059 -9.610  1.00 27.63 ? 6    ARG A CA  1 
ATOM   55   C C   . ARG A 1 6   ? 2.285   -10.021 -10.505 1.00 28.00 ? 6    ARG A C   1 
ATOM   56   O O   . ARG A 1 6   ? 1.266   -10.283 -11.148 1.00 26.48 ? 6    ARG A O   1 
ATOM   57   C CB  . ARG A 1 6   ? 3.176   -12.336 -10.413 1.00 30.58 ? 6    ARG A CB  1 
ATOM   58   C CG  . ARG A 1 6   ? 4.432   -12.284 -11.268 1.00 36.97 ? 6    ARG A CG  1 
ATOM   59   C CD  . ARG A 1 6   ? 5.686   -12.444 -10.411 1.00 40.80 ? 6    ARG A CD  1 
ATOM   60   N NE  . ARG A 1 6   ? 6.887   -11.923 -11.066 1.00 45.65 ? 6    ARG A NE  1 
ATOM   61   C CZ  . ARG A 1 6   ? 7.291   -12.259 -12.289 1.00 47.32 ? 6    ARG A CZ  1 
ATOM   62   N NH1 . ARG A 1 6   ? 6.593   -13.122 -13.016 1.00 47.93 ? 6    ARG A NH1 1 
ATOM   63   N NH2 . ARG A 1 6   ? 8.400   -11.724 -12.788 1.00 48.95 ? 6    ARG A NH2 1 
ATOM   64   N N   . LYS A 1 7   ? 2.891   -8.836  -10.541 1.00 28.31 ? 7    LYS A N   1 
ATOM   65   C CA  . LYS A 1 7   ? 2.421   -7.723  -11.358 1.00 25.99 ? 7    LYS A CA  1 
ATOM   66   C C   . LYS A 1 7   ? 1.041   -7.149  -11.011 1.00 23.81 ? 7    LYS A C   1 
ATOM   67   O O   . LYS A 1 7   ? 0.588   -6.214  -11.673 1.00 24.07 ? 7    LYS A O   1 
ATOM   68   C CB  . LYS A 1 7   ? 2.457   -8.116  -12.836 1.00 27.87 ? 7    LYS A CB  1 
ATOM   69   C CG  . LYS A 1 7   ? 3.761   -8.774  -13.274 1.00 29.31 ? 7    LYS A CG  1 
ATOM   70   C CD  . LYS A 1 7   ? 4.939   -7.809  -13.273 1.00 27.97 ? 7    LYS A CD  1 
ATOM   71   C CE  . LYS A 1 7   ? 6.209   -8.539  -13.671 1.00 29.08 ? 7    LYS A CE  1 
ATOM   72   N NZ  . LYS A 1 7   ? 7.321   -7.621  -14.017 1.00 28.40 ? 7    LYS A NZ  1 
ATOM   73   N N   . THR A 1 8   ? 0.358   -7.693  -10.004 1.00 20.96 ? 8    THR A N   1 
ATOM   74   C CA  . THR A 1 8   ? -0.936  -7.117  -9.629  1.00 19.95 ? 8    THR A CA  1 
ATOM   75   C C   . THR A 1 8   ? -0.763  -6.197  -8.422  1.00 18.75 ? 8    THR A C   1 
ATOM   76   O O   . THR A 1 8   ? -1.301  -5.092  -8.401  1.00 18.82 ? 8    THR A O   1 
ATOM   77   C CB  . THR A 1 8   ? -2.017  -8.179  -9.315  1.00 19.72 ? 8    THR A CB  1 
ATOM   78   O OG1 . THR A 1 8   ? -1.510  -9.139  -8.389  1.00 21.33 ? 8    THR A OG1 1 
ATOM   79   C CG2 . THR A 1 8   ? -2.470  -8.870  -10.595 1.00 22.32 ? 8    THR A CG2 1 
ATOM   80   N N   . ILE A 1 9   ? -0.011  -6.641  -7.419  1.00 17.32 ? 9    ILE A N   1 
ATOM   81   C CA  . ILE A 1 9   ? 0.224   -5.790  -6.264  1.00 17.04 ? 9    ILE A CA  1 
ATOM   82   C C   . ILE A 1 9   ? 1.541   -6.117  -5.572  1.00 15.96 ? 9    ILE A C   1 
ATOM   83   O O   . ILE A 1 9   ? 1.894   -7.281  -5.363  1.00 15.59 ? 9    ILE A O   1 
ATOM   84   C CB  . ILE A 1 9   ? -0.956  -5.853  -5.253  1.00 17.11 ? 9    ILE A CB  1 
ATOM   85   C CG1 . ILE A 1 9   ? -0.810  -4.712  -4.239  1.00 18.23 ? 9    ILE A CG1 1 
ATOM   86   C CG2 . ILE A 1 9   ? -1.011  -7.223  -4.555  1.00 17.05 ? 9    ILE A CG2 1 
ATOM   87   C CD1 . ILE A 1 9   ? -2.074  -4.418  -3.467  1.00 16.29 ? 9    ILE A CD1 1 
ATOM   88   N N   . GLY A 1 10  ? 2.284   -5.071  -5.251  1.00 15.53 ? 10   GLY A N   1 
ATOM   89   C CA  . GLY A 1 10  ? 3.561   -5.246  -4.590  1.00 16.14 ? 10   GLY A CA  1 
ATOM   90   C C   . GLY A 1 10  ? 3.860   -4.051  -3.711  1.00 15.73 ? 10   GLY A C   1 
ATOM   91   O O   . GLY A 1 10  ? 3.010   -3.178  -3.546  1.00 14.31 ? 10   GLY A O   1 
ATOM   92   N N   . GLY A 1 11  ? 5.061   -4.010  -3.143  1.00 14.77 ? 11   GLY A N   1 
ATOM   93   C CA  . GLY A 1 11  ? 5.422   -2.903  -2.281  1.00 14.78 ? 11   GLY A CA  1 
ATOM   94   C C   . GLY A 1 11  ? 6.870   -2.469  -2.428  1.00 15.72 ? 11   GLY A C   1 
ATOM   95   O O   . GLY A 1 11  ? 7.639   -3.048  -3.203  1.00 15.12 ? 11   GLY A O   1 
ATOM   96   N N   . SER A 1 12  ? 7.235   -1.434  -1.679  1.00 17.33 ? 12   SER A N   1 
ATOM   97   C CA  . SER A 1 12  ? 8.597   -0.910  -1.702  1.00 16.29 ? 12   SER A CA  1 
ATOM   98   C C   . SER A 1 12  ? 8.685   0.243   -0.726  1.00 15.26 ? 12   SER A C   1 
ATOM   99   O O   . SER A 1 12  ? 7.696   0.612   -0.099  1.00 15.67 ? 12   SER A O   1 
ATOM   100  C CB  . SER A 1 12  ? 8.959   -0.402  -3.096  1.00 20.39 ? 12   SER A CB  1 
ATOM   101  O OG  . SER A 1 12  ? 8.465   0.911   -3.303  1.00 22.73 ? 12   SER A OG  1 
ATOM   102  N N   . GLY A 1 13  ? 9.880   0.806   -0.600  1.00 13.18 ? 13   GLY A N   1 
ATOM   103  C CA  . GLY A 1 13  ? 10.076  1.937   0.275   1.00 12.97 ? 13   GLY A CA  1 
ATOM   104  C C   . GLY A 1 13  ? 10.077  3.190   -0.579  1.00 15.20 ? 13   GLY A C   1 
ATOM   105  O O   . GLY A 1 13  ? 9.747   3.140   -1.769  1.00 15.27 ? 13   GLY A O   1 
ATOM   106  N N   . LEU A 1 14  ? 10.460  4.307   0.028   1.00 17.17 ? 14   LEU A N   1 
ATOM   107  C CA  . LEU A 1 14  ? 10.514  5.601   -0.651  1.00 18.15 ? 14   LEU A CA  1 
ATOM   108  C C   . LEU A 1 14  ? 11.662  5.677   -1.655  1.00 18.72 ? 14   LEU A C   1 
ATOM   109  O O   . LEU A 1 14  ? 12.823  5.446   -1.305  1.00 19.24 ? 14   LEU A O   1 
ATOM   110  C CB  . LEU A 1 14  ? 10.671  6.713   0.390   1.00 19.01 ? 14   LEU A CB  1 
ATOM   111  C CG  . LEU A 1 14  ? 10.607  8.187   -0.033  1.00 20.27 ? 14   LEU A CG  1 
ATOM   112  C CD1 . LEU A 1 14  ? 9.193   8.560   -0.476  1.00 18.18 ? 14   LEU A CD1 1 
ATOM   113  C CD2 . LEU A 1 14  ? 11.027  9.050   1.153   1.00 19.55 ? 14   LEU A CD2 1 
ATOM   114  N N   . PRO A 1 15  ? 11.354  6.013   -2.921  1.00 18.58 ? 15   PRO A N   1 
ATOM   115  C CA  . PRO A 1 15  ? 12.389  6.117   -3.953  1.00 19.92 ? 15   PRO A CA  1 
ATOM   116  C C   . PRO A 1 15  ? 13.278  7.329   -3.683  1.00 22.67 ? 15   PRO A C   1 
ATOM   117  O O   . PRO A 1 15  ? 12.800  8.364   -3.220  1.00 19.33 ? 15   PRO A O   1 
ATOM   118  C CB  . PRO A 1 15  ? 11.574  6.264   -5.236  1.00 19.81 ? 15   PRO A CB  1 
ATOM   119  C CG  . PRO A 1 15  ? 10.384  7.058   -4.766  1.00 18.49 ? 15   PRO A CG  1 
ATOM   120  C CD  . PRO A 1 15  ? 10.031  6.383   -3.458  1.00 19.06 ? 15   PRO A CD  1 
ATOM   121  N N   . TYR A 1 16  ? 14.571  7.195   -3.967  1.00 25.11 ? 16   TYR A N   1 
ATOM   122  C CA  . TYR A 1 16  ? 15.521  8.279   -3.747  1.00 28.64 ? 16   TYR A CA  1 
ATOM   123  C C   . TYR A 1 16  ? 15.701  9.149   -4.979  1.00 28.54 ? 16   TYR A C   1 
ATOM   124  O O   . TYR A 1 16  ? 15.895  10.361  -4.874  1.00 28.66 ? 16   TYR A O   1 
ATOM   125  C CB  . TYR A 1 16  ? 16.887  7.715   -3.351  1.00 34.87 ? 16   TYR A CB  1 
ATOM   126  C CG  . TYR A 1 16  ? 16.949  7.130   -1.959  1.00 40.55 ? 16   TYR A CG  1 
ATOM   127  C CD1 . TYR A 1 16  ? 16.635  7.905   -0.846  1.00 43.84 ? 16   TYR A CD1 1 
ATOM   128  C CD2 . TYR A 1 16  ? 17.353  5.808   -1.752  1.00 43.26 ? 16   TYR A CD2 1 
ATOM   129  C CE1 . TYR A 1 16  ? 16.723  7.384   0.445   1.00 45.98 ? 16   TYR A CE1 1 
ATOM   130  C CE2 . TYR A 1 16  ? 17.444  5.276   -0.465  1.00 45.49 ? 16   TYR A CE2 1 
ATOM   131  C CZ  . TYR A 1 16  ? 17.128  6.072   0.628   1.00 46.57 ? 16   TYR A CZ  1 
ATOM   132  O OH  . TYR A 1 16  ? 17.217  5.564   1.905   1.00 48.21 ? 16   TYR A OH  1 
ATOM   133  N N   . THR A 1 17  ? 15.645  8.521   -6.145  1.00 27.53 ? 17   THR A N   1 
ATOM   134  C CA  . THR A 1 17  ? 15.829  9.226   -7.405  1.00 26.99 ? 17   THR A CA  1 
ATOM   135  C C   . THR A 1 17  ? 14.713  8.926   -8.402  1.00 27.63 ? 17   THR A C   1 
ATOM   136  O O   . THR A 1 17  ? 13.850  8.067   -8.172  1.00 26.74 ? 17   THR A O   1 
ATOM   137  C CB  . THR A 1 17  ? 17.173  8.834   -8.057  1.00 27.06 ? 17   THR A CB  1 
ATOM   138  O OG1 . THR A 1 17  ? 17.156  7.439   -8.390  1.00 26.40 ? 17   THR A OG1 1 
ATOM   139  C CG2 . THR A 1 17  ? 18.321  9.101   -7.103  1.00 27.85 ? 17   THR A CG2 1 
ATOM   140  N N   . GLU A 1 18  ? 14.731  9.633   -9.522  1.00 26.56 ? 18   GLU A N   1 
ATOM   141  C CA  . GLU A 1 18  ? 13.717  9.409   -10.528 1.00 28.53 ? 18   GLU A CA  1 
ATOM   142  C C   . GLU A 1 18  ? 14.027  8.124   -11.295 1.00 28.72 ? 18   GLU A C   1 
ATOM   143  O O   . GLU A 1 18  ? 13.126  7.479   -11.836 1.00 26.99 ? 18   GLU A O   1 
ATOM   144  C CB  . GLU A 1 18  ? 13.633  10.606  -11.469 1.00 29.74 ? 18   GLU A CB  1 
ATOM   145  C CG  . GLU A 1 18  ? 12.571  10.453  -12.536 1.00 34.04 ? 18   GLU A CG  1 
ATOM   146  C CD  . GLU A 1 18  ? 12.103  11.782  -13.088 1.00 36.65 ? 18   GLU A CD  1 
ATOM   147  O OE1 . GLU A 1 18  ? 11.340  11.771  -14.076 1.00 41.31 ? 18   GLU A OE1 1 
ATOM   148  O OE2 . GLU A 1 18  ? 12.490  12.836  -12.531 1.00 37.04 ? 18   GLU A OE2 1 
ATOM   149  N N   . ASN A 1 19  ? 15.303  7.744   -11.336 1.00 28.69 ? 19   ASN A N   1 
ATOM   150  C CA  . ASN A 1 19  ? 15.683  6.513   -12.020 1.00 30.54 ? 19   ASN A CA  1 
ATOM   151  C C   . ASN A 1 19  ? 15.062  5.326   -11.287 1.00 28.81 ? 19   ASN A C   1 
ATOM   152  O O   . ASN A 1 19  ? 14.670  4.344   -11.911 1.00 29.13 ? 19   ASN A O   1 
ATOM   153  C CB  . ASN A 1 19  ? 17.207  6.336   -12.055 1.00 33.68 ? 19   ASN A CB  1 
ATOM   154  C CG  . ASN A 1 19  ? 17.900  7.359   -12.941 1.00 37.23 ? 19   ASN A CG  1 
ATOM   155  O OD1 . ASN A 1 19  ? 17.539  7.538   -14.107 1.00 37.77 ? 19   ASN A OD1 1 
ATOM   156  N ND2 . ASN A 1 19  ? 18.909  8.030   -12.391 1.00 39.87 ? 19   ASN A ND2 1 
ATOM   157  N N   . GLU A 1 20  ? 14.980  5.410   -9.963  1.00 27.00 ? 20   GLU A N   1 
ATOM   158  C CA  . GLU A 1 20  ? 14.396  4.318   -9.201  1.00 25.95 ? 20   GLU A CA  1 
ATOM   159  C C   . GLU A 1 20  ? 12.924  4.192   -9.549  1.00 24.32 ? 20   GLU A C   1 
ATOM   160  O O   . GLU A 1 20  ? 12.373  3.094   -9.549  1.00 24.59 ? 20   GLU A O   1 
ATOM   161  C CB  . GLU A 1 20  ? 14.582  4.546   -7.700  1.00 26.48 ? 20   GLU A CB  1 
ATOM   162  C CG  . GLU A 1 20  ? 16.033  4.393   -7.248  1.00 29.08 ? 20   GLU A CG  1 
ATOM   163  C CD  . GLU A 1 20  ? 16.227  4.576   -5.746  1.00 30.43 ? 20   GLU A CD  1 
ATOM   164  O OE1 . GLU A 1 20  ? 17.379  4.456   -5.273  1.00 33.25 ? 20   GLU A OE1 1 
ATOM   165  O OE2 . GLU A 1 20  ? 15.237  4.840   -5.035  1.00 29.37 ? 20   GLU A OE2 1 
ATOM   166  N N   . ILE A 1 21  ? 12.293  5.319   -9.861  1.00 22.63 ? 21   ILE A N   1 
ATOM   167  C CA  . ILE A 1 21  ? 10.880  5.328   -10.228 1.00 21.59 ? 21   ILE A CA  1 
ATOM   168  C C   . ILE A 1 21  ? 10.717  4.707   -11.613 1.00 21.79 ? 21   ILE A C   1 
ATOM   169  O O   . ILE A 1 21  ? 9.725   4.028   -11.891 1.00 20.99 ? 21   ILE A O   1 
ATOM   170  C CB  . ILE A 1 21  ? 10.313  6.769   -10.225 1.00 18.84 ? 21   ILE A CB  1 
ATOM   171  C CG1 . ILE A 1 21  ? 10.248  7.291   -8.791  1.00 19.41 ? 21   ILE A CG1 1 
ATOM   172  C CG2 . ILE A 1 21  ? 8.931   6.804   -10.857 1.00 20.11 ? 21   ILE A CG2 1 
ATOM   173  C CD1 . ILE A 1 21  ? 9.767   8.733   -8.689  1.00 16.16 ? 21   ILE A CD1 1 
ATOM   174  N N   . LEU A 1 22  ? 11.693  4.930   -12.484 1.00 22.15 ? 22   LEU A N   1 
ATOM   175  C CA  . LEU A 1 22  ? 11.623  4.360   -13.816 1.00 21.64 ? 22   LEU A CA  1 
ATOM   176  C C   . LEU A 1 22  ? 11.830  2.852   -13.695 1.00 22.64 ? 22   LEU A C   1 
ATOM   177  O O   . LEU A 1 22  ? 11.329  2.078   -14.508 1.00 23.07 ? 22   LEU A O   1 
ATOM   178  C CB  . LEU A 1 22  ? 12.670  5.009   -14.722 1.00 24.47 ? 22   LEU A CB  1 
ATOM   179  C CG  . LEU A 1 22  ? 12.338  6.467   -15.073 1.00 24.45 ? 22   LEU A CG  1 
ATOM   180  C CD1 . LEU A 1 22  ? 13.415  7.065   -15.965 1.00 25.82 ? 22   LEU A CD1 1 
ATOM   181  C CD2 . LEU A 1 22  ? 10.990  6.515   -15.779 1.00 25.71 ? 22   LEU A CD2 1 
ATOM   182  N N   . GLU A 1 23  ? 12.554  2.433   -12.661 1.00 22.38 ? 23   GLU A N   1 
ATOM   183  C CA  . GLU A 1 23  ? 12.769  1.011   -12.443 1.00 22.29 ? 23   GLU A CA  1 
ATOM   184  C C   . GLU A 1 23  ? 11.417  0.367   -12.129 1.00 21.03 ? 23   GLU A C   1 
ATOM   185  O O   . GLU A 1 23  ? 11.129  -0.739  -12.584 1.00 20.26 ? 23   GLU A O   1 
ATOM   186  C CB  . GLU A 1 23  ? 13.734  0.777   -11.281 1.00 25.72 ? 23   GLU A CB  1 
ATOM   187  C CG  . GLU A 1 23  ? 15.166  1.201   -11.563 1.00 31.58 ? 23   GLU A CG  1 
ATOM   188  C CD  . GLU A 1 23  ? 16.070  1.046   -10.344 1.00 35.78 ? 23   GLU A CD  1 
ATOM   189  O OE1 . GLU A 1 23  ? 17.268  1.393   -10.442 1.00 38.57 ? 23   GLU A OE1 1 
ATOM   190  O OE2 . GLU A 1 23  ? 15.582  0.581   -9.288  1.00 35.77 ? 23   GLU A OE2 1 
ATOM   191  N N   . TRP A 1 24  ? 10.585  1.067   -11.356 1.00 19.12 ? 24   TRP A N   1 
ATOM   192  C CA  . TRP A 1 24  ? 9.259   0.546   -11.006 1.00 19.19 ? 24   TRP A CA  1 
ATOM   193  C C   . TRP A 1 24  ? 8.465   0.327   -12.274 1.00 18.60 ? 24   TRP A C   1 
ATOM   194  O O   . TRP A 1 24  ? 7.816   -0.704  -12.464 1.00 19.06 ? 24   TRP A O   1 
ATOM   195  C CB  . TRP A 1 24  ? 8.454   1.539   -10.168 1.00 15.68 ? 24   TRP A CB  1 
ATOM   196  C CG  . TRP A 1 24  ? 8.899   1.741   -8.767  1.00 15.55 ? 24   TRP A CG  1 
ATOM   197  C CD1 . TRP A 1 24  ? 9.743   0.950   -8.040  1.00 14.03 ? 24   TRP A CD1 1 
ATOM   198  C CD2 . TRP A 1 24  ? 8.482   2.799   -7.896  1.00 15.85 ? 24   TRP A CD2 1 
ATOM   199  N NE1 . TRP A 1 24  ? 9.876   1.455   -6.761  1.00 13.60 ? 24   TRP A NE1 1 
ATOM   200  C CE2 . TRP A 1 24  ? 9.112   2.587   -6.648  1.00 16.93 ? 24   TRP A CE2 1 
ATOM   201  C CE3 . TRP A 1 24  ? 7.634   3.903   -8.047  1.00 15.60 ? 24   TRP A CE3 1 
ATOM   202  C CZ2 . TRP A 1 24  ? 8.920   3.448   -5.556  1.00 15.76 ? 24   TRP A CZ2 1 
ATOM   203  C CZ3 . TRP A 1 24  ? 7.441   4.757   -6.962  1.00 16.10 ? 24   TRP A CZ3 1 
ATOM   204  C CH2 . TRP A 1 24  ? 8.083   4.522   -5.733  1.00 15.97 ? 24   TRP A CH2 1 
ATOM   205  N N   . ARG A 1 25  ? 8.496   1.344   -13.120 1.00 18.82 ? 25   ARG A N   1 
ATOM   206  C CA  . ARG A 1 25  ? 7.771   1.322   -14.367 1.00 21.71 ? 25   ARG A CA  1 
ATOM   207  C C   . ARG A 1 25  ? 8.179   0.125   -15.235 1.00 21.73 ? 25   ARG A C   1 
ATOM   208  O O   . ARG A 1 25  ? 7.324   -0.537  -15.822 1.00 19.96 ? 25   ARG A O   1 
ATOM   209  C CB  . ARG A 1 25  ? 8.004   2.651   -15.082 1.00 23.15 ? 25   ARG A CB  1 
ATOM   210  C CG  . ARG A 1 25  ? 6.961   2.997   -16.109 1.00 28.76 ? 25   ARG A CG  1 
ATOM   211  C CD  . ARG A 1 25  ? 6.957   4.497   -16.358 1.00 32.51 ? 25   ARG A CD  1 
ATOM   212  N NE  . ARG A 1 25  ? 6.396   4.851   -17.659 1.00 36.06 ? 25   ARG A NE  1 
ATOM   213  C CZ  . ARG A 1 25  ? 5.240   4.390   -18.128 1.00 39.43 ? 25   ARG A CZ  1 
ATOM   214  N NH1 . ARG A 1 25  ? 4.820   4.779   -19.326 1.00 40.65 ? 25   ARG A NH1 1 
ATOM   215  N NH2 . ARG A 1 25  ? 4.512   3.534   -17.411 1.00 38.47 ? 25   ARG A NH2 1 
ATOM   216  N N   . LYS A 1 26  ? 9.477   -0.164  -15.297 1.00 22.34 ? 26   LYS A N   1 
ATOM   217  C CA  . LYS A 1 26  ? 9.972   -1.289  -16.094 1.00 22.25 ? 26   LYS A CA  1 
ATOM   218  C C   . LYS A 1 26  ? 9.488   -2.605  -15.490 1.00 23.39 ? 26   LYS A C   1 
ATOM   219  O O   . LYS A 1 26  ? 9.316   -3.599  -16.200 1.00 24.62 ? 26   LYS A O   1 
ATOM   220  C CB  . LYS A 1 26  ? 11.508  -1.271  -16.149 1.00 23.30 ? 26   LYS A CB  1 
ATOM   221  C CG  . LYS A 1 26  ? 12.128  -2.230  -17.180 1.00 20.64 ? 26   LYS A CG  1 
ATOM   222  C CD  . LYS A 1 26  ? 13.651  -2.094  -17.198 1.00 23.64 ? 26   LYS A CD  1 
ATOM   223  C CE  . LYS A 1 26  ? 14.310  -2.998  -18.233 1.00 20.75 ? 26   LYS A CE  1 
ATOM   224  N NZ  . LYS A 1 26  ? 14.167  -4.439  -17.913 1.00 21.21 ? 26   LYS A NZ  1 
ATOM   225  N N   . GLU A 1 27  ? 9.264   -2.599  -14.175 1.00 24.08 ? 27   GLU A N   1 
ATOM   226  C CA  . GLU A 1 27  ? 8.786   -3.777  -13.444 1.00 24.27 ? 27   GLU A CA  1 
ATOM   227  C C   . GLU A 1 27  ? 7.305   -4.057  -13.671 1.00 23.32 ? 27   GLU A C   1 
ATOM   228  O O   . GLU A 1 27  ? 6.830   -5.159  -13.397 1.00 23.06 ? 27   GLU A O   1 
ATOM   229  C CB  . GLU A 1 27  ? 9.023   -3.610  -11.937 1.00 25.51 ? 27   GLU A CB  1 
ATOM   230  C CG  . GLU A 1 27  ? 10.227  -4.358  -11.426 1.00 28.90 ? 27   GLU A CG  1 
ATOM   231  C CD  . GLU A 1 27  ? 10.105  -5.858  -11.628 1.00 31.70 ? 27   GLU A CD  1 
ATOM   232  O OE1 . GLU A 1 27  ? 11.133  -6.492  -11.941 1.00 32.93 ? 27   GLU A OE1 1 
ATOM   233  O OE2 . GLU A 1 27  ? 8.989   -6.409  -11.469 1.00 33.91 ? 27   GLU A OE2 1 
ATOM   234  N N   . GLY A 1 28  ? 6.574   -3.059  -14.156 1.00 20.36 ? 28   GLY A N   1 
ATOM   235  C CA  . GLY A 1 28  ? 5.157   -3.249  -14.395 1.00 19.21 ? 28   GLY A CA  1 
ATOM   236  C C   . GLY A 1 28  ? 4.266   -2.374  -13.532 1.00 18.29 ? 28   GLY A C   1 
ATOM   237  O O   . GLY A 1 28  ? 3.042   -2.506  -13.575 1.00 17.99 ? 28   GLY A O   1 
ATOM   238  N N   . VAL A 1 29  ? 4.864   -1.490  -12.737 1.00 17.62 ? 29   VAL A N   1 
ATOM   239  C CA  . VAL A 1 29  ? 4.085   -0.591  -11.884 1.00 17.33 ? 29   VAL A CA  1 
ATOM   240  C C   . VAL A 1 29  ? 3.366   0.435   -12.759 1.00 18.23 ? 29   VAL A C   1 
ATOM   241  O O   . VAL A 1 29  ? 3.956   0.977   -13.703 1.00 16.37 ? 29   VAL A O   1 
ATOM   242  C CB  . VAL A 1 29  ? 4.992   0.156   -10.872 1.00 16.41 ? 29   VAL A CB  1 
ATOM   243  C CG1 . VAL A 1 29  ? 4.184   1.219   -10.112 1.00 15.29 ? 29   VAL A CG1 1 
ATOM   244  C CG2 . VAL A 1 29  ? 5.602   -0.841  -9.893  1.00 13.39 ? 29   VAL A CG2 1 
ATOM   245  N N   . LYS A 1 30  ? 2.098   0.691   -12.444 1.00 18.08 ? 30   LYS A N   1 
ATOM   246  C CA  . LYS A 1 30  ? 1.280   1.641   -13.193 1.00 20.18 ? 30   LYS A CA  1 
ATOM   247  C C   . LYS A 1 30  ? 0.561   2.641   -12.284 1.00 19.85 ? 30   LYS A C   1 
ATOM   248  O O   . LYS A 1 30  ? 0.234   3.753   -12.708 1.00 17.47 ? 30   LYS A O   1 
ATOM   249  C CB  . LYS A 1 30  ? 0.245   0.888   -14.034 1.00 23.71 ? 30   LYS A CB  1 
ATOM   250  C CG  . LYS A 1 30  ? 0.844   0.032   -15.144 1.00 26.45 ? 30   LYS A CG  1 
ATOM   251  C CD  . LYS A 1 30  ? -0.193  -0.915  -15.722 1.00 30.35 ? 30   LYS A CD  1 
ATOM   252  C CE  . LYS A 1 30  ? 0.291   -1.559  -17.020 1.00 32.53 ? 30   LYS A CE  1 
ATOM   253  N NZ  . LYS A 1 30  ? 1.570   -2.294  -16.852 1.00 33.45 ? 30   LYS A NZ  1 
ATOM   254  N N   . ARG A 1 31  ? 0.322   2.246   -11.035 1.00 19.66 ? 31   ARG A N   1 
ATOM   255  C CA  . ARG A 1 31  ? -0.366  3.106   -10.068 1.00 18.10 ? 31   ARG A CA  1 
ATOM   256  C C   . ARG A 1 31  ? 0.367   3.010   -8.740  1.00 16.14 ? 31   ARG A C   1 
ATOM   257  O O   . ARG A 1 31  ? 0.825   1.935   -8.364  1.00 15.96 ? 31   ARG A O   1 
ATOM   258  C CB  . ARG A 1 31  ? -1.807  2.639   -9.870  1.00 19.74 ? 31   ARG A CB  1 
ATOM   259  C CG  . ARG A 1 31  ? -2.541  2.311   -11.146 1.00 23.72 ? 31   ARG A CG  1 
ATOM   260  C CD  . ARG A 1 31  ? -3.833  1.588   -10.837 1.00 19.22 ? 31   ARG A CD  1 
ATOM   261  N NE  . ARG A 1 31  ? -4.826  2.483   -10.260 1.00 22.04 ? 31   ARG A NE  1 
ATOM   262  C CZ  . ARG A 1 31  ? -5.629  2.154   -9.256  1.00 19.13 ? 31   ARG A CZ  1 
ATOM   263  N NH1 . ARG A 1 31  ? -5.547  0.951   -8.703  1.00 21.08 ? 31   ARG A NH1 1 
ATOM   264  N NH2 . ARG A 1 31  ? -6.539  3.013   -8.823  1.00 21.00 ? 31   ARG A NH2 1 
ATOM   265  N N   . VAL A 1 32  ? 0.463   4.124   -8.021  1.00 14.26 ? 32   VAL A N   1 
ATOM   266  C CA  . VAL A 1 32  ? 1.180   4.122   -6.755  1.00 13.82 ? 32   VAL A CA  1 
ATOM   267  C C   . VAL A 1 32  ? 0.386   4.674   -5.569  1.00 13.63 ? 32   VAL A C   1 
ATOM   268  O O   . VAL A 1 32  ? -0.116  5.798   -5.621  1.00 13.92 ? 32   VAL A O   1 
ATOM   269  C CB  . VAL A 1 32  ? 2.509   4.943   -6.880  1.00 11.48 ? 32   VAL A CB  1 
ATOM   270  C CG1 . VAL A 1 32  ? 3.325   4.831   -5.592  1.00 11.57 ? 32   VAL A CG1 1 
ATOM   271  C CG2 . VAL A 1 32  ? 3.324   4.442   -8.067  1.00 11.13 ? 32   VAL A CG2 1 
ATOM   272  N N   . LEU A 1 33  ? 0.276   3.871   -4.509  1.00 13.41 ? 33   LEU A N   1 
ATOM   273  C CA  . LEU A 1 33  ? -0.395  4.296   -3.281  1.00 13.74 ? 33   LEU A CA  1 
ATOM   274  C C   . LEU A 1 33  ? 0.740   4.774   -2.370  1.00 14.08 ? 33   LEU A C   1 
ATOM   275  O O   . LEU A 1 33  ? 1.563   3.977   -1.927  1.00 13.49 ? 33   LEU A O   1 
ATOM   276  C CB  . LEU A 1 33  ? -1.139  3.136   -2.613  1.00 13.80 ? 33   LEU A CB  1 
ATOM   277  C CG  . LEU A 1 33  ? -1.718  3.446   -1.222  1.00 15.37 ? 33   LEU A CG  1 
ATOM   278  C CD1 . LEU A 1 33  ? -2.647  4.643   -1.291  1.00 13.68 ? 33   LEU A CD1 1 
ATOM   279  C CD2 . LEU A 1 33  ? -2.458  2.230   -0.686  1.00 16.41 ? 33   LEU A CD2 1 
ATOM   280  N N   . VAL A 1 34  ? 0.775   6.082   -2.121  1.00 14.63 ? 34   VAL A N   1 
ATOM   281  C CA  . VAL A 1 34  ? 1.805   6.719   -1.299  1.00 14.83 ? 34   VAL A CA  1 
ATOM   282  C C   . VAL A 1 34  ? 1.333   6.840   0.145   1.00 14.38 ? 34   VAL A C   1 
ATOM   283  O O   . VAL A 1 34  ? 0.369   7.557   0.439   1.00 14.37 ? 34   VAL A O   1 
ATOM   284  C CB  . VAL A 1 34  ? 2.149   8.121   -1.873  1.00 14.02 ? 34   VAL A CB  1 
ATOM   285  C CG1 . VAL A 1 34  ? 3.351   8.721   -1.143  1.00 14.26 ? 34   VAL A CG1 1 
ATOM   286  C CG2 . VAL A 1 34  ? 2.459   7.999   -3.352  1.00 13.67 ? 34   VAL A CG2 1 
ATOM   287  N N   . LEU A 1 35  ? 2.029   6.150   1.047   1.00 15.24 ? 35   LEU A N   1 
ATOM   288  C CA  . LEU A 1 35  ? 1.665   6.135   2.463   1.00 16.05 ? 35   LEU A CA  1 
ATOM   289  C C   . LEU A 1 35  ? 2.458   6.994   3.451   1.00 17.37 ? 35   LEU A C   1 
ATOM   290  O O   . LEU A 1 35  ? 1.957   7.302   4.528   1.00 16.67 ? 35   LEU A O   1 
ATOM   291  C CB  . LEU A 1 35  ? 1.671   4.691   2.981   1.00 15.62 ? 35   LEU A CB  1 
ATOM   292  C CG  . LEU A 1 35  ? 0.770   3.675   2.269   1.00 19.59 ? 35   LEU A CG  1 
ATOM   293  C CD1 . LEU A 1 35  ? 1.018   2.277   2.842   1.00 18.26 ? 35   LEU A CD1 1 
ATOM   294  C CD2 . LEU A 1 35  ? -0.695  4.075   2.441   1.00 17.53 ? 35   LEU A CD2 1 
ATOM   295  N N   . PRO A 1 36  ? 3.706   7.379   3.123   1.00 18.72 ? 36   PRO A N   1 
ATOM   296  C CA  . PRO A 1 36  ? 4.395   8.195   4.126   1.00 18.88 ? 36   PRO A CA  1 
ATOM   297  C C   . PRO A 1 36  ? 3.790   9.582   4.322   1.00 19.62 ? 36   PRO A C   1 
ATOM   298  O O   . PRO A 1 36  ? 3.014   10.054  3.489   1.00 19.33 ? 36   PRO A O   1 
ATOM   299  C CB  . PRO A 1 36  ? 5.833   8.237   3.612   1.00 18.91 ? 36   PRO A CB  1 
ATOM   300  C CG  . PRO A 1 36  ? 5.683   8.065   2.135   1.00 20.13 ? 36   PRO A CG  1 
ATOM   301  C CD  . PRO A 1 36  ? 4.608   7.024   2.015   1.00 18.77 ? 36   PRO A CD  1 
ATOM   302  N N   . GLU A 1 37  ? 4.131   10.219  5.441   1.00 18.69 ? 37   GLU A N   1 
ATOM   303  C CA  . GLU A 1 37  ? 3.628   11.555  5.738   1.00 19.10 ? 37   GLU A CA  1 
ATOM   304  C C   . GLU A 1 37  ? 4.414   12.573  4.923   1.00 18.06 ? 37   GLU A C   1 
ATOM   305  O O   . GLU A 1 37  ? 5.479   12.252  4.392   1.00 17.02 ? 37   GLU A O   1 
ATOM   306  C CB  . GLU A 1 37  ? 3.773   11.853  7.230   1.00 20.84 ? 37   GLU A CB  1 
ATOM   307  C CG  . GLU A 1 37  ? 2.877   10.988  8.093   1.00 23.10 ? 37   GLU A CG  1 
ATOM   308  C CD  . GLU A 1 37  ? 2.875   11.425  9.531   1.00 25.65 ? 37   GLU A CD  1 
ATOM   309  O OE1 . GLU A 1 37  ? 3.870   11.164  10.244  1.00 26.80 ? 37   GLU A OE1 1 
ATOM   310  O OE2 . GLU A 1 37  ? 1.875   12.045  9.945   1.00 26.83 ? 37   GLU A OE2 1 
ATOM   311  N N   . ASP A 1 38  ? 3.892   13.791  4.817   1.00 18.46 ? 38   ASP A N   1 
ATOM   312  C CA  . ASP A 1 38  ? 4.564   14.833  4.044   1.00 20.31 ? 38   ASP A CA  1 
ATOM   313  C C   . ASP A 1 38  ? 6.041   14.952  4.395   1.00 20.21 ? 38   ASP A C   1 
ATOM   314  O O   . ASP A 1 38  ? 6.900   14.884  3.517   1.00 20.53 ? 38   ASP A O   1 
ATOM   315  C CB  . ASP A 1 38  ? 3.894   16.194  4.263   1.00 22.80 ? 38   ASP A CB  1 
ATOM   316  C CG  . ASP A 1 38  ? 2.511   16.273  3.640   1.00 27.79 ? 38   ASP A CG  1 
ATOM   317  O OD1 . ASP A 1 38  ? 2.078   15.285  3.006   1.00 25.52 ? 38   ASP A OD1 1 
ATOM   318  O OD2 . ASP A 1 38  ? 1.856   17.333  3.783   1.00 28.40 ? 38   ASP A OD2 1 
ATOM   319  N N   . TRP A 1 39  ? 6.335   15.112  5.682   1.00 20.54 ? 39   TRP A N   1 
ATOM   320  C CA  . TRP A 1 39  ? 7.717   15.274  6.127   1.00 19.39 ? 39   TRP A CA  1 
ATOM   321  C C   . TRP A 1 39  ? 8.633   14.122  5.725   1.00 18.51 ? 39   TRP A C   1 
ATOM   322  O O   . TRP A 1 39  ? 9.803   14.337  5.415   1.00 17.10 ? 39   TRP A O   1 
ATOM   323  C CB  . TRP A 1 39  ? 7.775   15.495  7.644   1.00 20.55 ? 39   TRP A CB  1 
ATOM   324  C CG  . TRP A 1 39  ? 7.533   14.276  8.483   1.00 20.96 ? 39   TRP A CG  1 
ATOM   325  C CD1 . TRP A 1 39  ? 6.345   13.867  9.014   1.00 20.66 ? 39   TRP A CD1 1 
ATOM   326  C CD2 . TRP A 1 39  ? 8.515   13.320  8.911   1.00 21.97 ? 39   TRP A CD2 1 
ATOM   327  N NE1 . TRP A 1 39  ? 6.525   12.721  9.753   1.00 21.96 ? 39   TRP A NE1 1 
ATOM   328  C CE2 . TRP A 1 39  ? 7.847   12.362  9.705   1.00 22.62 ? 39   TRP A CE2 1 
ATOM   329  C CE3 . TRP A 1 39  ? 9.896   13.181  8.698   1.00 23.11 ? 39   TRP A CE3 1 
ATOM   330  C CZ2 . TRP A 1 39  ? 8.513   11.273  10.293  1.00 23.46 ? 39   TRP A CZ2 1 
ATOM   331  C CZ3 . TRP A 1 39  ? 10.560  12.096  9.281   1.00 22.92 ? 39   TRP A CZ3 1 
ATOM   332  C CH2 . TRP A 1 39  ? 9.865   11.157  10.069  1.00 22.65 ? 39   TRP A CH2 1 
ATOM   333  N N   . GLU A 1 40  ? 8.113   12.901  5.727   1.00 17.79 ? 40   GLU A N   1 
ATOM   334  C CA  . GLU A 1 40  ? 8.918   11.753  5.330   1.00 17.05 ? 40   GLU A CA  1 
ATOM   335  C C   . GLU A 1 40  ? 9.257   11.856  3.843   1.00 17.48 ? 40   GLU A C   1 
ATOM   336  O O   . GLU A 1 40  ? 10.405  11.659  3.447   1.00 17.59 ? 40   GLU A O   1 
ATOM   337  C CB  . GLU A 1 40  ? 8.163   10.458  5.629   1.00 16.53 ? 40   GLU A CB  1 
ATOM   338  C CG  . GLU A 1 40  ? 8.026   10.202  7.122   1.00 16.36 ? 40   GLU A CG  1 
ATOM   339  C CD  . GLU A 1 40  ? 7.136   9.028   7.442   1.00 17.84 ? 40   GLU A CD  1 
ATOM   340  O OE1 . GLU A 1 40  ? 5.974   9.032   6.986   1.00 16.83 ? 40   GLU A OE1 1 
ATOM   341  O OE2 . GLU A 1 40  ? 7.596   8.106   8.159   1.00 16.67 ? 40   GLU A OE2 1 
ATOM   342  N N   . ILE A 1 41  ? 8.250   12.169  3.027   1.00 17.22 ? 41   ILE A N   1 
ATOM   343  C CA  . ILE A 1 41  ? 8.436   12.326  1.588   1.00 16.44 ? 41   ILE A CA  1 
ATOM   344  C C   . ILE A 1 41  ? 9.444   13.434  1.336   1.00 17.91 ? 41   ILE A C   1 
ATOM   345  O O   . ILE A 1 41  ? 10.374  13.275  0.551   1.00 17.18 ? 41   ILE A O   1 
ATOM   346  C CB  . ILE A 1 41  ? 7.114   12.709  0.882   1.00 15.99 ? 41   ILE A CB  1 
ATOM   347  C CG1 . ILE A 1 41  ? 6.111   11.562  1.016   1.00 15.49 ? 41   ILE A CG1 1 
ATOM   348  C CG2 . ILE A 1 41  ? 7.377   13.036  -0.594  1.00 15.87 ? 41   ILE A CG2 1 
ATOM   349  C CD1 . ILE A 1 41  ? 4.730   11.875  0.489   1.00 15.41 ? 41   ILE A CD1 1 
ATOM   350  N N   . GLU A 1 42  ? 9.254   14.556  2.022   1.00 19.51 ? 42   GLU A N   1 
ATOM   351  C CA  . GLU A 1 42  ? 10.137  15.702  1.874   1.00 21.90 ? 42   GLU A CA  1 
ATOM   352  C C   . GLU A 1 42  ? 11.612  15.426  2.141   1.00 22.62 ? 42   GLU A C   1 
ATOM   353  O O   . GLU A 1 42  ? 12.478  16.121  1.613   1.00 20.71 ? 42   GLU A O   1 
ATOM   354  C CB  . GLU A 1 42  ? 9.637   16.837  2.760   1.00 22.83 ? 42   GLU A CB  1 
ATOM   355  C CG  . GLU A 1 42  ? 8.704   17.763  2.012   1.00 28.23 ? 42   GLU A CG  1 
ATOM   356  C CD  . GLU A 1 42  ? 7.668   18.421  2.892   1.00 29.82 ? 42   GLU A CD  1 
ATOM   357  O OE1 . GLU A 1 42  ? 7.977   18.715  4.068   1.00 29.71 ? 42   GLU A OE1 1 
ATOM   358  O OE2 . GLU A 1 42  ? 6.542   18.654  2.388   1.00 32.24 ? 42   GLU A OE2 1 
ATOM   359  N N   . GLU A 1 43  ? 11.901  14.413  2.953   1.00 24.55 ? 43   GLU A N   1 
ATOM   360  C CA  . GLU A 1 43  ? 13.286  14.072  3.259   1.00 26.23 ? 43   GLU A CA  1 
ATOM   361  C C   . GLU A 1 43  ? 14.058  13.703  2.000   1.00 26.03 ? 43   GLU A C   1 
ATOM   362  O O   . GLU A 1 43  ? 15.262  13.966  1.898   1.00 25.44 ? 43   GLU A O   1 
ATOM   363  C CB  . GLU A 1 43  ? 13.356  12.907  4.251   1.00 29.75 ? 43   GLU A CB  1 
ATOM   364  C CG  . GLU A 1 43  ? 13.191  13.308  5.710   1.00 34.76 ? 43   GLU A CG  1 
ATOM   365  C CD  . GLU A 1 43  ? 13.492  12.167  6.670   1.00 39.36 ? 43   GLU A CD  1 
ATOM   366  O OE1 . GLU A 1 43  ? 13.481  12.395  7.899   1.00 41.89 ? 43   GLU A OE1 1 
ATOM   367  O OE2 . GLU A 1 43  ? 13.740  11.037  6.196   1.00 41.78 ? 43   GLU A OE2 1 
ATOM   368  N N   . SER A 1 44  ? 13.371  13.091  1.041   1.00 23.58 ? 44   SER A N   1 
ATOM   369  C CA  . SER A 1 44  ? 14.017  12.695  -0.202  1.00 23.33 ? 44   SER A CA  1 
ATOM   370  C C   . SER A 1 44  ? 13.612  13.556  -1.388  1.00 21.75 ? 44   SER A C   1 
ATOM   371  O O   . SER A 1 44  ? 14.348  13.634  -2.368  1.00 21.43 ? 44   SER A O   1 
ATOM   372  C CB  . SER A 1 44  ? 13.707  11.231  -0.538  1.00 23.65 ? 44   SER A CB  1 
ATOM   373  O OG  . SER A 1 44  ? 14.300  10.338  0.388   1.00 29.23 ? 44   SER A OG  1 
ATOM   374  N N   . TRP A 1 45  ? 12.458  14.212  -1.300  1.00 20.07 ? 45   TRP A N   1 
ATOM   375  C CA  . TRP A 1 45  ? 11.974  15.014  -2.419  1.00 19.92 ? 45   TRP A CA  1 
ATOM   376  C C   . TRP A 1 45  ? 11.720  16.498  -2.194  1.00 20.86 ? 45   TRP A C   1 
ATOM   377  O O   . TRP A 1 45  ? 11.245  17.186  -3.105  1.00 19.24 ? 45   TRP A O   1 
ATOM   378  C CB  . TRP A 1 45  ? 10.721  14.355  -3.007  1.00 19.51 ? 45   TRP A CB  1 
ATOM   379  C CG  . TRP A 1 45  ? 11.044  13.021  -3.597  1.00 20.74 ? 45   TRP A CG  1 
ATOM   380  C CD1 . TRP A 1 45  ? 11.092  11.821  -2.941  1.00 21.73 ? 45   TRP A CD1 1 
ATOM   381  C CD2 . TRP A 1 45  ? 11.506  12.767  -4.932  1.00 19.70 ? 45   TRP A CD2 1 
ATOM   382  N NE1 . TRP A 1 45  ? 11.563  10.840  -3.784  1.00 21.83 ? 45   TRP A NE1 1 
ATOM   383  C CE2 . TRP A 1 45  ? 11.825  11.392  -5.011  1.00 19.69 ? 45   TRP A CE2 1 
ATOM   384  C CE3 . TRP A 1 45  ? 11.688  13.572  -6.068  1.00 19.65 ? 45   TRP A CE3 1 
ATOM   385  C CZ2 . TRP A 1 45  ? 12.319  10.800  -6.182  1.00 20.43 ? 45   TRP A CZ2 1 
ATOM   386  C CZ3 . TRP A 1 45  ? 12.181  12.983  -7.235  1.00 21.28 ? 45   TRP A CZ3 1 
ATOM   387  C CH2 . TRP A 1 45  ? 12.490  11.609  -7.280  1.00 21.03 ? 45   TRP A CH2 1 
ATOM   388  N N   . GLY A 1 46  ? 12.027  16.981  -0.993  1.00 21.50 ? 46   GLY A N   1 
ATOM   389  C CA  . GLY A 1 46  ? 11.863  18.394  -0.686  1.00 22.95 ? 46   GLY A CA  1 
ATOM   390  C C   . GLY A 1 46  ? 10.445  18.892  -0.496  1.00 23.11 ? 46   GLY A C   1 
ATOM   391  O O   . GLY A 1 46  ? 10.174  19.650  0.434   1.00 23.77 ? 46   GLY A O   1 
ATOM   392  N N   . ASP A 1 47  ? 9.541   18.481  -1.378  1.00 23.51 ? 47   ASP A N   1 
ATOM   393  C CA  . ASP A 1 47  ? 8.143   18.900  -1.295  1.00 21.98 ? 47   ASP A CA  1 
ATOM   394  C C   . ASP A 1 47  ? 7.236   17.734  -1.681  1.00 21.46 ? 47   ASP A C   1 
ATOM   395  O O   . ASP A 1 47  ? 7.488   17.060  -2.677  1.00 19.46 ? 47   ASP A O   1 
ATOM   396  C CB  . ASP A 1 47  ? 7.899   20.085  -2.234  1.00 23.76 ? 47   ASP A CB  1 
ATOM   397  C CG  . ASP A 1 47  ? 6.493   20.611  -2.140  1.00 24.88 ? 47   ASP A CG  1 
ATOM   398  O OD1 . ASP A 1 47  ? 5.677   20.302  -3.030  1.00 23.79 ? 47   ASP A OD1 1 
ATOM   399  O OD2 . ASP A 1 47  ? 6.200   21.323  -1.159  1.00 27.21 ? 47   ASP A OD2 1 
ATOM   400  N N   . LYS A 1 48  ? 6.186   17.500  -0.897  1.00 21.04 ? 48   LYS A N   1 
ATOM   401  C CA  . LYS A 1 48  ? 5.275   16.393  -1.164  1.00 22.75 ? 48   LYS A CA  1 
ATOM   402  C C   . LYS A 1 48  ? 4.587   16.491  -2.518  1.00 23.57 ? 48   LYS A C   1 
ATOM   403  O O   . LYS A 1 48  ? 4.508   15.503  -3.249  1.00 22.86 ? 48   LYS A O   1 
ATOM   404  C CB  . LYS A 1 48  ? 4.227   16.285  -0.051  1.00 23.80 ? 48   LYS A CB  1 
ATOM   405  C CG  . LYS A 1 48  ? 3.201   15.175  -0.262  1.00 25.70 ? 48   LYS A CG  1 
ATOM   406  C CD  . LYS A 1 48  ? 1.928   15.699  -0.921  1.00 26.70 ? 48   LYS A CD  1 
ATOM   407  C CE  . LYS A 1 48  ? 1.237   16.734  -0.028  1.00 28.61 ? 48   LYS A CE  1 
ATOM   408  N NZ  . LYS A 1 48  ? 0.025   17.319  -0.658  1.00 26.19 ? 48   LYS A NZ  1 
ATOM   409  N N   . ASP A 1 49  ? 4.090   17.677  -2.853  1.00 24.23 ? 49   ASP A N   1 
ATOM   410  C CA  . ASP A 1 49  ? 3.416   17.880  -4.136  1.00 24.79 ? 49   ASP A CA  1 
ATOM   411  C C   . ASP A 1 49  ? 4.379   17.725  -5.305  1.00 23.02 ? 49   ASP A C   1 
ATOM   412  O O   . ASP A 1 49  ? 3.983   17.301  -6.388  1.00 21.71 ? 49   ASP A O   1 
ATOM   413  C CB  . ASP A 1 49  ? 2.765   19.260  -4.176  1.00 28.80 ? 49   ASP A CB  1 
ATOM   414  C CG  . ASP A 1 49  ? 1.523   19.337  -3.315  1.00 33.96 ? 49   ASP A CG  1 
ATOM   415  O OD1 . ASP A 1 49  ? 1.053   20.464  -3.050  1.00 37.38 ? 49   ASP A OD1 1 
ATOM   416  O OD2 . ASP A 1 49  ? 1.007   18.269  -2.912  1.00 36.46 ? 49   ASP A OD2 1 
ATOM   417  N N   . TYR A 1 50  ? 5.644   18.074  -5.092  1.00 20.53 ? 50   TYR A N   1 
ATOM   418  C CA  . TYR A 1 50  ? 6.629   17.933  -6.150  1.00 20.13 ? 50   TYR A CA  1 
ATOM   419  C C   . TYR A 1 50  ? 6.851   16.444  -6.402  1.00 18.99 ? 50   TYR A C   1 
ATOM   420  O O   . TYR A 1 50  ? 6.979   16.009  -7.547  1.00 20.51 ? 50   TYR A O   1 
ATOM   421  C CB  . TYR A 1 50  ? 7.950   18.609  -5.758  1.00 21.02 ? 50   TYR A CB  1 
ATOM   422  C CG  . TYR A 1 50  ? 9.041   18.430  -6.790  1.00 22.84 ? 50   TYR A CG  1 
ATOM   423  C CD1 . TYR A 1 50  ? 10.247  17.812  -6.456  1.00 23.69 ? 50   TYR A CD1 1 
ATOM   424  C CD2 . TYR A 1 50  ? 8.860   18.857  -8.109  1.00 22.64 ? 50   TYR A CD2 1 
ATOM   425  C CE1 . TYR A 1 50  ? 11.247  17.618  -7.408  1.00 23.08 ? 50   TYR A CE1 1 
ATOM   426  C CE2 . TYR A 1 50  ? 9.854   18.664  -9.075  1.00 23.51 ? 50   TYR A CE2 1 
ATOM   427  C CZ  . TYR A 1 50  ? 11.043  18.043  -8.714  1.00 24.47 ? 50   TYR A CZ  1 
ATOM   428  O OH  . TYR A 1 50  ? 12.023  17.829  -9.654  1.00 24.55 ? 50   TYR A OH  1 
ATOM   429  N N   . TYR A 1 51  ? 6.895   15.661  -5.329  1.00 17.14 ? 51   TYR A N   1 
ATOM   430  C CA  . TYR A 1 51  ? 7.075   14.215  -5.464  1.00 17.59 ? 51   TYR A CA  1 
ATOM   431  C C   . TYR A 1 51  ? 5.916   13.613  -6.258  1.00 17.47 ? 51   TYR A C   1 
ATOM   432  O O   . TYR A 1 51  ? 6.128   12.809  -7.164  1.00 17.34 ? 51   TYR A O   1 
ATOM   433  C CB  . TYR A 1 51  ? 7.137   13.549  -4.079  1.00 17.43 ? 51   TYR A CB  1 
ATOM   434  C CG  . TYR A 1 51  ? 7.133   12.036  -4.133  1.00 16.72 ? 51   TYR A CG  1 
ATOM   435  C CD1 . TYR A 1 51  ? 8.123   11.347  -4.828  1.00 15.03 ? 51   TYR A CD1 1 
ATOM   436  C CD2 . TYR A 1 51  ? 6.131   11.289  -3.494  1.00 15.92 ? 51   TYR A CD2 1 
ATOM   437  C CE1 . TYR A 1 51  ? 8.126   9.960   -4.894  1.00 14.77 ? 51   TYR A CE1 1 
ATOM   438  C CE2 . TYR A 1 51  ? 6.123   9.893   -3.560  1.00 12.87 ? 51   TYR A CE2 1 
ATOM   439  C CZ  . TYR A 1 51  ? 7.126   9.242   -4.261  1.00 13.76 ? 51   TYR A CZ  1 
ATOM   440  O OH  . TYR A 1 51  ? 7.142   7.875   -4.342  1.00 15.54 ? 51   TYR A OH  1 
ATOM   441  N N   . LEU A 1 52  ? 4.686   13.999  -5.916  1.00 17.44 ? 52   LEU A N   1 
ATOM   442  C CA  . LEU A 1 52  ? 3.508   13.480  -6.610  1.00 17.84 ? 52   LEU A CA  1 
ATOM   443  C C   . LEU A 1 52  ? 3.478   13.842  -8.094  1.00 19.55 ? 52   LEU A C   1 
ATOM   444  O O   . LEU A 1 52  ? 3.005   13.063  -8.919  1.00 18.40 ? 52   LEU A O   1 
ATOM   445  C CB  . LEU A 1 52  ? 2.227   13.978  -5.931  1.00 16.94 ? 52   LEU A CB  1 
ATOM   446  C CG  . LEU A 1 52  ? 1.975   13.453  -4.518  1.00 17.79 ? 52   LEU A CG  1 
ATOM   447  C CD1 . LEU A 1 52  ? 0.644   13.976  -3.985  1.00 16.84 ? 52   LEU A CD1 1 
ATOM   448  C CD2 . LEU A 1 52  ? 1.972   11.933  -4.556  1.00 13.56 ? 52   LEU A CD2 1 
ATOM   449  N N   . SER A 1 53  ? 3.977   15.024  -8.438  1.00 21.69 ? 53   SER A N   1 
ATOM   450  C CA  . SER A 1 53  ? 4.002   15.445  -9.834  1.00 21.43 ? 53   SER A CA  1 
ATOM   451  C C   . SER A 1 53  ? 5.037   14.617  -10.593 1.00 21.50 ? 53   SER A C   1 
ATOM   452  O O   . SER A 1 53  ? 4.869   14.342  -11.783 1.00 20.16 ? 53   SER A O   1 
ATOM   453  C CB  . SER A 1 53  ? 4.345   16.939  -9.943  1.00 23.06 ? 53   SER A CB  1 
ATOM   454  O OG  . SER A 1 53  ? 5.677   17.195  -9.523  1.00 25.98 ? 53   SER A OG  1 
ATOM   455  N N   . ILE A 1 54  ? 6.103   14.219  -9.899  1.00 21.45 ? 54   ILE A N   1 
ATOM   456  C CA  . ILE A 1 54  ? 7.160   13.410  -10.497 1.00 22.26 ? 54   ILE A CA  1 
ATOM   457  C C   . ILE A 1 54  ? 6.596   12.036  -10.846 1.00 22.75 ? 54   ILE A C   1 
ATOM   458  O O   . ILE A 1 54  ? 6.886   11.483  -11.912 1.00 23.66 ? 54   ILE A O   1 
ATOM   459  C CB  . ILE A 1 54  ? 8.359   13.234  -9.535  1.00 21.97 ? 54   ILE A CB  1 
ATOM   460  C CG1 . ILE A 1 54  ? 9.043   14.581  -9.304  1.00 24.70 ? 54   ILE A CG1 1 
ATOM   461  C CG2 . ILE A 1 54  ? 9.367   12.257  -10.124 1.00 22.76 ? 54   ILE A CG2 1 
ATOM   462  C CD1 . ILE A 1 54  ? 9.673   15.168  -10.554 1.00 27.34 ? 54   ILE A CD1 1 
ATOM   463  N N   . LEU A 1 55  ? 5.791   11.484  -9.945  1.00 21.98 ? 55   LEU A N   1 
ATOM   464  C CA  . LEU A 1 55  ? 5.174   10.193  -10.206 1.00 22.42 ? 55   LEU A CA  1 
ATOM   465  C C   . LEU A 1 55  ? 4.255   10.368  -11.415 1.00 23.34 ? 55   LEU A C   1 
ATOM   466  O O   . LEU A 1 55  ? 4.310   9.592   -12.366 1.00 23.69 ? 55   LEU A O   1 
ATOM   467  C CB  . LEU A 1 55  ? 4.361   9.718   -8.996  1.00 18.14 ? 55   LEU A CB  1 
ATOM   468  C CG  . LEU A 1 55  ? 5.116   9.410   -7.697  1.00 19.07 ? 55   LEU A CG  1 
ATOM   469  C CD1 . LEU A 1 55  ? 4.132   8.853   -6.670  1.00 17.86 ? 55   LEU A CD1 1 
ATOM   470  C CD2 . LEU A 1 55  ? 6.237   8.399   -7.954  1.00 16.72 ? 55   LEU A CD2 1 
ATOM   471  N N   . LYS A 1 56  ? 3.425   11.406  -11.384 1.00 25.75 ? 56   LYS A N   1 
ATOM   472  C CA  . LYS A 1 56  ? 2.503   11.664  -12.488 1.00 28.86 ? 56   LYS A CA  1 
ATOM   473  C C   . LYS A 1 56  ? 3.225   11.929  -13.808 1.00 29.95 ? 56   LYS A C   1 
ATOM   474  O O   . LYS A 1 56  ? 2.747   11.543  -14.879 1.00 30.10 ? 56   LYS A O   1 
ATOM   475  C CB  . LYS A 1 56  ? 1.584   12.845  -12.150 1.00 29.57 ? 56   LYS A CB  1 
ATOM   476  C CG  . LYS A 1 56  ? 0.131   12.438  -11.917 1.00 34.75 ? 56   LYS A CG  1 
ATOM   477  C CD  . LYS A 1 56  ? -0.796  13.645  -11.822 1.00 37.22 ? 56   LYS A CD  1 
ATOM   478  C CE  . LYS A 1 56  ? -0.623  14.405  -10.517 1.00 39.14 ? 56   LYS A CE  1 
ATOM   479  N NZ  . LYS A 1 56  ? -1.143  13.647  -9.342  1.00 40.14 ? 56   LYS A NZ  1 
ATOM   480  N N   . LYS A 1 57  ? 4.383   12.576  -13.728 1.00 31.14 ? 57   LYS A N   1 
ATOM   481  C CA  . LYS A 1 57  ? 5.169   12.896  -14.912 1.00 32.35 ? 57   LYS A CA  1 
ATOM   482  C C   . LYS A 1 57  ? 5.792   11.642  -15.515 1.00 33.40 ? 57   LYS A C   1 
ATOM   483  O O   . LYS A 1 57  ? 6.109   11.606  -16.705 1.00 31.91 ? 57   LYS A O   1 
ATOM   484  C CB  . LYS A 1 57  ? 6.268   13.892  -14.550 1.00 33.72 ? 57   LYS A CB  1 
ATOM   485  C CG  . LYS A 1 57  ? 7.071   14.389  -15.735 1.00 37.97 ? 57   LYS A CG  1 
ATOM   486  C CD  . LYS A 1 57  ? 8.170   15.344  -15.297 1.00 40.40 ? 57   LYS A CD  1 
ATOM   487  C CE  . LYS A 1 57  ? 9.257   14.615  -14.528 1.00 40.92 ? 57   LYS A CE  1 
ATOM   488  N NZ  . LYS A 1 57  ? 9.934   13.619  -15.400 1.00 42.51 ? 57   LYS A NZ  1 
ATOM   489  N N   . ASN A 1 58  ? 5.974   10.612  -14.694 1.00 32.52 ? 58   ASN A N   1 
ATOM   490  C CA  . ASN A 1 58  ? 6.564   9.372   -15.175 1.00 31.78 ? 58   ASN A CA  1 
ATOM   491  C C   . ASN A 1 58  ? 5.520   8.336   -15.573 1.00 30.87 ? 58   ASN A C   1 
ATOM   492  O O   . ASN A 1 58  ? 5.830   7.156   -15.722 1.00 32.53 ? 58   ASN A O   1 
ATOM   493  C CB  . ASN A 1 58  ? 7.519   8.797   -14.128 1.00 31.67 ? 58   ASN A CB  1 
ATOM   494  C CG  . ASN A 1 58  ? 8.828   9.560   -14.063 1.00 33.89 ? 58   ASN A CG  1 
ATOM   495  O OD1 . ASN A 1 58  ? 9.212   10.071  -13.014 1.00 34.55 ? 58   ASN A OD1 1 
ATOM   496  N ND2 . ASN A 1 58  ? 9.518   9.646   -15.195 1.00 36.51 ? 58   ASN A ND2 1 
ATOM   497  N N   . GLY A 1 59  ? 4.281   8.783   -15.741 1.00 29.64 ? 59   GLY A N   1 
ATOM   498  C CA  . GLY A 1 59  ? 3.221   7.882   -16.154 1.00 29.14 ? 59   GLY A CA  1 
ATOM   499  C C   . GLY A 1 59  ? 2.585   7.010   -15.091 1.00 28.62 ? 59   GLY A C   1 
ATOM   500  O O   . GLY A 1 59  ? 1.938   6.012   -15.409 1.00 28.82 ? 59   GLY A O   1 
ATOM   501  N N   . LEU A 1 60  ? 2.758   7.373   -13.828 1.00 27.52 ? 60   LEU A N   1 
ATOM   502  C CA  . LEU A 1 60  ? 2.179   6.611   -12.732 1.00 26.42 ? 60   LEU A CA  1 
ATOM   503  C C   . LEU A 1 60  ? 1.105   7.479   -12.093 1.00 27.30 ? 60   LEU A C   1 
ATOM   504  O O   . LEU A 1 60  ? 1.288   8.687   -11.935 1.00 31.16 ? 60   LEU A O   1 
ATOM   505  C CB  . LEU A 1 60  ? 3.260   6.264   -11.707 1.00 24.57 ? 60   LEU A CB  1 
ATOM   506  C CG  . LEU A 1 60  ? 4.463   5.482   -12.242 1.00 24.80 ? 60   LEU A CG  1 
ATOM   507  C CD1 . LEU A 1 60  ? 5.556   5.398   -11.187 1.00 23.43 ? 60   LEU A CD1 1 
ATOM   508  C CD2 . LEU A 1 60  ? 4.011   4.090   -12.656 1.00 25.05 ? 60   LEU A CD2 1 
ATOM   509  N N   . GLN A 1 61  ? -0.027  6.883   -11.746 1.00 27.06 ? 61   GLN A N   1 
ATOM   510  C CA  . GLN A 1 61  ? -1.098  7.645   -11.120 1.00 27.45 ? 61   GLN A CA  1 
ATOM   511  C C   . GLN A 1 61  ? -0.936  7.509   -9.617  1.00 24.53 ? 61   GLN A C   1 
ATOM   512  O O   . GLN A 1 61  ? -1.028  6.409   -9.081  1.00 25.99 ? 61   GLN A O   1 
ATOM   513  C CB  . GLN A 1 61  ? -2.470  7.110   -11.538 1.00 29.78 ? 61   GLN A CB  1 
ATOM   514  C CG  . GLN A 1 61  ? -2.774  7.219   -13.025 1.00 34.61 ? 61   GLN A CG  1 
ATOM   515  C CD  . GLN A 1 61  ? -2.824  5.865   -13.712 1.00 37.48 ? 61   GLN A CD  1 
ATOM   516  O OE1 . GLN A 1 61  ? -1.789  5.278   -14.042 1.00 39.69 ? 61   GLN A OE1 1 
ATOM   517  N NE2 . GLN A 1 61  ? -4.033  5.355   -13.921 1.00 38.04 ? 61   GLN A NE2 1 
ATOM   518  N N   . PRO A 1 62  ? -0.666  8.618   -8.918  1.00 21.58 ? 62   PRO A N   1 
ATOM   519  C CA  . PRO A 1 62  ? -0.509  8.480   -7.473  1.00 19.75 ? 62   PRO A CA  1 
ATOM   520  C C   . PRO A 1 62  ? -1.736  8.850   -6.651  1.00 18.56 ? 62   PRO A C   1 
ATOM   521  O O   . PRO A 1 62  ? -2.601  9.604   -7.092  1.00 18.33 ? 62   PRO A O   1 
ATOM   522  C CB  . PRO A 1 62  ? 0.664   9.404   -7.176  1.00 19.51 ? 62   PRO A CB  1 
ATOM   523  C CG  . PRO A 1 62  ? 0.398   10.543  -8.090  1.00 20.19 ? 62   PRO A CG  1 
ATOM   524  C CD  . PRO A 1 62  ? -0.027  9.865   -9.388  1.00 21.70 ? 62   PRO A CD  1 
ATOM   525  N N   . LEU A 1 63  ? -1.795  8.283   -5.454  1.00 16.38 ? 63   LEU A N   1 
ATOM   526  C CA  . LEU A 1 63  ? -2.846  8.564   -4.490  1.00 16.46 ? 63   LEU A CA  1 
ATOM   527  C C   . LEU A 1 63  ? -2.119  8.638   -3.156  1.00 15.94 ? 63   LEU A C   1 
ATOM   528  O O   . LEU A 1 63  ? -1.489  7.672   -2.728  1.00 16.51 ? 63   LEU A O   1 
ATOM   529  C CB  . LEU A 1 63  ? -3.908  7.460   -4.438  1.00 16.18 ? 63   LEU A CB  1 
ATOM   530  C CG  . LEU A 1 63  ? -4.963  7.712   -3.338  1.00 18.74 ? 63   LEU A CG  1 
ATOM   531  C CD1 . LEU A 1 63  ? -5.786  8.945   -3.676  1.00 18.85 ? 63   LEU A CD1 1 
ATOM   532  C CD2 . LEU A 1 63  ? -5.868  6.511   -3.183  1.00 19.16 ? 63   LEU A CD2 1 
ATOM   533  N N   . HIS A 1 64  ? -2.194  9.795   -2.511  1.00 15.05 ? 64   HIS A N   1 
ATOM   534  C CA  . HIS A 1 64  ? -1.533  9.997   -1.236  1.00 15.93 ? 64   HIS A CA  1 
ATOM   535  C C   . HIS A 1 64  ? -2.499  9.794   -0.070  1.00 17.05 ? 64   HIS A C   1 
ATOM   536  O O   . HIS A 1 64  ? -3.498  10.505  0.057   1.00 17.77 ? 64   HIS A O   1 
ATOM   537  C CB  . HIS A 1 64  ? -0.927  11.408  -1.210  1.00 16.93 ? 64   HIS A CB  1 
ATOM   538  C CG  . HIS A 1 64  ? -0.126  11.702  0.020   1.00 17.96 ? 64   HIS A CG  1 
ATOM   539  N ND1 . HIS A 1 64  ? 0.601   10.738  0.682   1.00 18.54 ? 64   HIS A ND1 1 
ATOM   540  C CD2 . HIS A 1 64  ? 0.099   12.862  0.680   1.00 17.88 ? 64   HIS A CD2 1 
ATOM   541  C CE1 . HIS A 1 64  ? 1.241   11.290  1.696   1.00 17.95 ? 64   HIS A CE1 1 
ATOM   542  N NE2 . HIS A 1 64  ? 0.954   12.579  1.717   1.00 19.68 ? 64   HIS A NE2 1 
ATOM   543  N N   . ILE A 1 65  ? -2.208  8.802   0.767   1.00 16.53 ? 65   ILE A N   1 
ATOM   544  C CA  . ILE A 1 65  ? -3.022  8.503   1.942   1.00 16.65 ? 65   ILE A CA  1 
ATOM   545  C C   . ILE A 1 65  ? -2.000  8.353   3.064   1.00 16.77 ? 65   ILE A C   1 
ATOM   546  O O   . ILE A 1 65  ? -1.518  7.254   3.331   1.00 14.31 ? 65   ILE A O   1 
ATOM   547  C CB  . ILE A 1 65  ? -3.797  7.174   1.782   1.00 17.21 ? 65   ILE A CB  1 
ATOM   548  C CG1 . ILE A 1 65  ? -4.708  7.231   0.544   1.00 19.02 ? 65   ILE A CG1 1 
ATOM   549  C CG2 . ILE A 1 65  ? -4.629  6.898   3.039   1.00 16.74 ? 65   ILE A CG2 1 
ATOM   550  C CD1 . ILE A 1 65  ? -5.906  8.165   0.667   1.00 18.18 ? 65   ILE A CD1 1 
ATOM   551  N N   . PRO A 1 66  ? -1.657  9.473   3.728   1.00 17.36 ? 66   PRO A N   1 
ATOM   552  C CA  . PRO A 1 66  ? -0.691  9.580   4.831   1.00 17.72 ? 66   PRO A CA  1 
ATOM   553  C C   . PRO A 1 66  ? -1.013  8.750   6.061   1.00 17.91 ? 66   PRO A C   1 
ATOM   554  O O   . PRO A 1 66  ? -2.060  8.931   6.682   1.00 18.72 ? 66   PRO A O   1 
ATOM   555  C CB  . PRO A 1 66  ? -0.699  11.072  5.174   1.00 17.48 ? 66   PRO A CB  1 
ATOM   556  C CG  . PRO A 1 66  ? -1.286  11.729  3.954   1.00 20.14 ? 66   PRO A CG  1 
ATOM   557  C CD  . PRO A 1 66  ? -2.333  10.764  3.511   1.00 16.81 ? 66   PRO A CD  1 
ATOM   558  N N   . ILE A 1 67  ? -0.096  7.857   6.418   1.00 17.90 ? 67   ILE A N   1 
ATOM   559  C CA  . ILE A 1 67  ? -0.249  7.022   7.602   1.00 17.06 ? 67   ILE A CA  1 
ATOM   560  C C   . ILE A 1 67  ? 1.012   7.200   8.444   1.00 17.51 ? 67   ILE A C   1 
ATOM   561  O O   . ILE A 1 67  ? 2.130   7.079   7.936   1.00 17.34 ? 67   ILE A O   1 
ATOM   562  C CB  . ILE A 1 67  ? -0.413  5.527   7.233   1.00 17.40 ? 67   ILE A CB  1 
ATOM   563  C CG1 . ILE A 1 67  ? -1.716  5.326   6.450   1.00 16.38 ? 67   ILE A CG1 1 
ATOM   564  C CG2 . ILE A 1 67  ? -0.445  4.672   8.502   1.00 15.47 ? 67   ILE A CG2 1 
ATOM   565  C CD1 . ILE A 1 67  ? -1.921  3.918   5.938   1.00 14.27 ? 67   ILE A CD1 1 
ATOM   566  N N   . PRO A 1 68  ? 0.849   7.510   9.739   1.00 18.45 ? 68   PRO A N   1 
ATOM   567  C CA  . PRO A 1 68  ? 1.990   7.707   10.643  1.00 19.47 ? 68   PRO A CA  1 
ATOM   568  C C   . PRO A 1 68  ? 2.782   6.417   10.832  1.00 20.26 ? 68   PRO A C   1 
ATOM   569  O O   . PRO A 1 68  ? 2.201   5.335   10.927  1.00 19.05 ? 68   PRO A O   1 
ATOM   570  C CB  . PRO A 1 68  ? 1.329   8.170   11.947  1.00 20.23 ? 68   PRO A CB  1 
ATOM   571  C CG  . PRO A 1 68  ? 0.039   8.818   11.472  1.00 21.69 ? 68   PRO A CG  1 
ATOM   572  C CD  . PRO A 1 68  ? -0.421  7.846   10.411  1.00 18.38 ? 68   PRO A CD  1 
ATOM   573  N N   . ASP A 1 69  ? 4.104   6.534   10.898  1.00 21.42 ? 69   ASP A N   1 
ATOM   574  C CA  . ASP A 1 69  ? 4.952   5.362   11.072  1.00 21.71 ? 69   ASP A CA  1 
ATOM   575  C C   . ASP A 1 69  ? 4.488   4.492   12.243  1.00 21.43 ? 69   ASP A C   1 
ATOM   576  O O   . ASP A 1 69  ? 4.174   5.001   13.318  1.00 16.30 ? 69   ASP A O   1 
ATOM   577  C CB  . ASP A 1 69  ? 6.405   5.780   11.280  1.00 26.61 ? 69   ASP A CB  1 
ATOM   578  C CG  . ASP A 1 69  ? 7.350   4.596   11.275  1.00 30.58 ? 69   ASP A CG  1 
ATOM   579  O OD1 . ASP A 1 69  ? 7.281   3.777   10.327  1.00 35.75 ? 69   ASP A OD1 1 
ATOM   580  O OD2 . ASP A 1 69  ? 8.161   4.481   12.214  1.00 34.62 ? 69   ASP A OD2 1 
ATOM   581  N N   . GLY A 1 70  ? 4.443   3.181   12.011  1.00 20.30 ? 70   GLY A N   1 
ATOM   582  C CA  . GLY A 1 70  ? 4.011   2.243   13.031  1.00 20.62 ? 70   GLY A CA  1 
ATOM   583  C C   . GLY A 1 70  ? 2.497   2.199   13.173  1.00 21.34 ? 70   GLY A C   1 
ATOM   584  O O   . GLY A 1 70  ? 1.951   1.336   13.872  1.00 18.62 ? 70   GLY A O   1 
ATOM   585  N N   . GLY A 1 71  ? 1.814   3.122   12.497  1.00 20.23 ? 71   GLY A N   1 
ATOM   586  C CA  . GLY A 1 71  ? 0.366   3.179   12.587  1.00 18.58 ? 71   GLY A CA  1 
ATOM   587  C C   . GLY A 1 71  ? -0.397  2.453   11.496  1.00 20.56 ? 71   GLY A C   1 
ATOM   588  O O   . GLY A 1 71  ? 0.171   1.705   10.689  1.00 18.56 ? 71   GLY A O   1 
ATOM   589  N N   . VAL A 1 72  ? -1.705  2.689   11.474  1.00 18.58 ? 72   VAL A N   1 
ATOM   590  C CA  . VAL A 1 72  ? -2.595  2.071   10.504  1.00 16.85 ? 72   VAL A CA  1 
ATOM   591  C C   . VAL A 1 72  ? -3.550  3.128   9.938   1.00 16.45 ? 72   VAL A C   1 
ATOM   592  O O   . VAL A 1 72  ? -3.749  4.194   10.531  1.00 15.18 ? 72   VAL A O   1 
ATOM   593  C CB  . VAL A 1 72  ? -3.420  0.938   11.173  1.00 16.16 ? 72   VAL A CB  1 
ATOM   594  C CG1 . VAL A 1 72  ? -2.485  -0.076  11.809  1.00 14.91 ? 72   VAL A CG1 1 
ATOM   595  C CG2 . VAL A 1 72  ? -4.358  1.521   12.224  1.00 17.27 ? 72   VAL A CG2 1 
ATOM   596  N N   . PRO A 1 73  ? -4.162  2.849   8.784   1.00 17.10 ? 73   PRO A N   1 
ATOM   597  C CA  . PRO A 1 73  ? -5.074  3.858   8.248   1.00 16.62 ? 73   PRO A CA  1 
ATOM   598  C C   . PRO A 1 73  ? -6.324  3.953   9.114   1.00 17.07 ? 73   PRO A C   1 
ATOM   599  O O   . PRO A 1 73  ? -6.690  2.990   9.795   1.00 15.81 ? 73   PRO A O   1 
ATOM   600  C CB  . PRO A 1 73  ? -5.397  3.308   6.866   1.00 16.25 ? 73   PRO A CB  1 
ATOM   601  C CG  . PRO A 1 73  ? -5.460  1.846   7.122   1.00 14.88 ? 73   PRO A CG  1 
ATOM   602  C CD  . PRO A 1 73  ? -4.225  1.610   7.983   1.00 17.20 ? 73   PRO A CD  1 
ATOM   603  N N   . SER A 1 74  ? -6.966  5.116   9.111   1.00 16.43 ? 74   SER A N   1 
ATOM   604  C CA  . SER A 1 74  ? -8.219  5.257   9.850   1.00 17.09 ? 74   SER A CA  1 
ATOM   605  C C   . SER A 1 74  ? -9.215  4.423   9.027   1.00 18.62 ? 74   SER A C   1 
ATOM   606  O O   . SER A 1 74  ? -8.892  3.990   7.911   1.00 17.48 ? 74   SER A O   1 
ATOM   607  C CB  . SER A 1 74  ? -8.668  6.720   9.875   1.00 17.50 ? 74   SER A CB  1 
ATOM   608  O OG  . SER A 1 74  ? -8.902  7.199   8.558   1.00 17.37 ? 74   SER A OG  1 
ATOM   609  N N   . ASP A 1 75  ? -10.410 4.179   9.558   1.00 18.59 ? 75   ASP A N   1 
ATOM   610  C CA  . ASP A 1 75  ? -11.388 3.401   8.804   1.00 20.80 ? 75   ASP A CA  1 
ATOM   611  C C   . ASP A 1 75  ? -11.752 4.120   7.510   1.00 21.01 ? 75   ASP A C   1 
ATOM   612  O O   . ASP A 1 75  ? -11.931 3.489   6.463   1.00 22.09 ? 75   ASP A O   1 
ATOM   613  C CB  . ASP A 1 75  ? -12.651 3.157   9.634   1.00 23.20 ? 75   ASP A CB  1 
ATOM   614  C CG  . ASP A 1 75  ? -12.467 2.069   10.689  1.00 25.54 ? 75   ASP A CG  1 
ATOM   615  O OD1 . ASP A 1 75  ? -11.403 1.411   10.709  1.00 22.83 ? 75   ASP A OD1 1 
ATOM   616  O OD2 . ASP A 1 75  ? -13.403 1.871   11.499  1.00 26.60 ? 75   ASP A OD2 1 
ATOM   617  N N   . SER A 1 76  ? -11.856 5.445   7.569   1.00 19.95 ? 76   SER A N   1 
ATOM   618  C CA  . SER A 1 76  ? -12.191 6.196   6.368   1.00 18.36 ? 76   SER A CA  1 
ATOM   619  C C   . SER A 1 76  ? -11.060 6.087   5.335   1.00 16.27 ? 76   SER A C   1 
ATOM   620  O O   . SER A 1 76  ? -11.320 5.929   4.153   1.00 16.09 ? 76   SER A O   1 
ATOM   621  C CB  . SER A 1 76  ? -12.461 7.665   6.704   1.00 19.12 ? 76   SER A CB  1 
ATOM   622  O OG  . SER A 1 76  ? -11.301 8.296   7.207   1.00 22.61 ? 76   SER A OG  1 
ATOM   623  N N   . GLN A 1 77  ? -9.810  6.164   5.784   1.00 15.09 ? 77   GLN A N   1 
ATOM   624  C CA  . GLN A 1 77  ? -8.680  6.058   4.863   1.00 16.01 ? 77   GLN A CA  1 
ATOM   625  C C   . GLN A 1 77  ? -8.627  4.677   4.221   1.00 14.18 ? 77   GLN A C   1 
ATOM   626  O O   . GLN A 1 77  ? -8.289  4.544   3.046   1.00 16.49 ? 77   GLN A O   1 
ATOM   627  C CB  . GLN A 1 77  ? -7.351  6.295   5.592   1.00 15.00 ? 77   GLN A CB  1 
ATOM   628  C CG  . GLN A 1 77  ? -7.061  7.728   5.964   1.00 17.38 ? 77   GLN A CG  1 
ATOM   629  C CD  . GLN A 1 77  ? -5.705  7.874   6.628   1.00 18.47 ? 77   GLN A CD  1 
ATOM   630  O OE1 . GLN A 1 77  ? -5.407  7.197   7.609   1.00 16.00 ? 77   GLN A OE1 1 
ATOM   631  N NE2 . GLN A 1 77  ? -4.875  8.758   6.089   1.00 16.99 ? 77   GLN A NE2 1 
ATOM   632  N N   . PHE A 1 78  ? -8.942  3.651   5.008   1.00 15.08 ? 78   PHE A N   1 
ATOM   633  C CA  . PHE A 1 78  ? -8.906  2.278   4.520   1.00 16.10 ? 78   PHE A CA  1 
ATOM   634  C C   . PHE A 1 78  ? -9.946  2.080   3.421   1.00 16.75 ? 78   PHE A C   1 
ATOM   635  O O   . PHE A 1 78  ? -9.725  1.334   2.476   1.00 16.89 ? 78   PHE A O   1 
ATOM   636  C CB  . PHE A 1 78  ? -9.157  1.298   5.667   1.00 16.17 ? 78   PHE A CB  1 
ATOM   637  C CG  . PHE A 1 78  ? -8.929  -0.141  5.292   1.00 16.62 ? 78   PHE A CG  1 
ATOM   638  C CD1 . PHE A 1 78  ? -7.669  -0.574  4.884   1.00 18.19 ? 78   PHE A CD1 1 
ATOM   639  C CD2 . PHE A 1 78  ? -9.973  -1.063  5.334   1.00 17.02 ? 78   PHE A CD2 1 
ATOM   640  C CE1 . PHE A 1 78  ? -7.451  -1.906  4.525   1.00 17.99 ? 78   PHE A CE1 1 
ATOM   641  C CE2 . PHE A 1 78  ? -9.764  -2.397  4.976   1.00 13.81 ? 78   PHE A CE2 1 
ATOM   642  C CZ  . PHE A 1 78  ? -8.504  -2.819  4.573   1.00 16.95 ? 78   PHE A CZ  1 
ATOM   643  N N   . LEU A 1 79  ? -11.082 2.752   3.552   1.00 19.03 ? 79   LEU A N   1 
ATOM   644  C CA  . LEU A 1 79  ? -12.130 2.651   2.544   1.00 19.80 ? 79   LEU A CA  1 
ATOM   645  C C   . LEU A 1 79  ? -11.605 3.243   1.238   1.00 19.24 ? 79   LEU A C   1 
ATOM   646  O O   . LEU A 1 79  ? -11.818 2.682   0.158   1.00 20.88 ? 79   LEU A O   1 
ATOM   647  C CB  . LEU A 1 79  ? -13.374 3.415   2.995   1.00 21.31 ? 79   LEU A CB  1 
ATOM   648  C CG  . LEU A 1 79  ? -14.635 3.184   2.168   1.00 23.13 ? 79   LEU A CG  1 
ATOM   649  C CD1 . LEU A 1 79  ? -15.123 1.771   2.408   1.00 25.29 ? 79   LEU A CD1 1 
ATOM   650  C CD2 . LEU A 1 79  ? -15.707 4.192   2.554   1.00 26.71 ? 79   LEU A CD2 1 
ATOM   651  N N   . THR A 1 80  ? -10.919 4.380   1.348   1.00 18.17 ? 80   THR A N   1 
ATOM   652  C CA  . THR A 1 80  ? -10.351 5.063   0.189   1.00 16.64 ? 80   THR A CA  1 
ATOM   653  C C   . THR A 1 80  ? -9.242  4.207   -0.421  1.00 17.15 ? 80   THR A C   1 
ATOM   654  O O   . THR A 1 80  ? -9.201  3.995   -1.630  1.00 15.40 ? 80   THR A O   1 
ATOM   655  C CB  . THR A 1 80  ? -9.773  6.431   0.597   1.00 18.30 ? 80   THR A CB  1 
ATOM   656  O OG1 . THR A 1 80  ? -10.766 7.166   1.319   1.00 18.07 ? 80   THR A OG1 1 
ATOM   657  C CG2 . THR A 1 80  ? -9.370  7.226   -0.630  1.00 15.66 ? 80   THR A CG2 1 
ATOM   658  N N   . ILE A 1 81  ? -8.341  3.719   0.428   1.00 16.31 ? 81   ILE A N   1 
ATOM   659  C CA  . ILE A 1 81  ? -7.241  2.869   -0.015  1.00 16.91 ? 81   ILE A CA  1 
ATOM   660  C C   . ILE A 1 81  ? -7.755  1.660   -0.787  1.00 17.70 ? 81   ILE A C   1 
ATOM   661  O O   . ILE A 1 81  ? -7.268  1.354   -1.875  1.00 17.60 ? 81   ILE A O   1 
ATOM   662  C CB  . ILE A 1 81  ? -6.419  2.343   1.196   1.00 17.21 ? 81   ILE A CB  1 
ATOM   663  C CG1 . ILE A 1 81  ? -5.494  3.442   1.712   1.00 15.74 ? 81   ILE A CG1 1 
ATOM   664  C CG2 . ILE A 1 81  ? -5.639  1.091   0.808   1.00 16.91 ? 81   ILE A CG2 1 
ATOM   665  C CD1 . ILE A 1 81  ? -4.841  3.117   3.040   1.00 17.57 ? 81   ILE A CD1 1 
ATOM   666  N N   . MET A 1 82  ? -8.739  0.970   -0.221  1.00 16.01 ? 82   MET A N   1 
ATOM   667  C CA  . MET A 1 82  ? -9.266  -0.218  -0.874  1.00 17.52 ? 82   MET A CA  1 
ATOM   668  C C   . MET A 1 82  ? -10.085 0.083   -2.130  1.00 17.06 ? 82   MET A C   1 
ATOM   669  O O   . MET A 1 82  ? -10.047 -0.683  -3.089  1.00 14.79 ? 82   MET A O   1 
ATOM   670  C CB  . MET A 1 82  ? -10.069 -1.056  0.129   1.00 17.44 ? 82   MET A CB  1 
ATOM   671  C CG  . MET A 1 82  ? -9.187  -1.759  1.167   1.00 18.54 ? 82   MET A CG  1 
ATOM   672  S SD  . MET A 1 82  ? -8.005  -2.909  0.395   1.00 21.48 ? 82   MET A SD  1 
ATOM   673  C CE  . MET A 1 82  ? -6.645  -2.845  1.483   1.00 17.77 ? 82   MET A CE  1 
ATOM   674  N N   . LYS A 1 83  ? -10.820 1.190   -2.144  1.00 16.17 ? 83   LYS A N   1 
ATOM   675  C CA  . LYS A 1 83  ? -11.567 1.519   -3.351  1.00 19.80 ? 83   LYS A CA  1 
ATOM   676  C C   . LYS A 1 83  ? -10.544 1.763   -4.469  1.00 19.83 ? 83   LYS A C   1 
ATOM   677  O O   . LYS A 1 83  ? -10.723 1.324   -5.609  1.00 19.78 ? 83   LYS A O   1 
ATOM   678  C CB  . LYS A 1 83  ? -12.430 2.771   -3.153  1.00 20.02 ? 83   LYS A CB  1 
ATOM   679  C CG  . LYS A 1 83  ? -13.205 3.145   -4.418  1.00 23.32 ? 83   LYS A CG  1 
ATOM   680  C CD  . LYS A 1 83  ? -14.069 4.379   -4.242  1.00 27.47 ? 83   LYS A CD  1 
ATOM   681  C CE  . LYS A 1 83  ? -14.702 4.804   -5.571  1.00 28.96 ? 83   LYS A CE  1 
ATOM   682  N NZ  . LYS A 1 83  ? -13.689 5.259   -6.568  1.00 31.23 ? 83   LYS A NZ  1 
ATOM   683  N N   . TRP A 1 84  ? -9.465  2.462   -4.127  1.00 19.41 ? 84   TRP A N   1 
ATOM   684  C CA  . TRP A 1 84  ? -8.408  2.755   -5.088  1.00 19.18 ? 84   TRP A CA  1 
ATOM   685  C C   . TRP A 1 84  ? -7.721  1.481   -5.581  1.00 19.27 ? 84   TRP A C   1 
ATOM   686  O O   . TRP A 1 84  ? -7.631  1.247   -6.784  1.00 19.68 ? 84   TRP A O   1 
ATOM   687  C CB  . TRP A 1 84  ? -7.387  3.701   -4.455  1.00 18.78 ? 84   TRP A CB  1 
ATOM   688  C CG  . TRP A 1 84  ? -6.053  3.797   -5.163  1.00 21.25 ? 84   TRP A CG  1 
ATOM   689  C CD1 . TRP A 1 84  ? -4.934  3.050   -4.911  1.00 20.97 ? 84   TRP A CD1 1 
ATOM   690  C CD2 . TRP A 1 84  ? -5.696  4.710   -6.212  1.00 21.79 ? 84   TRP A CD2 1 
ATOM   691  N NE1 . TRP A 1 84  ? -3.902  3.446   -5.731  1.00 22.27 ? 84   TRP A NE1 1 
ATOM   692  C CE2 . TRP A 1 84  ? -4.342  4.461   -6.541  1.00 23.18 ? 84   TRP A CE2 1 
ATOM   693  C CE3 . TRP A 1 84  ? -6.387  5.717   -6.903  1.00 21.90 ? 84   TRP A CE3 1 
ATOM   694  C CZ2 . TRP A 1 84  ? -3.669  5.180   -7.532  1.00 23.16 ? 84   TRP A CZ2 1 
ATOM   695  C CZ3 . TRP A 1 84  ? -5.716  6.434   -7.887  1.00 22.54 ? 84   TRP A CZ3 1 
ATOM   696  C CH2 . TRP A 1 84  ? -4.371  6.160   -8.193  1.00 24.15 ? 84   TRP A CH2 1 
ATOM   697  N N   . LEU A 1 85  ? -7.243  0.656   -4.653  1.00 18.69 ? 85   LEU A N   1 
ATOM   698  C CA  . LEU A 1 85  ? -6.555  -0.582  -5.020  1.00 18.00 ? 85   LEU A CA  1 
ATOM   699  C C   . LEU A 1 85  ? -7.406  -1.548  -5.832  1.00 18.51 ? 85   LEU A C   1 
ATOM   700  O O   . LEU A 1 85  ? -6.896  -2.237  -6.717  1.00 18.92 ? 85   LEU A O   1 
ATOM   701  C CB  . LEU A 1 85  ? -6.031  -1.296  -3.763  1.00 14.53 ? 85   LEU A CB  1 
ATOM   702  C CG  . LEU A 1 85  ? -4.804  -0.660  -3.097  1.00 13.51 ? 85   LEU A CG  1 
ATOM   703  C CD1 . LEU A 1 85  ? -4.430  -1.438  -1.844  1.00 10.24 ? 85   LEU A CD1 1 
ATOM   704  C CD2 . LEU A 1 85  ? -3.643  -0.643  -4.077  1.00 12.72 ? 85   LEU A CD2 1 
ATOM   705  N N   . LEU A 1 86  ? -8.700  -1.595  -5.543  1.00 20.44 ? 86   LEU A N   1 
ATOM   706  C CA  . LEU A 1 86  ? -9.606  -2.501  -6.246  1.00 23.47 ? 86   LEU A CA  1 
ATOM   707  C C   . LEU A 1 86  ? -10.140 -1.979  -7.585  1.00 25.85 ? 86   LEU A C   1 
ATOM   708  O O   . LEU A 1 86  ? -10.683 -2.748  -8.380  1.00 26.81 ? 86   LEU A O   1 
ATOM   709  C CB  . LEU A 1 86  ? -10.780 -2.868  -5.332  1.00 22.51 ? 86   LEU A CB  1 
ATOM   710  C CG  . LEU A 1 86  ? -10.542 -3.921  -4.240  1.00 23.15 ? 86   LEU A CG  1 
ATOM   711  C CD1 . LEU A 1 86  ? -9.222  -3.677  -3.536  1.00 26.26 ? 86   LEU A CD1 1 
ATOM   712  C CD2 . LEU A 1 86  ? -11.688 -3.869  -3.239  1.00 24.06 ? 86   LEU A CD2 1 
ATOM   713  N N   . SER A 1 87  ? -9.979  -0.686  -7.842  1.00 27.83 ? 87   SER A N   1 
ATOM   714  C CA  . SER A 1 87  ? -10.468 -0.096  -9.088  1.00 28.84 ? 87   SER A CA  1 
ATOM   715  C C   . SER A 1 87  ? -9.725  -0.595  -10.329 1.00 29.00 ? 87   SER A C   1 
ATOM   716  O O   . SER A 1 87  ? -10.304 -0.682  -11.409 1.00 28.46 ? 87   SER A O   1 
ATOM   717  C CB  . SER A 1 87  ? -10.374 1.426   -9.016  1.00 29.44 ? 87   SER A CB  1 
ATOM   718  O OG  . SER A 1 87  ? -9.022  1.841   -9.003  1.00 33.39 ? 87   SER A OG  1 
ATOM   719  N N   . GLU A 1 88  ? -8.440  -0.903  -10.175 1.00 30.15 ? 88   GLU A N   1 
ATOM   720  C CA  . GLU A 1 88  ? -7.610  -1.410  -11.274 1.00 32.13 ? 88   GLU A CA  1 
ATOM   721  C C   . GLU A 1 88  ? -6.739  -2.500  -10.666 1.00 31.36 ? 88   GLU A C   1 
ATOM   722  O O   . GLU A 1 88  ? -6.081  -2.263  -9.656  1.00 30.24 ? 88   GLU A O   1 
ATOM   723  C CB  . GLU A 1 88  ? -6.719  -0.298  -11.836 1.00 35.60 ? 88   GLU A CB  1 
ATOM   724  C CG  . GLU A 1 88  ? -7.471  0.935   -12.312 1.00 41.59 ? 88   GLU A CG  1 
ATOM   725  C CD  . GLU A 1 88  ? -8.133  0.743   -13.666 1.00 44.75 ? 88   GLU A CD  1 
ATOM   726  O OE1 . GLU A 1 88  ? -8.865  -0.259  -13.843 1.00 45.77 ? 88   GLU A OE1 1 
ATOM   727  O OE2 . GLU A 1 88  ? -7.921  1.603   -14.551 1.00 46.56 ? 88   GLU A OE2 1 
ATOM   728  N N   . LYS A 1 89  ? -6.712  -3.685  -11.270 1.00 30.56 ? 89   LYS A N   1 
ATOM   729  C CA  . LYS A 1 89  ? -5.927  -4.775  -10.692 1.00 30.29 ? 89   LYS A CA  1 
ATOM   730  C C   . LYS A 1 89  ? -4.444  -4.880  -11.094 1.00 28.70 ? 89   LYS A C   1 
ATOM   731  O O   . LYS A 1 89  ? -3.630  -5.375  -10.316 1.00 28.48 ? 89   LYS A O   1 
ATOM   732  C CB  . LYS A 1 89  ? -6.634  -6.116  -10.951 1.00 31.84 ? 89   LYS A CB  1 
ATOM   733  C CG  . LYS A 1 89  ? -6.262  -7.194  -9.942  1.00 33.76 ? 89   LYS A CG  1 
ATOM   734  C CD  . LYS A 1 89  ? -7.288  -8.309  -9.888  1.00 35.12 ? 89   LYS A CD  1 
ATOM   735  C CE  . LYS A 1 89  ? -6.997  -9.255  -8.725  1.00 36.36 ? 89   LYS A CE  1 
ATOM   736  N NZ  . LYS A 1 89  ? -7.969  -10.388 -8.663  1.00 40.08 ? 89   LYS A NZ  1 
ATOM   737  N N   . GLU A 1 90  ? -4.087  -4.405  -12.282 1.00 27.23 ? 90   GLU A N   1 
ATOM   738  C CA  . GLU A 1 90  ? -2.702  -4.492  -12.746 1.00 27.39 ? 90   GLU A CA  1 
ATOM   739  C C   . GLU A 1 90  ? -1.747  -3.393  -12.281 1.00 25.06 ? 90   GLU A C   1 
ATOM   740  O O   . GLU A 1 90  ? -2.101  -2.216  -12.238 1.00 24.66 ? 90   GLU A O   1 
ATOM   741  C CB  . GLU A 1 90  ? -2.645  -4.530  -14.277 1.00 30.29 ? 90   GLU A CB  1 
ATOM   742  C CG  . GLU A 1 90  ? -3.350  -5.704  -14.934 1.00 36.54 ? 90   GLU A CG  1 
ATOM   743  C CD  . GLU A 1 90  ? -3.055  -5.801  -16.429 1.00 38.84 ? 90   GLU A CD  1 
ATOM   744  O OE1 . GLU A 1 90  ? -3.725  -6.597  -17.119 1.00 42.74 ? 90   GLU A OE1 1 
ATOM   745  O OE2 . GLU A 1 90  ? -2.146  -5.088  -16.916 1.00 41.02 ? 90   GLU A OE2 1 
ATOM   746  N N   . GLY A 1 91  ? -0.527  -3.807  -11.951 1.00 22.44 ? 91   GLY A N   1 
ATOM   747  C CA  . GLY A 1 91  ? 0.527   -2.891  -11.550 1.00 20.09 ? 91   GLY A CA  1 
ATOM   748  C C   . GLY A 1 91  ? 0.356   -1.953  -10.373 1.00 18.15 ? 91   GLY A C   1 
ATOM   749  O O   . GLY A 1 91  ? 0.784   -0.793  -10.442 1.00 16.31 ? 91   GLY A O   1 
ATOM   750  N N   . ASN A 1 92  ? -0.249  -2.433  -9.291  1.00 17.62 ? 92   ASN A N   1 
ATOM   751  C CA  . ASN A 1 92  ? -0.411  -1.599  -8.102  1.00 16.74 ? 92   ASN A CA  1 
ATOM   752  C C   . ASN A 1 92  ? 0.821   -1.670  -7.213  1.00 16.99 ? 92   ASN A C   1 
ATOM   753  O O   . ASN A 1 92  ? 1.302   -2.756  -6.874  1.00 16.19 ? 92   ASN A O   1 
ATOM   754  C CB  . ASN A 1 92  ? -1.629  -2.028  -7.278  1.00 18.32 ? 92   ASN A CB  1 
ATOM   755  C CG  . ASN A 1 92  ? -2.936  -1.541  -7.866  1.00 16.11 ? 92   ASN A CG  1 
ATOM   756  O OD1 . ASN A 1 92  ? -3.182  -0.340  -7.945  1.00 18.44 ? 92   ASN A OD1 1 
ATOM   757  N ND2 . ASN A 1 92  ? -3.781  -2.473  -8.283  1.00 18.24 ? 92   ASN A ND2 1 
ATOM   758  N N   . LEU A 1 93  ? 1.342   -0.507  -6.845  1.00 15.27 ? 93   LEU A N   1 
ATOM   759  C CA  . LEU A 1 93  ? 2.487   -0.456  -5.949  1.00 16.31 ? 93   LEU A CA  1 
ATOM   760  C C   . LEU A 1 93  ? 2.075   0.342   -4.728  1.00 16.21 ? 93   LEU A C   1 
ATOM   761  O O   . LEU A 1 93  ? 1.451   1.396   -4.847  1.00 16.53 ? 93   LEU A O   1 
ATOM   762  C CB  . LEU A 1 93  ? 3.693   0.227   -6.595  1.00 15.62 ? 93   LEU A CB  1 
ATOM   763  C CG  . LEU A 1 93  ? 4.926   0.282   -5.682  1.00 16.78 ? 93   LEU A CG  1 
ATOM   764  C CD1 . LEU A 1 93  ? 5.496   -1.126  -5.534  1.00 16.46 ? 93   LEU A CD1 1 
ATOM   765  C CD2 . LEU A 1 93  ? 5.977   1.210   -6.261  1.00 19.53 ? 93   LEU A CD2 1 
ATOM   766  N N   . VAL A 1 94  ? 2.396   -0.183  -3.555  1.00 15.33 ? 94   VAL A N   1 
ATOM   767  C CA  . VAL A 1 94  ? 2.109   0.511   -2.308  1.00 14.98 ? 94   VAL A CA  1 
ATOM   768  C C   . VAL A 1 94  ? 3.481   0.739   -1.685  1.00 15.15 ? 94   VAL A C   1 
ATOM   769  O O   . VAL A 1 94  ? 4.304   -0.174  -1.657  1.00 14.49 ? 94   VAL A O   1 
ATOM   770  C CB  . VAL A 1 94  ? 1.245   -0.359  -1.349  1.00 15.17 ? 94   VAL A CB  1 
ATOM   771  C CG1 . VAL A 1 94  ? 0.981   0.394   -0.044  1.00 13.52 ? 94   VAL A CG1 1 
ATOM   772  C CG2 . VAL A 1 94  ? -0.078  -0.717  -2.019  1.00 14.09 ? 94   VAL A CG2 1 
ATOM   773  N N   . HIS A 1 95  ? 3.751   1.955   -1.219  1.00 15.66 ? 95   HIS A N   1 
ATOM   774  C CA  . HIS A 1 95  ? 5.041   2.219   -0.595  1.00 15.89 ? 95   HIS A CA  1 
ATOM   775  C C   . HIS A 1 95  ? 4.913   3.165   0.585   1.00 16.38 ? 95   HIS A C   1 
ATOM   776  O O   . HIS A 1 95  ? 3.970   3.952   0.659   1.00 16.08 ? 95   HIS A O   1 
ATOM   777  C CB  . HIS A 1 95  ? 6.042   2.774   -1.634  1.00 15.24 ? 95   HIS A CB  1 
ATOM   778  C CG  . HIS A 1 95  ? 6.007   4.264   -1.809  1.00 14.35 ? 95   HIS A CG  1 
ATOM   779  N ND1 . HIS A 1 95  ? 6.547   5.138   -0.887  1.00 15.81 ? 95   HIS A ND1 1 
ATOM   780  C CD2 . HIS A 1 95  ? 5.510   5.035   -2.807  1.00 14.18 ? 95   HIS A CD2 1 
ATOM   781  C CE1 . HIS A 1 95  ? 6.384   6.379   -1.310  1.00 16.97 ? 95   HIS A CE1 1 
ATOM   782  N NE2 . HIS A 1 95  ? 5.757   6.345   -2.474  1.00 16.51 ? 95   HIS A NE2 1 
ATOM   783  N N   . CYS A 1 96  ? 5.839   3.038   1.532   1.00 17.71 ? 96   CYS A N   1 
ATOM   784  C CA  . CYS A 1 96  ? 5.898   3.917   2.696   1.00 17.21 ? 96   CYS A CA  1 
ATOM   785  C C   . CYS A 1 96  ? 7.352   4.368   2.708   1.00 17.64 ? 96   CYS A C   1 
ATOM   786  O O   . CYS A 1 96  ? 7.893   4.686   1.650   1.00 16.34 ? 96   CYS A O   1 
ATOM   787  C CB  . CYS A 1 96  ? 5.508   3.190   4.006   1.00 17.10 ? 96   CYS A CB  1 
ATOM   788  S SG  . CYS A 1 96  ? 6.310   1.596   4.412   1.00 23.58 ? 96   CYS A SG  1 
ATOM   789  N N   . VAL A 1 97  ? 7.997   4.400   3.869   1.00 17.05 ? 97   VAL A N   1 
ATOM   790  C CA  . VAL A 1 97  ? 9.403   4.804   3.910   1.00 16.84 ? 97   VAL A CA  1 
ATOM   791  C C   . VAL A 1 97  ? 10.304  3.593   3.658   1.00 16.83 ? 97   VAL A C   1 
ATOM   792  O O   . VAL A 1 97  ? 11.111  3.599   2.730   1.00 18.34 ? 97   VAL A O   1 
ATOM   793  C CB  . VAL A 1 97  ? 9.759   5.465   5.266   1.00 17.47 ? 97   VAL A CB  1 
ATOM   794  C CG1 . VAL A 1 97  ? 11.272  5.715   5.359   1.00 18.17 ? 97   VAL A CG1 1 
ATOM   795  C CG2 . VAL A 1 97  ? 9.013   6.800   5.397   1.00 16.72 ? 97   VAL A CG2 1 
ATOM   796  N N   . GLY A 1 98  ? 10.157  2.546   4.470   1.00 18.22 ? 98   GLY A N   1 
ATOM   797  C CA  . GLY A 1 98  ? 10.969  1.355   4.281   1.00 17.88 ? 98   GLY A CA  1 
ATOM   798  C C   . GLY A 1 98  ? 10.260  0.247   3.513   1.00 19.33 ? 98   GLY A C   1 
ATOM   799  O O   . GLY A 1 98  ? 10.905  -0.677  3.007   1.00 20.38 ? 98   GLY A O   1 
ATOM   800  N N   . GLY A 1 99  ? 8.934   0.338   3.426   1.00 18.05 ? 99   GLY A N   1 
ATOM   801  C CA  . GLY A 1 99  ? 8.150   -0.670  2.724   1.00 19.57 ? 99   GLY A CA  1 
ATOM   802  C C   . GLY A 1 99  ? 7.928   -1.940  3.537   1.00 19.77 ? 99   GLY A C   1 
ATOM   803  O O   . GLY A 1 99  ? 7.569   -2.982  2.991   1.00 18.59 ? 99   GLY A O   1 
ATOM   804  N N   . ILE A 1 100 ? 8.118   -1.845  4.851   1.00 19.09 ? 100  ILE A N   1 
ATOM   805  C CA  . ILE A 1 100 ? 7.976   -2.998  5.736   1.00 20.02 ? 100  ILE A CA  1 
ATOM   806  C C   . ILE A 1 100 ? 6.734   -2.980  6.626   1.00 20.10 ? 100  ILE A C   1 
ATOM   807  O O   . ILE A 1 100 ? 5.838   -3.811  6.471   1.00 21.55 ? 100  ILE A O   1 
ATOM   808  C CB  . ILE A 1 100 ? 9.231   -3.137  6.626   1.00 20.64 ? 100  ILE A CB  1 
ATOM   809  C CG1 . ILE A 1 100 ? 10.458  -3.363  5.732   1.00 20.62 ? 100  ILE A CG1 1 
ATOM   810  C CG2 . ILE A 1 100 ? 9.056   -4.282  7.616   1.00 21.48 ? 100  ILE A CG2 1 
ATOM   811  C CD1 . ILE A 1 100 ? 11.787  -3.300  6.461   1.00 21.45 ? 100  ILE A CD1 1 
ATOM   812  N N   . GLY A 1 101 ? 6.684   -2.037  7.560   1.00 19.80 ? 101  GLY A N   1 
ATOM   813  C CA  . GLY A 1 101 ? 5.552   -1.964  8.463   1.00 18.51 ? 101  GLY A CA  1 
ATOM   814  C C   . GLY A 1 101 ? 4.242   -1.539  7.828   1.00 17.83 ? 101  GLY A C   1 
ATOM   815  O O   . GLY A 1 101 ? 3.322   -2.346  7.678   1.00 18.17 ? 101  GLY A O   1 
ATOM   816  N N   . ARG A 1 102 ? 4.157   -0.265  7.461   1.00 15.82 ? 102  ARG A N   1 
ATOM   817  C CA  . ARG A 1 102 ? 2.952   0.296   6.863   1.00 15.00 ? 102  ARG A CA  1 
ATOM   818  C C   . ARG A 1 102 ? 2.556   -0.365  5.563   1.00 13.59 ? 102  ARG A C   1 
ATOM   819  O O   . ARG A 1 102 ? 1.395   -0.731  5.379   1.00 14.23 ? 102  ARG A O   1 
ATOM   820  C CB  . ARG A 1 102 ? 3.132   1.800   6.646   1.00 15.26 ? 102  ARG A CB  1 
ATOM   821  C CG  . ARG A 1 102 ? 3.043   2.616   7.927   1.00 17.77 ? 102  ARG A CG  1 
ATOM   822  C CD  . ARG A 1 102 ? 3.449   4.075   7.707   1.00 15.80 ? 102  ARG A CD  1 
ATOM   823  N NE  . ARG A 1 102 ? 4.897   4.219   7.603   1.00 16.19 ? 102  ARG A NE  1 
ATOM   824  C CZ  . ARG A 1 102 ? 5.533   5.384   7.570   1.00 18.13 ? 102  ARG A CZ  1 
ATOM   825  N NH1 . ARG A 1 102 ? 4.850   6.519   7.630   1.00 16.20 ? 102  ARG A NH1 1 
ATOM   826  N NH2 . ARG A 1 102 ? 6.856   5.417   7.482   1.00 18.93 ? 102  ARG A NH2 1 
ATOM   827  N N   . THR A 1 103 ? 3.518   -0.509  4.658   1.00 12.38 ? 103  THR A N   1 
ATOM   828  C CA  . THR A 1 103 ? 3.266   -1.128  3.369   1.00 12.47 ? 103  THR A CA  1 
ATOM   829  C C   . THR A 1 103 ? 2.825   -2.562  3.586   1.00 13.04 ? 103  THR A C   1 
ATOM   830  O O   . THR A 1 103 ? 1.833   -3.003  3.013   1.00 12.36 ? 103  THR A O   1 
ATOM   831  C CB  . THR A 1 103 ? 4.535   -1.111  2.475   1.00 13.67 ? 103  THR A CB  1 
ATOM   832  O OG1 . THR A 1 103 ? 4.870   0.242   2.156   1.00 14.81 ? 103  THR A OG1 1 
ATOM   833  C CG2 . THR A 1 103 ? 4.295   -1.862  1.180   1.00 13.92 ? 103  THR A CG2 1 
ATOM   834  N N   . GLY A 1 104 ? 3.557   -3.279  4.434   1.00 12.95 ? 104  GLY A N   1 
ATOM   835  C CA  . GLY A 1 104 ? 3.216   -4.663  4.710   1.00 14.57 ? 104  GLY A CA  1 
ATOM   836  C C   . GLY A 1 104 ? 1.808   -4.832  5.249   1.00 15.01 ? 104  GLY A C   1 
ATOM   837  O O   . GLY A 1 104 ? 1.129   -5.808  4.937   1.00 16.55 ? 104  GLY A O   1 
ATOM   838  N N   . THR A 1 105 ? 1.367   -3.883  6.066   1.00 15.39 ? 105  THR A N   1 
ATOM   839  C CA  . THR A 1 105 ? 0.033   -3.943  6.640   1.00 15.33 ? 105  THR A CA  1 
ATOM   840  C C   . THR A 1 105 ? -1.021  -3.784  5.560   1.00 14.91 ? 105  THR A C   1 
ATOM   841  O O   . THR A 1 105 ? -1.992  -4.529  5.522   1.00 13.63 ? 105  THR A O   1 
ATOM   842  C CB  . THR A 1 105 ? -0.166  -2.841  7.696   1.00 17.52 ? 105  THR A CB  1 
ATOM   843  O OG1 . THR A 1 105 ? 0.813   -2.997  8.730   1.00 19.02 ? 105  THR A OG1 1 
ATOM   844  C CG2 . THR A 1 105 ? -1.564  -2.926  8.308   1.00 17.52 ? 105  THR A CG2 1 
ATOM   845  N N   . ILE A 1 106 ? -0.836  -2.810  4.677   1.00 13.37 ? 106  ILE A N   1 
ATOM   846  C CA  . ILE A 1 106 ? -1.810  -2.606  3.615   1.00 12.55 ? 106  ILE A CA  1 
ATOM   847  C C   . ILE A 1 106 ? -1.849  -3.800  2.685   1.00 12.31 ? 106  ILE A C   1 
ATOM   848  O O   . ILE A 1 106 ? -2.921  -4.215  2.255   1.00 13.00 ? 106  ILE A O   1 
ATOM   849  C CB  . ILE A 1 106 ? -1.505  -1.352  2.790   1.00 12.62 ? 106  ILE A CB  1 
ATOM   850  C CG1 . ILE A 1 106 ? -1.632  -0.110  3.684   1.00 14.54 ? 106  ILE A CG1 1 
ATOM   851  C CG2 . ILE A 1 106 ? -2.460  -1.276  1.582   1.00 10.44 ? 106  ILE A CG2 1 
ATOM   852  C CD1 . ILE A 1 106 ? -2.972  0.017   4.402   1.00 14.22 ? 106  ILE A CD1 1 
ATOM   853  N N   . LEU A 1 107 ? -0.684  -4.355  2.373   1.00 12.11 ? 107  LEU A N   1 
ATOM   854  C CA  . LEU A 1 107 ? -0.626  -5.509  1.491   1.00 11.86 ? 107  LEU A CA  1 
ATOM   855  C C   . LEU A 1 107 ? -1.348  -6.709  2.097   1.00 12.65 ? 107  LEU A C   1 
ATOM   856  O O   . LEU A 1 107 ? -2.132  -7.371  1.415   1.00 12.54 ? 107  LEU A O   1 
ATOM   857  C CB  . LEU A 1 107 ? 0.830   -5.856  1.166   1.00 11.93 ? 107  LEU A CB  1 
ATOM   858  C CG  . LEU A 1 107 ? 1.481   -4.795  0.261   1.00 12.68 ? 107  LEU A CG  1 
ATOM   859  C CD1 . LEU A 1 107 ? 2.964   -5.082  0.063   1.00 14.22 ? 107  LEU A CD1 1 
ATOM   860  C CD2 . LEU A 1 107 ? 0.761   -4.779  -1.085  1.00 11.58 ? 107  LEU A CD2 1 
ATOM   861  N N   . ALA A 1 108 ? -1.099  -6.985  3.372   1.00 12.21 ? 108  ALA A N   1 
ATOM   862  C CA  . ALA A 1 108 ? -1.759  -8.114  4.029   1.00 13.78 ? 108  ALA A CA  1 
ATOM   863  C C   . ALA A 1 108 ? -3.272  -7.900  4.033   1.00 14.18 ? 108  ALA A C   1 
ATOM   864  O O   . ALA A 1 108 ? -4.035  -8.842  3.813   1.00 13.56 ? 108  ALA A O   1 
ATOM   865  C CB  . ALA A 1 108 ? -1.242  -8.274  5.460   1.00 14.59 ? 108  ALA A CB  1 
ATOM   866  N N   . SER A 1 109 ? -3.700  -6.661  4.274   1.00 14.38 ? 109  SER A N   1 
ATOM   867  C CA  . SER A 1 109 ? -5.131  -6.331  4.292   1.00 16.38 ? 109  SER A CA  1 
ATOM   868  C C   . SER A 1 109 ? -5.786  -6.609  2.943   1.00 15.70 ? 109  SER A C   1 
ATOM   869  O O   . SER A 1 109 ? -6.932  -7.057  2.876   1.00 17.75 ? 109  SER A O   1 
ATOM   870  C CB  . SER A 1 109 ? -5.342  -4.857  4.637   1.00 17.25 ? 109  SER A CB  1 
ATOM   871  O OG  . SER A 1 109 ? -4.941  -4.594  5.966   1.00 24.07 ? 109  SER A OG  1 
ATOM   872  N N   . TYR A 1 110 ? -5.051  -6.320  1.875   1.00 13.63 ? 110  TYR A N   1 
ATOM   873  C CA  . TYR A 1 110 ? -5.526  -6.532  0.515   1.00 14.59 ? 110  TYR A CA  1 
ATOM   874  C C   . TYR A 1 110 ? -5.809  -8.014  0.295   1.00 14.42 ? 110  TYR A C   1 
ATOM   875  O O   . TYR A 1 110 ? -6.867  -8.388  -0.218  1.00 14.27 ? 110  TYR A O   1 
ATOM   876  C CB  . TYR A 1 110 ? -4.460  -6.074  -0.479  1.00 11.34 ? 110  TYR A CB  1 
ATOM   877  C CG  . TYR A 1 110 ? -4.848  -6.265  -1.923  1.00 13.89 ? 110  TYR A CG  1 
ATOM   878  C CD1 . TYR A 1 110 ? -5.670  -5.344  -2.575  1.00 16.16 ? 110  TYR A CD1 1 
ATOM   879  C CD2 . TYR A 1 110 ? -4.388  -7.368  -2.642  1.00 10.29 ? 110  TYR A CD2 1 
ATOM   880  C CE1 . TYR A 1 110 ? -6.024  -5.520  -3.912  1.00 15.57 ? 110  TYR A CE1 1 
ATOM   881  C CE2 . TYR A 1 110 ? -4.734  -7.550  -3.975  1.00 13.41 ? 110  TYR A CE2 1 
ATOM   882  C CZ  . TYR A 1 110 ? -5.551  -6.629  -4.601  1.00 15.86 ? 110  TYR A CZ  1 
ATOM   883  O OH  . TYR A 1 110 ? -5.913  -6.837  -5.914  1.00 15.74 ? 110  TYR A OH  1 
ATOM   884  N N   . LEU A 1 111 ? -4.851  -8.849  0.675   1.00 13.72 ? 111  LEU A N   1 
ATOM   885  C CA  . LEU A 1 111 ? -4.991  -10.296 0.535   1.00 15.01 ? 111  LEU A CA  1 
ATOM   886  C C   . LEU A 1 111 ? -6.187  -10.804 1.333   1.00 16.47 ? 111  LEU A C   1 
ATOM   887  O O   . LEU A 1 111 ? -6.957  -11.647 0.856   1.00 17.24 ? 111  LEU A O   1 
ATOM   888  C CB  . LEU A 1 111 ? -3.725  -10.996 1.028   1.00 14.01 ? 111  LEU A CB  1 
ATOM   889  C CG  . LEU A 1 111 ? -2.465  -10.701 0.211   1.00 14.65 ? 111  LEU A CG  1 
ATOM   890  C CD1 . LEU A 1 111 ? -1.281  -11.410 0.845   1.00 13.44 ? 111  LEU A CD1 1 
ATOM   891  C CD2 . LEU A 1 111 ? -2.673  -11.147 -1.226  1.00 15.05 ? 111  LEU A CD2 1 
ATOM   892  N N   . ILE A 1 112 ? -6.327  -10.305 2.556   1.00 16.25 ? 112  ILE A N   1 
ATOM   893  C CA  . ILE A 1 112 ? -7.438  -10.704 3.404   1.00 14.80 ? 112  ILE A CA  1 
ATOM   894  C C   . ILE A 1 112 ? -8.769  -10.443 2.714   1.00 14.11 ? 112  ILE A C   1 
ATOM   895  O O   . ILE A 1 112 ? -9.622  -11.326 2.645   1.00 13.25 ? 112  ILE A O   1 
ATOM   896  C CB  . ILE A 1 112 ? -7.412  -9.949  4.748   1.00 14.48 ? 112  ILE A CB  1 
ATOM   897  C CG1 . ILE A 1 112 ? -6.211  -10.417 5.573   1.00 14.08 ? 112  ILE A CG1 1 
ATOM   898  C CG2 . ILE A 1 112 ? -8.710  -10.176 5.505   1.00 14.24 ? 112  ILE A CG2 1 
ATOM   899  C CD1 . ILE A 1 112 ? -6.115  -9.785  6.961   1.00 12.78 ? 112  ILE A CD1 1 
ATOM   900  N N   . LEU A 1 113 ? -8.944  -9.231  2.198   1.00 13.52 ? 113  LEU A N   1 
ATOM   901  C CA  . LEU A 1 113 ? -10.192 -8.862  1.533   1.00 13.81 ? 113  LEU A CA  1 
ATOM   902  C C   . LEU A 1 113 ? -10.435 -9.552  0.189   1.00 15.17 ? 113  LEU A C   1 
ATOM   903  O O   . LEU A 1 113 ? -11.530 -10.066 -0.055  1.00 16.82 ? 113  LEU A O   1 
ATOM   904  C CB  . LEU A 1 113 ? -10.255 -7.340  1.328   1.00 15.26 ? 113  LEU A CB  1 
ATOM   905  C CG  . LEU A 1 113 ? -10.296 -6.431  2.567   1.00 17.05 ? 113  LEU A CG  1 
ATOM   906  C CD1 . LEU A 1 113 ? -10.405 -4.980  2.122   1.00 16.03 ? 113  LEU A CD1 1 
ATOM   907  C CD2 . LEU A 1 113 ? -11.481 -6.798  3.452   1.00 16.50 ? 113  LEU A CD2 1 
ATOM   908  N N   . THR A 1 114 ? -9.421  -9.574  -0.674  1.00 14.88 ? 114  THR A N   1 
ATOM   909  C CA  . THR A 1 114 ? -9.556  -10.165 -2.010  1.00 14.20 ? 114  THR A CA  1 
ATOM   910  C C   . THR A 1 114 ? -9.490  -11.688 -2.089  1.00 14.30 ? 114  THR A C   1 
ATOM   911  O O   . THR A 1 114 ? -10.051 -12.286 -3.005  1.00 14.47 ? 114  THR A O   1 
ATOM   912  C CB  . THR A 1 114 ? -8.487  -9.602  -2.986  1.00 12.46 ? 114  THR A CB  1 
ATOM   913  O OG1 . THR A 1 114 ? -7.186  -9.993  -2.540  1.00 14.48 ? 114  THR A OG1 1 
ATOM   914  C CG2 . THR A 1 114 ? -8.553  -8.086  -3.044  1.00 12.25 ? 114  THR A CG2 1 
ATOM   915  N N   . GLU A 1 115 ? -8.811  -12.323 -1.140  1.00 14.95 ? 115  GLU A N   1 
ATOM   916  C CA  . GLU A 1 115 ? -8.683  -13.780 -1.165  1.00 14.39 ? 115  GLU A CA  1 
ATOM   917  C C   . GLU A 1 115 ? -9.306  -14.490 0.023   1.00 15.05 ? 115  GLU A C   1 
ATOM   918  O O   . GLU A 1 115 ? -9.311  -15.723 0.087   1.00 14.30 ? 115  GLU A O   1 
ATOM   919  C CB  . GLU A 1 115 ? -7.209  -14.159 -1.269  1.00 17.98 ? 115  GLU A CB  1 
ATOM   920  C CG  . GLU A 1 115 ? -6.676  -14.033 -2.670  1.00 19.56 ? 115  GLU A CG  1 
ATOM   921  C CD  . GLU A 1 115 ? -5.174  -14.021 -2.726  1.00 23.06 ? 115  GLU A CD  1 
ATOM   922  O OE1 . GLU A 1 115 ? -4.541  -14.824 -2.011  1.00 23.94 ? 115  GLU A OE1 1 
ATOM   923  O OE2 . GLU A 1 115 ? -4.626  -13.210 -3.504  1.00 24.80 ? 115  GLU A OE2 1 
ATOM   924  N N   . GLY A 1 116 ? -9.835  -13.710 0.959   1.00 14.49 ? 116  GLY A N   1 
ATOM   925  C CA  . GLY A 1 116 ? -10.445 -14.283 2.139   1.00 13.64 ? 116  GLY A CA  1 
ATOM   926  C C   . GLY A 1 116 ? -9.442  -14.982 3.037   1.00 16.43 ? 116  GLY A C   1 
ATOM   927  O O   . GLY A 1 116 ? -9.815  -15.874 3.800   1.00 13.25 ? 116  GLY A O   1 
ATOM   928  N N   . LEU A 1 117 ? -8.170  -14.585 2.964   1.00 15.66 ? 117  LEU A N   1 
ATOM   929  C CA  . LEU A 1 117 ? -7.158  -15.222 3.800   1.00 17.07 ? 117  LEU A CA  1 
ATOM   930  C C   . LEU A 1 117 ? -7.332  -14.930 5.281   1.00 17.73 ? 117  LEU A C   1 
ATOM   931  O O   . LEU A 1 117 ? -7.812  -13.864 5.675   1.00 16.85 ? 117  LEU A O   1 
ATOM   932  C CB  . LEU A 1 117 ? -5.745  -14.789 3.391   1.00 17.67 ? 117  LEU A CB  1 
ATOM   933  C CG  . LEU A 1 117 ? -5.202  -15.146 2.005   1.00 17.79 ? 117  LEU A CG  1 
ATOM   934  C CD1 . LEU A 1 117 ? -3.730  -14.758 1.950   1.00 17.79 ? 117  LEU A CD1 1 
ATOM   935  C CD2 . LEU A 1 117 ? -5.357  -16.635 1.726   1.00 17.50 ? 117  LEU A CD2 1 
ATOM   936  N N   . GLU A 1 118 ? -6.954  -15.892 6.115   1.00 19.22 ? 118  GLU A N   1 
ATOM   937  C CA  . GLU A 1 118 ? -7.034  -15.666 7.544   1.00 18.50 ? 118  GLU A CA  1 
ATOM   938  C C   . GLU A 1 118 ? -5.852  -14.744 7.842   1.00 17.81 ? 118  GLU A C   1 
ATOM   939  O O   . GLU A 1 118 ? -4.833  -14.793 7.153   1.00 16.27 ? 118  GLU A O   1 
ATOM   940  C CB  . GLU A 1 118 ? -6.917  -16.983 8.302   1.00 19.44 ? 118  GLU A CB  1 
ATOM   941  C CG  . GLU A 1 118 ? -7.974  -17.991 7.879   1.00 22.69 ? 118  GLU A CG  1 
ATOM   942  C CD  . GLU A 1 118 ? -8.129  -19.136 8.857   1.00 24.21 ? 118  GLU A CD  1 
ATOM   943  O OE1 . GLU A 1 118 ? -7.156  -19.453 9.570   1.00 24.73 ? 118  GLU A OE1 1 
ATOM   944  O OE2 . GLU A 1 118 ? -9.229  -19.727 8.902   1.00 25.92 ? 118  GLU A OE2 1 
ATOM   945  N N   . VAL A 1 119 ? -5.989  -13.902 8.859   1.00 17.82 ? 119  VAL A N   1 
ATOM   946  C CA  . VAL A 1 119 ? -4.936  -12.953 9.192   1.00 18.65 ? 119  VAL A CA  1 
ATOM   947  C C   . VAL A 1 119 ? -3.500  -13.497 9.188   1.00 19.74 ? 119  VAL A C   1 
ATOM   948  O O   . VAL A 1 119 ? -2.607  -12.846 8.646   1.00 17.95 ? 119  VAL A O   1 
ATOM   949  C CB  . VAL A 1 119 ? -5.219  -12.266 10.555  1.00 17.03 ? 119  VAL A CB  1 
ATOM   950  C CG1 . VAL A 1 119 ? -5.187  -13.283 11.685  1.00 17.70 ? 119  VAL A CG1 1 
ATOM   951  C CG2 . VAL A 1 119 ? -4.212  -11.164 10.790  1.00 16.20 ? 119  VAL A CG2 1 
ATOM   952  N N   . GLU A 1 120 ? -3.276  -14.687 9.754   1.00 20.64 ? 120  GLU A N   1 
ATOM   953  C CA  . GLU A 1 120 ? -1.922  -15.253 9.810   1.00 21.86 ? 120  GLU A CA  1 
ATOM   954  C C   . GLU A 1 120 ? -1.346  -15.685 8.455   1.00 22.22 ? 120  GLU A C   1 
ATOM   955  O O   . GLU A 1 120 ? -0.140  -15.575 8.222   1.00 21.86 ? 120  GLU A O   1 
ATOM   956  C CB  . GLU A 1 120 ? -1.862  -16.434 10.799  1.00 22.15 ? 120  GLU A CB  1 
ATOM   957  C CG  . GLU A 1 120 ? -2.558  -17.719 10.339  1.00 25.26 ? 120  GLU A CG  1 
ATOM   958  C CD  . GLU A 1 120 ? -4.070  -17.688 10.513  1.00 26.18 ? 120  GLU A CD  1 
ATOM   959  O OE1 . GLU A 1 120 ? -4.729  -18.698 10.168  1.00 27.33 ? 120  GLU A OE1 1 
ATOM   960  O OE2 . GLU A 1 120 ? -4.600  -16.664 10.996  1.00 27.51 ? 120  GLU A OE2 1 
ATOM   961  N N   . SER A 1 121 ? -2.200  -16.185 7.567   1.00 21.76 ? 121  SER A N   1 
ATOM   962  C CA  . SER A 1 121 ? -1.748  -16.601 6.250   1.00 21.08 ? 121  SER A CA  1 
ATOM   963  C C   . SER A 1 121 ? -1.351  -15.352 5.483   1.00 20.59 ? 121  SER A C   1 
ATOM   964  O O   . SER A 1 121 ? -0.320  -15.328 4.808   1.00 20.02 ? 121  SER A O   1 
ATOM   965  C CB  . SER A 1 121 ? -2.868  -17.323 5.493   1.00 22.22 ? 121  SER A CB  1 
ATOM   966  O OG  . SER A 1 121 ? -3.345  -18.428 6.238   1.00 26.37 ? 121  SER A OG  1 
ATOM   967  N N   . ALA A 1 122 ? -2.178  -14.314 5.591   1.00 19.12 ? 122  ALA A N   1 
ATOM   968  C CA  . ALA A 1 122 ? -1.922  -13.047 4.910   1.00 19.29 ? 122  ALA A CA  1 
ATOM   969  C C   . ALA A 1 122 ? -0.596  -12.430 5.355   1.00 19.93 ? 122  ALA A C   1 
ATOM   970  O O   . ALA A 1 122 ? 0.151   -11.892 4.542   1.00 19.19 ? 122  ALA A O   1 
ATOM   971  C CB  . ALA A 1 122 ? -3.070  -12.073 5.169   1.00 19.10 ? 122  ALA A CB  1 
ATOM   972  N N   . ILE A 1 123 ? -0.301  -12.505 6.649   1.00 20.82 ? 123  ILE A N   1 
ATOM   973  C CA  . ILE A 1 123 ? 0.947   -11.955 7.160   1.00 21.74 ? 123  ILE A CA  1 
ATOM   974  C C   . ILE A 1 123 ? 2.147   -12.767 6.667   1.00 22.96 ? 123  ILE A C   1 
ATOM   975  O O   . ILE A 1 123 ? 3.139   -12.196 6.209   1.00 21.21 ? 123  ILE A O   1 
ATOM   976  C CB  . ILE A 1 123 ? 0.944   -11.903 8.700   1.00 23.11 ? 123  ILE A CB  1 
ATOM   977  C CG1 . ILE A 1 123 ? -0.064  -10.849 9.171   1.00 22.65 ? 123  ILE A CG1 1 
ATOM   978  C CG2 . ILE A 1 123 ? 2.341   -11.576 9.215   1.00 23.60 ? 123  ILE A CG2 1 
ATOM   979  C CD1 . ILE A 1 123 ? -0.245  -10.785 10.676  1.00 22.77 ? 123  ILE A CD1 1 
ATOM   980  N N   . ASP A 1 124 ? 2.055   -14.093 6.750   1.00 24.67 ? 124  ASP A N   1 
ATOM   981  C CA  . ASP A 1 124 ? 3.142   -14.956 6.290   1.00 25.20 ? 124  ASP A CA  1 
ATOM   982  C C   . ASP A 1 124 ? 3.382   -14.743 4.801   1.00 24.13 ? 124  ASP A C   1 
ATOM   983  O O   . ASP A 1 124 ? 4.525   -14.739 4.349   1.00 24.59 ? 124  ASP A O   1 
ATOM   984  C CB  . ASP A 1 124 ? 2.820   -16.438 6.541   1.00 28.80 ? 124  ASP A CB  1 
ATOM   985  C CG  . ASP A 1 124 ? 3.957   -17.373 6.105   1.00 30.24 ? 124  ASP A CG  1 
ATOM   986  O OD1 . ASP A 1 124 ? 5.020   -17.389 6.765   1.00 33.08 ? 124  ASP A OD1 1 
ATOM   987  O OD2 . ASP A 1 124 ? 3.792   -18.091 5.096   1.00 33.41 ? 124  ASP A OD2 1 
ATOM   988  N N   . GLU A 1 125 ? 2.297   -14.577 4.046   1.00 24.72 ? 125  GLU A N   1 
ATOM   989  C CA  . GLU A 1 125 ? 2.374   -14.355 2.603   1.00 25.28 ? 125  GLU A CA  1 
ATOM   990  C C   . GLU A 1 125 ? 3.241   -13.146 2.295   1.00 23.04 ? 125  GLU A C   1 
ATOM   991  O O   . GLU A 1 125 ? 4.125   -13.196 1.437   1.00 22.59 ? 125  GLU A O   1 
ATOM   992  C CB  . GLU A 1 125 ? 0.985   -14.094 2.016   1.00 29.47 ? 125  GLU A CB  1 
ATOM   993  C CG  . GLU A 1 125 ? 0.048   -15.276 1.995   1.00 35.73 ? 125  GLU A CG  1 
ATOM   994  C CD  . GLU A 1 125 ? 0.419   -16.293 0.946   1.00 39.59 ? 125  GLU A CD  1 
ATOM   995  O OE1 . GLU A 1 125 ? 0.437   -15.933 -0.255  1.00 41.44 ? 125  GLU A OE1 1 
ATOM   996  O OE2 . GLU A 1 125 ? 0.690   -17.452 1.326   1.00 41.89 ? 125  GLU A OE2 1 
ATOM   997  N N   . VAL A 1 126 ? 2.976   -12.049 2.995   1.00 21.40 ? 126  VAL A N   1 
ATOM   998  C CA  . VAL A 1 126 ? 3.732   -10.826 2.760   1.00 20.91 ? 126  VAL A CA  1 
ATOM   999  C C   . VAL A 1 126 ? 5.160   -10.935 3.288   1.00 21.48 ? 126  VAL A C   1 
ATOM   1000 O O   . VAL A 1 126 ? 6.090   -10.441 2.656   1.00 22.27 ? 126  VAL A O   1 
ATOM   1001 C CB  . VAL A 1 126 ? 3.032   -9.600  3.390   1.00 20.16 ? 126  VAL A CB  1 
ATOM   1002 C CG1 . VAL A 1 126 ? 3.747   -8.320  2.966   1.00 18.64 ? 126  VAL A CG1 1 
ATOM   1003 C CG2 . VAL A 1 126 ? 1.576   -9.555  2.959   1.00 16.50 ? 126  VAL A CG2 1 
ATOM   1004 N N   . ARG A 1 127 ? 5.338   -11.593 4.432   1.00 22.23 ? 127  ARG A N   1 
ATOM   1005 C CA  . ARG A 1 127 ? 6.673   -11.749 5.002   1.00 23.19 ? 127  ARG A CA  1 
ATOM   1006 C C   . ARG A 1 127 ? 7.585   -12.620 4.149   1.00 24.43 ? 127  ARG A C   1 
ATOM   1007 O O   . ARG A 1 127 ? 8.811   -12.493 4.202   1.00 23.84 ? 127  ARG A O   1 
ATOM   1008 C CB  . ARG A 1 127 ? 6.581   -12.322 6.414   1.00 23.16 ? 127  ARG A CB  1 
ATOM   1009 C CG  . ARG A 1 127 ? 5.991   -11.333 7.386   1.00 24.12 ? 127  ARG A CG  1 
ATOM   1010 C CD  . ARG A 1 127 ? 5.957   -11.849 8.807   1.00 23.91 ? 127  ARG A CD  1 
ATOM   1011 N NE  . ARG A 1 127 ? 5.516   -10.779 9.691   1.00 25.94 ? 127  ARG A NE  1 
ATOM   1012 C CZ  . ARG A 1 127 ? 5.314   -10.908 10.995  1.00 29.08 ? 127  ARG A CZ  1 
ATOM   1013 N NH1 . ARG A 1 127 ? 5.518   -12.079 11.590  1.00 29.96 ? 127  ARG A NH1 1 
ATOM   1014 N NH2 . ARG A 1 127 ? 4.898   -9.864  11.702  1.00 29.21 ? 127  ARG A NH2 1 
ATOM   1015 N N   . LEU A 1 128 ? 6.989   -13.497 3.351   1.00 25.03 ? 128  LEU A N   1 
ATOM   1016 C CA  . LEU A 1 128 ? 7.765   -14.378 2.494   1.00 25.08 ? 128  LEU A CA  1 
ATOM   1017 C C   . LEU A 1 128 ? 8.463   -13.631 1.372   1.00 24.79 ? 128  LEU A C   1 
ATOM   1018 O O   . LEU A 1 128 ? 9.450   -14.117 0.826   1.00 25.65 ? 128  LEU A O   1 
ATOM   1019 C CB  . LEU A 1 128 ? 6.879   -15.484 1.928   1.00 25.33 ? 128  LEU A CB  1 
ATOM   1020 C CG  . LEU A 1 128 ? 6.688   -16.614 2.946   1.00 27.66 ? 128  LEU A CG  1 
ATOM   1021 C CD1 . LEU A 1 128 ? 5.656   -17.611 2.440   1.00 28.53 ? 128  LEU A CD1 1 
ATOM   1022 C CD2 . LEU A 1 128 ? 8.039   -17.300 3.190   1.00 25.97 ? 128  LEU A CD2 1 
ATOM   1023 N N   . VAL A 1 129 ? 7.946   -12.457 1.020   1.00 24.21 ? 129  VAL A N   1 
ATOM   1024 C CA  . VAL A 1 129 ? 8.572   -11.648 -0.019  1.00 22.44 ? 129  VAL A CA  1 
ATOM   1025 C C   . VAL A 1 129 ? 9.168   -10.394 0.615   1.00 22.83 ? 129  VAL A C   1 
ATOM   1026 O O   . VAL A 1 129 ? 10.050  -9.758  0.042   1.00 21.33 ? 129  VAL A O   1 
ATOM   1027 C CB  . VAL A 1 129 ? 7.571   -11.242 -1.134  1.00 22.61 ? 129  VAL A CB  1 
ATOM   1028 C CG1 . VAL A 1 129 ? 7.131   -12.477 -1.903  1.00 23.15 ? 129  VAL A CG1 1 
ATOM   1029 C CG2 . VAL A 1 129 ? 6.369   -10.527 -0.539  1.00 23.46 ? 129  VAL A CG2 1 
ATOM   1030 N N   . ARG A 1 130 ? 8.683   -10.051 1.805   1.00 22.65 ? 130  ARG A N   1 
ATOM   1031 C CA  . ARG A 1 130 ? 9.177   -8.883  2.530   1.00 22.86 ? 130  ARG A CA  1 
ATOM   1032 C C   . ARG A 1 130 ? 9.345   -9.205  4.013   1.00 21.88 ? 130  ARG A C   1 
ATOM   1033 O O   . ARG A 1 130 ? 8.418   -9.073  4.804   1.00 23.55 ? 130  ARG A O   1 
ATOM   1034 C CB  . ARG A 1 130 ? 8.223   -7.693  2.323   1.00 23.13 ? 130  ARG A CB  1 
ATOM   1035 C CG  . ARG A 1 130 ? 8.312   -6.561  3.345   1.00 25.58 ? 130  ARG A CG  1 
ATOM   1036 C CD  . ARG A 1 130 ? 9.705   -6.382  3.924   1.00 28.53 ? 130  ARG A CD  1 
ATOM   1037 N NE  . ARG A 1 130 ? 10.621  -5.659  3.060   1.00 29.72 ? 130  ARG A NE  1 
ATOM   1038 C CZ  . ARG A 1 130 ? 11.926  -5.562  3.298   1.00 32.44 ? 130  ARG A CZ  1 
ATOM   1039 N NH1 . ARG A 1 130 ? 12.450  -6.154  4.365   1.00 31.93 ? 130  ARG A NH1 1 
ATOM   1040 N NH2 . ARG A 1 130 ? 12.704  -4.851  2.492   1.00 31.58 ? 130  ARG A NH2 1 
ATOM   1041 N N   . PRO A 1 131 ? 10.551  -9.630  4.407   1.00 22.91 ? 131  PRO A N   1 
ATOM   1042 C CA  . PRO A 1 131 ? 10.817  -9.969  5.810   1.00 22.86 ? 131  PRO A CA  1 
ATOM   1043 C C   . PRO A 1 131 ? 10.484  -8.810  6.750   1.00 24.02 ? 131  PRO A C   1 
ATOM   1044 O O   . PRO A 1 131 ? 10.830  -7.660  6.476   1.00 22.37 ? 131  PRO A O   1 
ATOM   1045 C CB  . PRO A 1 131 ? 12.310  -10.298 5.806   1.00 22.83 ? 131  PRO A CB  1 
ATOM   1046 C CG  . PRO A 1 131 ? 12.542  -10.816 4.418   1.00 23.24 ? 131  PRO A CG  1 
ATOM   1047 C CD  . PRO A 1 131 ? 11.754  -9.834  3.581   1.00 21.40 ? 131  PRO A CD  1 
ATOM   1048 N N   . GLY A 1 132 ? 9.795   -9.113  7.847   1.00 22.87 ? 132  GLY A N   1 
ATOM   1049 C CA  . GLY A 1 132 ? 9.452   -8.085  8.810   1.00 23.71 ? 132  GLY A CA  1 
ATOM   1050 C C   . GLY A 1 132 ? 8.130   -7.370  8.585   1.00 22.48 ? 132  GLY A C   1 
ATOM   1051 O O   . GLY A 1 132 ? 7.713   -6.585  9.430   1.00 21.37 ? 132  GLY A O   1 
ATOM   1052 N N   . ALA A 1 133 ? 7.473   -7.631  7.457   1.00 22.13 ? 133  ALA A N   1 
ATOM   1053 C CA  . ALA A 1 133 ? 6.194   -6.993  7.143   1.00 22.67 ? 133  ALA A CA  1 
ATOM   1054 C C   . ALA A 1 133 ? 5.259   -6.976  8.345   1.00 22.39 ? 133  ALA A C   1 
ATOM   1055 O O   . ALA A 1 133 ? 5.167   -7.963  9.075   1.00 22.98 ? 133  ALA A O   1 
ATOM   1056 C CB  . ALA A 1 133 ? 5.524   -7.712  5.971   1.00 21.75 ? 133  ALA A CB  1 
ATOM   1057 N N   . VAL A 1 134 ? 4.559   -5.856  8.535   1.00 23.09 ? 134  VAL A N   1 
ATOM   1058 C CA  . VAL A 1 134 ? 3.622   -5.681  9.654   1.00 23.08 ? 134  VAL A CA  1 
ATOM   1059 C C   . VAL A 1 134 ? 4.462   -5.623  10.931  1.00 25.77 ? 134  VAL A C   1 
ATOM   1060 O O   . VAL A 1 134 ? 4.692   -6.636  11.597  1.00 27.03 ? 134  VAL A O   1 
ATOM   1061 C CB  . VAL A 1 134 ? 2.607   -6.846  9.743   1.00 22.77 ? 134  VAL A CB  1 
ATOM   1062 C CG1 . VAL A 1 134 ? 1.532   -6.529  10.784  1.00 21.72 ? 134  VAL A CG1 1 
ATOM   1063 C CG2 . VAL A 1 134 ? 1.967   -7.074  8.388   1.00 22.23 ? 134  VAL A CG2 1 
ATOM   1064 N N   . GLN A 1 135 ? 4.903   -4.413  11.257  1.00 25.79 ? 135  GLN A N   1 
ATOM   1065 C CA  . GLN A 1 135 ? 5.774   -4.155  12.398  1.00 28.30 ? 135  GLN A CA  1 
ATOM   1066 C C   . GLN A 1 135 ? 5.192   -4.050  13.802  1.00 27.07 ? 135  GLN A C   1 
ATOM   1067 O O   . GLN A 1 135 ? 5.701   -4.677  14.731  1.00 26.61 ? 135  GLN A O   1 
ATOM   1068 C CB  . GLN A 1 135 ? 6.585   -2.883  12.127  1.00 30.25 ? 135  GLN A CB  1 
ATOM   1069 C CG  . GLN A 1 135 ? 7.690   -3.025  11.094  1.00 35.02 ? 135  GLN A CG  1 
ATOM   1070 C CD  . GLN A 1 135 ? 8.879   -3.801  11.627  1.00 38.36 ? 135  GLN A CD  1 
ATOM   1071 O OE1 . GLN A 1 135 ? 8.801   -5.012  11.835  1.00 41.25 ? 135  GLN A OE1 1 
ATOM   1072 N NE2 . GLN A 1 135 ? 9.987   -3.102  11.864  1.00 39.48 ? 135  GLN A NE2 1 
ATOM   1073 N N   . THR A 1 136 ? 4.145   -3.252  13.972  1.00 25.90 ? 136  THR A N   1 
ATOM   1074 C CA  . THR A 1 136 ? 3.591   -3.045  15.305  1.00 24.65 ? 136  THR A CA  1 
ATOM   1075 C C   . THR A 1 136 ? 2.374   -3.870  15.694  1.00 25.05 ? 136  THR A C   1 
ATOM   1076 O O   . THR A 1 136 ? 1.741   -4.509  14.858  1.00 24.30 ? 136  THR A O   1 
ATOM   1077 C CB  . THR A 1 136 ? 3.246   -1.553  15.524  1.00 23.08 ? 136  THR A CB  1 
ATOM   1078 O OG1 . THR A 1 136 ? 2.269   -1.143  14.562  1.00 20.76 ? 136  THR A OG1 1 
ATOM   1079 C CG2 . THR A 1 136 ? 4.497   -0.686  15.374  1.00 20.61 ? 136  THR A CG2 1 
ATOM   1080 N N   . TYR A 1 137 ? 2.062   -3.845  16.988  1.00 25.36 ? 137  TYR A N   1 
ATOM   1081 C CA  . TYR A 1 137 ? 0.912   -4.561  17.525  1.00 24.95 ? 137  TYR A CA  1 
ATOM   1082 C C   . TYR A 1 137 ? -0.353  -3.916  16.984  1.00 22.84 ? 137  TYR A C   1 
ATOM   1083 O O   . TYR A 1 137 ? -1.338  -4.593  16.708  1.00 21.69 ? 137  TYR A O   1 
ATOM   1084 C CB  . TYR A 1 137 ? 0.914   -4.482  19.050  1.00 27.68 ? 137  TYR A CB  1 
ATOM   1085 C CG  . TYR A 1 137 ? 1.995   -5.296  19.712  1.00 30.62 ? 137  TYR A CG  1 
ATOM   1086 C CD1 . TYR A 1 137 ? 2.726   -4.775  20.783  1.00 33.68 ? 137  TYR A CD1 1 
ATOM   1087 C CD2 . TYR A 1 137 ? 2.267   -6.598  19.295  1.00 31.95 ? 137  TYR A CD2 1 
ATOM   1088 C CE1 . TYR A 1 137 ? 3.699   -5.530  21.424  1.00 35.62 ? 137  TYR A CE1 1 
ATOM   1089 C CE2 . TYR A 1 137 ? 3.236   -7.369  19.929  1.00 35.53 ? 137  TYR A CE2 1 
ATOM   1090 C CZ  . TYR A 1 137 ? 3.948   -6.829  20.995  1.00 36.70 ? 137  TYR A CZ  1 
ATOM   1091 O OH  . TYR A 1 137 ? 4.893   -7.589  21.648  1.00 38.88 ? 137  TYR A OH  1 
ATOM   1092 N N   . GLU A 1 138 ? -0.310  -2.597  16.835  1.00 22.31 ? 138  GLU A N   1 
ATOM   1093 C CA  . GLU A 1 138 ? -1.445  -1.855  16.314  1.00 22.32 ? 138  GLU A CA  1 
ATOM   1094 C C   . GLU A 1 138 ? -1.752  -2.321  14.888  1.00 21.38 ? 138  GLU A C   1 
ATOM   1095 O O   . GLU A 1 138 ? -2.913  -2.443  14.497  1.00 21.79 ? 138  GLU A O   1 
ATOM   1096 C CB  . GLU A 1 138 ? -1.133  -0.358  16.321  1.00 24.66 ? 138  GLU A CB  1 
ATOM   1097 C CG  . GLU A 1 138 ? -2.300  0.517   15.907  1.00 27.68 ? 138  GLU A CG  1 
ATOM   1098 C CD  . GLU A 1 138 ? -1.948  1.997   15.875  1.00 30.16 ? 138  GLU A CD  1 
ATOM   1099 O OE1 . GLU A 1 138 ? -2.835  2.803   15.536  1.00 31.37 ? 138  GLU A OE1 1 
ATOM   1100 O OE2 . GLU A 1 138 ? -0.791  2.355   16.186  1.00 30.91 ? 138  GLU A OE2 1 
ATOM   1101 N N   . GLN A 1 139 ? -0.704  -2.586  14.116  1.00 20.00 ? 139  GLN A N   1 
ATOM   1102 C CA  . GLN A 1 139 ? -0.876  -3.042  12.742  1.00 19.55 ? 139  GLN A CA  1 
ATOM   1103 C C   . GLN A 1 139 ? -1.395  -4.478  12.722  1.00 20.28 ? 139  GLN A C   1 
ATOM   1104 O O   . GLN A 1 139 ? -2.255  -4.828  11.912  1.00 18.06 ? 139  GLN A O   1 
ATOM   1105 C CB  . GLN A 1 139 ? 0.447   -2.920  11.979  1.00 18.04 ? 139  GLN A CB  1 
ATOM   1106 C CG  . GLN A 1 139 ? 0.901   -1.474  11.813  1.00 16.25 ? 139  GLN A CG  1 
ATOM   1107 C CD  . GLN A 1 139 ? 2.292   -1.346  11.229  1.00 16.63 ? 139  GLN A CD  1 
ATOM   1108 O OE1 . GLN A 1 139 ? 3.098   -2.267  11.323  1.00 17.73 ? 139  GLN A OE1 1 
ATOM   1109 N NE2 . GLN A 1 139 ? 2.588   -0.190  10.636  1.00 16.19 ? 139  GLN A NE2 1 
ATOM   1110 N N   . GLU A 1 140 ? -0.882  -5.303  13.630  1.00 21.09 ? 140  GLU A N   1 
ATOM   1111 C CA  . GLU A 1 140 ? -1.318  -6.694  13.731  1.00 22.81 ? 140  GLU A CA  1 
ATOM   1112 C C   . GLU A 1 140 ? -2.776  -6.773  14.189  1.00 23.34 ? 140  GLU A C   1 
ATOM   1113 O O   . GLU A 1 140 ? -3.544  -7.596  13.685  1.00 24.02 ? 140  GLU A O   1 
ATOM   1114 C CB  . GLU A 1 140 ? -0.432  -7.454  14.718  1.00 24.83 ? 140  GLU A CB  1 
ATOM   1115 C CG  . GLU A 1 140 ? 1.023   -7.522  14.286  1.00 31.13 ? 140  GLU A CG  1 
ATOM   1116 C CD  . GLU A 1 140 ? 1.891   -8.267  15.282  1.00 32.44 ? 140  GLU A CD  1 
ATOM   1117 O OE1 . GLU A 1 140 ? 3.094   -8.449  14.997  1.00 33.14 ? 140  GLU A OE1 1 
ATOM   1118 O OE2 . GLU A 1 140 ? 1.371   -8.669  16.347  1.00 34.07 ? 140  GLU A OE2 1 
ATOM   1119 N N   . MET A 1 141 ? -3.149  -5.927  15.147  1.00 22.21 ? 141  MET A N   1 
ATOM   1120 C CA  . MET A 1 141 ? -4.522  -5.901  15.663  1.00 23.27 ? 141  MET A CA  1 
ATOM   1121 C C   . MET A 1 141 ? -5.455  -5.494  14.534  1.00 21.32 ? 141  MET A C   1 
ATOM   1122 O O   . MET A 1 141 ? -6.513  -6.083  14.341  1.00 21.33 ? 141  MET A O   1 
ATOM   1123 C CB  . MET A 1 141 ? -4.661  -4.888  16.806  1.00 24.44 ? 141  MET A CB  1 
ATOM   1124 C CG  . MET A 1 141 ? -3.952  -5.264  18.100  1.00 32.60 ? 141  MET A CG  1 
ATOM   1125 S SD  . MET A 1 141 ? -4.342  -4.096  19.446  1.00 38.58 ? 141  MET A SD  1 
ATOM   1126 C CE  . MET A 1 141 ? -2.809  -3.187  19.577  1.00 36.67 ? 141  MET A CE  1 
ATOM   1127 N N   . PHE A 1 142 ? -5.047  -4.460  13.806  1.00 19.25 ? 142  PHE A N   1 
ATOM   1128 C CA  . PHE A 1 142 ? -5.800  -3.940  12.674  1.00 17.76 ? 142  PHE A CA  1 
ATOM   1129 C C   . PHE A 1 142 ? -6.136  -5.050  11.662  1.00 18.26 ? 142  PHE A C   1 
ATOM   1130 O O   . PHE A 1 142 ? -7.259  -5.137  11.165  1.00 19.33 ? 142  PHE A O   1 
ATOM   1131 C CB  . PHE A 1 142 ? -4.976  -2.839  11.996  1.00 18.19 ? 142  PHE A CB  1 
ATOM   1132 C CG  . PHE A 1 142 ? -5.573  -2.327  10.714  1.00 19.20 ? 142  PHE A CG  1 
ATOM   1133 C CD1 . PHE A 1 142 ? -6.635  -1.426  10.733  1.00 21.85 ? 142  PHE A CD1 1 
ATOM   1134 C CD2 . PHE A 1 142 ? -5.088  -2.766  9.489   1.00 19.79 ? 142  PHE A CD2 1 
ATOM   1135 C CE1 . PHE A 1 142 ? -7.206  -0.971  9.544   1.00 21.78 ? 142  PHE A CE1 1 
ATOM   1136 C CE2 . PHE A 1 142 ? -5.650  -2.320  8.297   1.00 20.58 ? 142  PHE A CE2 1 
ATOM   1137 C CZ  . PHE A 1 142 ? -6.711  -1.421  8.325   1.00 21.85 ? 142  PHE A CZ  1 
ATOM   1138 N N   . LEU A 1 143 ? -5.157  -5.892  11.353  1.00 17.52 ? 143  LEU A N   1 
ATOM   1139 C CA  . LEU A 1 143 ? -5.362  -6.974  10.392  1.00 15.80 ? 143  LEU A CA  1 
ATOM   1140 C C   . LEU A 1 143 ? -6.393  -8.008  10.845  1.00 16.98 ? 143  LEU A C   1 
ATOM   1141 O O   . LEU A 1 143 ? -7.169  -8.514  10.029  1.00 16.71 ? 143  LEU A O   1 
ATOM   1142 C CB  . LEU A 1 143 ? -4.031  -7.662  10.089  1.00 15.69 ? 143  LEU A CB  1 
ATOM   1143 C CG  . LEU A 1 143 ? -3.006  -6.794  9.352   1.00 17.07 ? 143  LEU A CG  1 
ATOM   1144 C CD1 . LEU A 1 143 ? -1.725  -7.589  9.153   1.00 16.64 ? 143  LEU A CD1 1 
ATOM   1145 C CD2 . LEU A 1 143 ? -3.574  -6.353  8.002   1.00 15.98 ? 143  LEU A CD2 1 
ATOM   1146 N N   . LEU A 1 144 ? -6.407  -8.337  12.135  1.00 17.35 ? 144  LEU A N   1 
ATOM   1147 C CA  . LEU A 1 144 ? -7.384  -9.302  12.630  1.00 16.54 ? 144  LEU A CA  1 
ATOM   1148 C C   . LEU A 1 144 ? -8.756  -8.662  12.499  1.00 17.30 ? 144  LEU A C   1 
ATOM   1149 O O   . LEU A 1 144 ? -9.741  -9.327  12.187  1.00 16.84 ? 144  LEU A O   1 
ATOM   1150 C CB  . LEU A 1 144 ? -7.119  -9.653  14.095  1.00 16.22 ? 144  LEU A CB  1 
ATOM   1151 C CG  . LEU A 1 144 ? -8.078  -10.690 14.683  1.00 14.84 ? 144  LEU A CG  1 
ATOM   1152 C CD1 . LEU A 1 144 ? -7.991  -11.993 13.905  1.00 16.53 ? 144  LEU A CD1 1 
ATOM   1153 C CD2 . LEU A 1 144 ? -7.729  -10.916 16.143  1.00 17.18 ? 144  LEU A CD2 1 
ATOM   1154 N N   . ARG A 1 145 ? -8.811  -7.360  12.744  1.00 16.35 ? 145  ARG A N   1 
ATOM   1155 C CA  . ARG A 1 145 ? -10.059 -6.623  12.631  1.00 18.22 ? 145  ARG A CA  1 
ATOM   1156 C C   . ARG A 1 145 ? -10.557 -6.633  11.183  1.00 17.48 ? 145  ARG A C   1 
ATOM   1157 O O   . ARG A 1 145 ? -11.760 -6.765  10.924  1.00 20.45 ? 145  ARG A O   1 
ATOM   1158 C CB  . ARG A 1 145 ? -9.847  -5.189  13.114  1.00 19.91 ? 145  ARG A CB  1 
ATOM   1159 C CG  . ARG A 1 145 ? -11.083 -4.308  13.074  1.00 21.32 ? 145  ARG A CG  1 
ATOM   1160 C CD  . ARG A 1 145 ? -10.885 -3.068  13.950  1.00 23.58 ? 145  ARG A CD  1 
ATOM   1161 N NE  . ARG A 1 145 ? -12.037 -2.171  13.914  1.00 24.70 ? 145  ARG A NE  1 
ATOM   1162 C CZ  . ARG A 1 145 ? -12.193 -1.178  13.039  1.00 25.38 ? 145  ARG A CZ  1 
ATOM   1163 N NH1 . ARG A 1 145 ? -11.267 -0.938  12.119  1.00 21.52 ? 145  ARG A NH1 1 
ATOM   1164 N NH2 . ARG A 1 145 ? -13.288 -0.430  13.081  1.00 25.21 ? 145  ARG A NH2 1 
ATOM   1165 N N   . VAL A 1 146 ? -9.638  -6.492  10.236  1.00 15.97 ? 146  VAL A N   1 
ATOM   1166 C CA  . VAL A 1 146 ? -10.021 -6.503  8.826   1.00 15.08 ? 146  VAL A CA  1 
ATOM   1167 C C   . VAL A 1 146 ? -10.650 -7.842  8.471   1.00 15.53 ? 146  VAL A C   1 
ATOM   1168 O O   . VAL A 1 146 ? -11.664 -7.880  7.774   1.00 16.69 ? 146  VAL A O   1 
ATOM   1169 C CB  . VAL A 1 146 ? -8.812  -6.252  7.897   1.00 15.02 ? 146  VAL A CB  1 
ATOM   1170 C CG1 . VAL A 1 146 ? -9.239  -6.402  6.416   1.00 13.42 ? 146  VAL A CG1 1 
ATOM   1171 C CG2 . VAL A 1 146 ? -8.264  -4.850  8.149   1.00 16.38 ? 146  VAL A CG2 1 
ATOM   1172 N N   . GLU A 1 147 ? -10.059 -8.935  8.949   1.00 15.44 ? 147  GLU A N   1 
ATOM   1173 C CA  . GLU A 1 147 ? -10.602 -10.266 8.660   1.00 16.14 ? 147  GLU A CA  1 
ATOM   1174 C C   . GLU A 1 147 ? -11.993 -10.376 9.272   1.00 16.91 ? 147  GLU A C   1 
ATOM   1175 O O   . GLU A 1 147 ? -12.918 -10.885 8.641   1.00 16.17 ? 147  GLU A O   1 
ATOM   1176 C CB  . GLU A 1 147 ? -9.702  -11.379 9.222   1.00 17.00 ? 147  GLU A CB  1 
ATOM   1177 C CG  . GLU A 1 147 ? -10.273 -12.790 8.980   1.00 17.55 ? 147  GLU A CG  1 
ATOM   1178 C CD  . GLU A 1 147 ? -9.443  -13.913 9.596   1.00 17.64 ? 147  GLU A CD  1 
ATOM   1179 O OE1 . GLU A 1 147 ? -9.816  -15.093 9.423   1.00 17.98 ? 147  GLU A OE1 1 
ATOM   1180 O OE2 . GLU A 1 147 ? -8.420  -13.632 10.247  1.00 16.88 ? 147  GLU A OE2 1 
ATOM   1181 N N   . GLY A 1 148 ? -12.136 -9.878  10.499  1.00 16.92 ? 148  GLY A N   1 
ATOM   1182 C CA  . GLY A 1 148 ? -13.417 -9.925  11.176  1.00 17.93 ? 148  GLY A CA  1 
ATOM   1183 C C   . GLY A 1 148 ? -14.489 -9.103  10.489  1.00 19.40 ? 148  GLY A C   1 
ATOM   1184 O O   . GLY A 1 148 ? -15.654 -9.496  10.482  1.00 21.89 ? 148  GLY A O   1 
ATOM   1185 N N   . MET A 1 149 ? -14.107 -7.964  9.917   1.00 19.41 ? 149  MET A N   1 
ATOM   1186 C CA  . MET A 1 149 ? -15.057 -7.084  9.232   1.00 21.32 ? 149  MET A CA  1 
ATOM   1187 C C   . MET A 1 149 ? -15.022 -7.240  7.710   1.00 20.55 ? 149  MET A C   1 
ATOM   1188 O O   . MET A 1 149 ? -15.562 -6.398  6.994   1.00 21.62 ? 149  MET A O   1 
ATOM   1189 C CB  . MET A 1 149 ? -14.760 -5.612  9.555   1.00 23.53 ? 149  MET A CB  1 
ATOM   1190 C CG  . MET A 1 149 ? -14.776 -5.222  11.026  1.00 27.29 ? 149  MET A CG  1 
ATOM   1191 S SD  . MET A 1 149 ? -14.668 -3.406  11.235  1.00 30.36 ? 149  MET A SD  1 
ATOM   1192 C CE  . MET A 1 149 ? -13.031 -3.097  10.669  1.00 31.53 ? 149  MET A CE  1 
ATOM   1193 N N   . ARG A 1 150 ? -14.390 -8.300  7.212   1.00 19.26 ? 150  ARG A N   1 
ATOM   1194 C CA  . ARG A 1 150 ? -14.284 -8.497  5.768   1.00 18.85 ? 150  ARG A CA  1 
ATOM   1195 C C   . ARG A 1 150 ? -15.570 -8.255  4.984   1.00 18.22 ? 150  ARG A C   1 
ATOM   1196 O O   . ARG A 1 150 ? -15.578 -7.486  4.026   1.00 15.90 ? 150  ARG A O   1 
ATOM   1197 C CB  . ARG A 1 150 ? -13.760 -9.902  5.444   1.00 17.54 ? 150  ARG A CB  1 
ATOM   1198 C CG  . ARG A 1 150 ? -13.690 -10.183 3.943   1.00 15.73 ? 150  ARG A CG  1 
ATOM   1199 C CD  . ARG A 1 150 ? -12.869 -11.433 3.615   1.00 17.95 ? 150  ARG A CD  1 
ATOM   1200 N NE  . ARG A 1 150 ? -12.767 -11.644 2.172   1.00 16.94 ? 150  ARG A NE  1 
ATOM   1201 C CZ  . ARG A 1 150 ? -13.749 -12.120 1.414   1.00 19.97 ? 150  ARG A CZ  1 
ATOM   1202 N NH1 . ARG A 1 150 ? -14.913 -12.452 1.965   1.00 19.96 ? 150  ARG A NH1 1 
ATOM   1203 N NH2 . ARG A 1 150 ? -13.582 -12.226 0.097   1.00 19.96 ? 150  ARG A NH2 1 
ATOM   1204 N N   . LYS A 1 151 ? -16.658 -8.905  5.383   1.00 18.95 ? 151  LYS A N   1 
ATOM   1205 C CA  . LYS A 1 151 ? -17.919 -8.744  4.663   1.00 18.90 ? 151  LYS A CA  1 
ATOM   1206 C C   . LYS A 1 151 ? -18.404 -7.297  4.693   1.00 19.39 ? 151  LYS A C   1 
ATOM   1207 O O   . LYS A 1 151 ? -18.898 -6.789  3.691   1.00 17.60 ? 151  LYS A O   1 
ATOM   1208 C CB  . LYS A 1 151 ? -18.990 -9.667  5.253   1.00 22.14 ? 151  LYS A CB  1 
ATOM   1209 C CG  . LYS A 1 151 ? -18.559 -11.122 5.343   1.00 25.67 ? 151  LYS A CG  1 
ATOM   1210 C CD  . LYS A 1 151 ? -18.305 -11.744 3.974   1.00 28.68 ? 151  LYS A CD  1 
ATOM   1211 C CE  . LYS A 1 151 ? -19.603 -11.976 3.214   1.00 28.55 ? 151  LYS A CE  1 
ATOM   1212 N NZ  . LYS A 1 151 ? -19.363 -12.768 1.982   1.00 30.13 ? 151  LYS A NZ  1 
ATOM   1213 N N   . SER A 1 152 ? -18.253 -6.637  5.839   1.00 17.65 ? 152  SER A N   1 
ATOM   1214 C CA  . SER A 1 152 ? -18.677 -5.248  5.983   1.00 19.50 ? 152  SER A CA  1 
ATOM   1215 C C   . SER A 1 152 ? -17.841 -4.302  5.109   1.00 19.22 ? 152  SER A C   1 
ATOM   1216 O O   . SER A 1 152 ? -18.367 -3.361  4.503   1.00 18.90 ? 152  SER A O   1 
ATOM   1217 C CB  . SER A 1 152 ? -18.585 -4.829  7.455   1.00 23.58 ? 152  SER A CB  1 
ATOM   1218 O OG  . SER A 1 152 ? -18.883 -3.451  7.602   1.00 30.65 ? 152  SER A OG  1 
ATOM   1219 N N   . TRP A 1 153 ? -16.539 -4.552  5.044   1.00 17.85 ? 153  TRP A N   1 
ATOM   1220 C CA  . TRP A 1 153 ? -15.652 -3.732  4.223   1.00 17.46 ? 153  TRP A CA  1 
ATOM   1221 C C   . TRP A 1 153 ? -16.013 -3.861  2.746   1.00 16.86 ? 153  TRP A C   1 
ATOM   1222 O O   . TRP A 1 153 ? -16.127 -2.859  2.039   1.00 15.51 ? 153  TRP A O   1 
ATOM   1223 C CB  . TRP A 1 153 ? -14.191 -4.145  4.440   1.00 16.87 ? 153  TRP A CB  1 
ATOM   1224 C CG  . TRP A 1 153 ? -13.599 -3.550  5.683   1.00 19.07 ? 153  TRP A CG  1 
ATOM   1225 C CD1 . TRP A 1 153 ? -13.042 -4.222  6.736   1.00 17.35 ? 153  TRP A CD1 1 
ATOM   1226 C CD2 . TRP A 1 153 ? -13.525 -2.156  6.010   1.00 17.77 ? 153  TRP A CD2 1 
ATOM   1227 N NE1 . TRP A 1 153 ? -12.629 -3.331  7.700   1.00 18.54 ? 153  TRP A NE1 1 
ATOM   1228 C CE2 . TRP A 1 153 ? -12.913 -2.056  7.281   1.00 19.74 ? 153  TRP A CE2 1 
ATOM   1229 C CE3 . TRP A 1 153 ? -13.920 -0.978  5.351   1.00 18.97 ? 153  TRP A CE3 1 
ATOM   1230 C CZ2 . TRP A 1 153 ? -12.684 -0.823  7.911   1.00 19.17 ? 153  TRP A CZ2 1 
ATOM   1231 C CZ3 . TRP A 1 153 ? -13.694 0.245   5.974   1.00 19.80 ? 153  TRP A CZ3 1 
ATOM   1232 C CH2 . TRP A 1 153 ? -13.081 0.312   7.246   1.00 21.67 ? 153  TRP A CH2 1 
ATOM   1233 N N   . LEU A 1 154 ? -16.194 -5.094  2.280   1.00 15.38 ? 154  LEU A N   1 
ATOM   1234 C CA  . LEU A 1 154 ? -16.548 -5.318  0.884   1.00 16.56 ? 154  LEU A CA  1 
ATOM   1235 C C   . LEU A 1 154 ? -17.879 -4.641  0.552   1.00 18.57 ? 154  LEU A C   1 
ATOM   1236 O O   . LEU A 1 154 ? -18.027 -4.020  -0.501  1.00 18.31 ? 154  LEU A O   1 
ATOM   1237 C CB  . LEU A 1 154 ? -16.634 -6.816  0.586   1.00 16.16 ? 154  LEU A CB  1 
ATOM   1238 C CG  . LEU A 1 154 ? -15.324 -7.598  0.687   1.00 15.54 ? 154  LEU A CG  1 
ATOM   1239 C CD1 . LEU A 1 154 ? -15.580 -9.055  0.299   1.00 17.71 ? 154  LEU A CD1 1 
ATOM   1240 C CD2 . LEU A 1 154 ? -14.279 -6.980  -0.235  1.00 14.10 ? 154  LEU A CD2 1 
ATOM   1241 N N   . LYS A 1 155 ? -18.844 -4.758  1.456   1.00 20.43 ? 155  LYS A N   1 
ATOM   1242 C CA  . LYS A 1 155 ? -20.151 -4.145  1.247   1.00 23.37 ? 155  LYS A CA  1 
ATOM   1243 C C   . LYS A 1 155 ? -20.025 -2.626  1.111   1.00 24.03 ? 155  LYS A C   1 
ATOM   1244 O O   . LYS A 1 155 ? -20.614 -2.026  0.211   1.00 23.74 ? 155  LYS A O   1 
ATOM   1245 C CB  . LYS A 1 155 ? -21.086 -4.485  2.408   1.00 25.15 ? 155  LYS A CB  1 
ATOM   1246 C CG  . LYS A 1 155 ? -22.453 -3.844  2.308   1.00 28.66 ? 155  LYS A CG  1 
ATOM   1247 C CD  . LYS A 1 155 ? -22.789 -3.109  3.593   1.00 34.10 ? 155  LYS A CD  1 
ATOM   1248 C CE  . LYS A 1 155 ? -24.146 -2.438  3.500   1.00 35.16 ? 155  LYS A CE  1 
ATOM   1249 N NZ  . LYS A 1 155 ? -24.413 -1.570  4.677   1.00 37.19 ? 155  LYS A NZ  1 
ATOM   1250 N N   . ASN A 1 156 ? -19.247 -2.009  1.997   1.00 24.00 ? 156  ASN A N   1 
ATOM   1251 C CA  . ASN A 1 156 ? -19.063 -0.562  1.962   1.00 24.86 ? 156  ASN A CA  1 
ATOM   1252 C C   . ASN A 1 156 ? -18.234 -0.093  0.781   1.00 23.39 ? 156  ASN A C   1 
ATOM   1253 O O   . ASN A 1 156 ? -18.477 0.978   0.237   1.00 25.91 ? 156  ASN A O   1 
ATOM   1254 C CB  . ASN A 1 156 ? -18.418 -0.072  3.256   1.00 26.73 ? 156  ASN A CB  1 
ATOM   1255 C CG  . ASN A 1 156 ? -19.328 -0.235  4.445   1.00 30.39 ? 156  ASN A CG  1 
ATOM   1256 O OD1 . ASN A 1 156 ? -20.509 0.117   4.383   1.00 29.93 ? 156  ASN A OD1 1 
ATOM   1257 N ND2 . ASN A 1 156 ? -18.792 -0.767  5.537   1.00 30.39 ? 156  ASN A ND2 1 
ATOM   1258 N N   . ILE A 1 157 ? -17.246 -0.889  0.397   1.00 23.94 ? 157  ILE A N   1 
ATOM   1259 C CA  . ILE A 1 157 ? -16.391 -0.551  -0.734  1.00 24.08 ? 157  ILE A CA  1 
ATOM   1260 C C   . ILE A 1 157 ? -17.203 -0.513  -2.025  1.00 26.15 ? 157  ILE A C   1 
ATOM   1261 O O   . ILE A 1 157 ? -16.996 0.357   -2.872  1.00 26.52 ? 157  ILE A O   1 
ATOM   1262 C CB  . ILE A 1 157 ? -15.261 -1.584  -0.899  1.00 23.39 ? 157  ILE A CB  1 
ATOM   1263 C CG1 . ILE A 1 157 ? -14.285 -1.479  0.278   1.00 22.47 ? 157  ILE A CG1 1 
ATOM   1264 C CG2 . ILE A 1 157 ? -14.557 -1.382  -2.240  1.00 22.92 ? 157  ILE A CG2 1 
ATOM   1265 C CD1 . ILE A 1 157 ? -13.345 -2.658  0.396   1.00 22.32 ? 157  ILE A CD1 1 
ATOM   1266 N N   . TYR A 1 158 ? -18.139 -1.447  -2.166  1.00 27.20 ? 158  TYR A N   1 
ATOM   1267 C CA  . TYR A 1 158 ? -18.952 -1.527  -3.372  1.00 30.49 ? 158  TYR A CA  1 
ATOM   1268 C C   . TYR A 1 158 ? -20.359 -0.949  -3.284  1.00 34.53 ? 158  TYR A C   1 
ATOM   1269 O O   . TYR A 1 158 ? -21.221 -1.307  -4.085  1.00 34.50 ? 158  TYR A O   1 
ATOM   1270 C CB  . TYR A 1 158 ? -19.037 -2.981  -3.849  1.00 27.77 ? 158  TYR A CB  1 
ATOM   1271 C CG  . TYR A 1 158 ? -17.704 -3.559  -4.267  1.00 24.34 ? 158  TYR A CG  1 
ATOM   1272 C CD1 . TYR A 1 158 ? -17.003 -4.429  -3.432  1.00 23.52 ? 158  TYR A CD1 1 
ATOM   1273 C CD2 . TYR A 1 158 ? -17.138 -3.225  -5.493  1.00 22.37 ? 158  TYR A CD2 1 
ATOM   1274 C CE1 . TYR A 1 158 ? -15.769 -4.955  -3.816  1.00 24.10 ? 158  TYR A CE1 1 
ATOM   1275 C CE2 . TYR A 1 158 ? -15.906 -3.739  -5.882  1.00 23.23 ? 158  TYR A CE2 1 
ATOM   1276 C CZ  . TYR A 1 158 ? -15.230 -4.604  -5.040  1.00 23.09 ? 158  TYR A CZ  1 
ATOM   1277 O OH  . TYR A 1 158 ? -14.015 -5.111  -5.428  1.00 26.47 ? 158  TYR A OH  1 
ATOM   1278 N N   . SER A 1 159 ? -20.606 -0.068  -2.320  1.00 39.57 ? 159  SER A N   1 
ATOM   1279 C CA  . SER A 1 159 ? -21.926 0.542   -2.215  1.00 45.91 ? 159  SER A CA  1 
ATOM   1280 C C   . SER A 1 159 ? -22.119 1.416   -3.456  1.00 49.98 ? 159  SER A C   1 
ATOM   1281 O O   . SER A 1 159 ? -21.416 2.415   -3.633  1.00 50.26 ? 159  SER A O   1 
ATOM   1282 C CB  . SER A 1 159 ? -22.029 1.406   -0.957  1.00 46.44 ? 159  SER A CB  1 
ATOM   1283 O OG  . SER A 1 159 ? -21.939 0.625   0.222   1.00 48.85 ? 159  SER A OG  1 
ATOM   1284 N N   . ASN A 1 160 ? -23.061 1.042   -4.318  1.00 54.25 ? 160  ASN A N   1 
ATOM   1285 C CA  . ASN A 1 160 ? -23.306 1.812   -5.533  1.00 58.28 ? 160  ASN A CA  1 
ATOM   1286 C C   . ASN A 1 160 ? -24.795 2.077   -5.769  1.00 60.26 ? 160  ASN A C   1 
ATOM   1287 O O   . ASN A 1 160 ? -25.646 1.683   -4.965  1.00 59.58 ? 160  ASN A O   1 
ATOM   1288 C CB  . ASN A 1 160 ? -22.708 1.087   -6.750  1.00 60.02 ? 160  ASN A CB  1 
ATOM   1289 C CG  . ASN A 1 160 ? -23.724 0.212   -7.477  1.00 61.91 ? 160  ASN A CG  1 
ATOM   1290 O OD1 . ASN A 1 160 ? -24.381 -0.640  -6.873  1.00 63.26 ? 160  ASN A OD1 1 
ATOM   1291 N ND2 . ASN A 1 160 ? -23.852 0.421   -8.787  1.00 61.63 ? 160  ASN A ND2 1 
ATOM   1292 N N   . SER A 1 161 ? -25.094 2.750   -6.881  1.00 62.94 ? 161  SER A N   1 
ATOM   1293 C CA  . SER A 1 161 ? -26.466 3.085   -7.253  1.00 64.89 ? 161  SER A CA  1 
ATOM   1294 C C   . SER A 1 161 ? -27.262 1.844   -7.657  1.00 65.87 ? 161  SER A C   1 
ATOM   1295 O O   . SER A 1 161 ? -27.756 1.805   -8.808  1.00 66.02 ? 161  SER A O   1 
ATOM   1296 C CB  . SER A 1 161 ? -26.472 4.106   -8.405  1.00 65.49 ? 161  SER A CB  1 
ATOM   1297 O OG  . SER A 1 161 ? -25.841 3.599   -9.572  1.00 64.39 ? 161  SER A OG  1 
ATOM   1298 O OXT . SER A 1 161 ? -27.383 0.927   -6.811  1.00 66.36 ? 161  SER A OXT 1 
HETATM 1299 W W   . WO4 B 2 .   ? 8.329   1.633   7.833   0.40 50.23 ? 1380 WO4 A W   1 
HETATM 1300 O O1  . WO4 B 2 .   ? 9.084   1.877   9.199   0.40 50.04 ? 1380 WO4 A O1  1 
HETATM 1301 O O2  . WO4 B 2 .   ? 6.771   1.456   8.129   0.40 49.87 ? 1380 WO4 A O2  1 
HETATM 1302 O O3  . WO4 B 2 .   ? 8.870   0.319   7.130   0.40 49.27 ? 1380 WO4 A O3  1 
HETATM 1303 O O4  . WO4 B 2 .   ? 8.545   2.851   6.845   0.40 49.33 ? 1380 WO4 A O4  1 
HETATM 1304 O O   . HOH C 3 .   ? -5.335  -10.933 -4.426  1.00 21.08 ? 5201 HOH A O   1 
HETATM 1305 O O   . HOH C 3 .   ? 4.919   -2.658  18.536  1.00 19.50 ? 5202 HOH A O   1 
HETATM 1306 O O   . HOH C 3 .   ? 4.861   0.072   -16.100 1.00 21.38 ? 5203 HOH A O   1 
HETATM 1307 O O   . HOH C 3 .   ? 15.395  16.625  0.198   1.00 24.58 ? 5204 HOH A O   1 
HETATM 1308 O O   . HOH C 3 .   ? 10.034  7.436   9.097   1.00 17.87 ? 5205 HOH A O   1 
HETATM 1309 O O   . HOH C 3 .   ? -5.774  10.685  4.173   1.00 24.10 ? 5206 HOH A O   1 
HETATM 1310 O O   . HOH C 3 .   ? -12.858 -12.887 6.768   1.00 25.51 ? 5207 HOH A O   1 
HETATM 1311 O O   . HOH C 3 .   ? 5.548   9.096   10.209  1.00 26.68 ? 5208 HOH A O   1 
HETATM 1312 O O   . HOH C 3 .   ? 1.300   13.992  5.983   1.00 24.22 ? 5209 HOH A O   1 
HETATM 1313 O O   . HOH C 3 .   ? -11.275 -19.816 10.515  1.00 27.30 ? 5210 HOH A O   1 
HETATM 1314 O O   . HOH C 3 .   ? 5.797   -6.693  17.880  1.00 29.17 ? 5211 HOH A O   1 
HETATM 1315 O O   . HOH C 3 .   ? -6.099  -18.524 5.007   1.00 22.21 ? 5212 HOH A O   1 
HETATM 1316 O O   . HOH C 3 .   ? 15.622  -3.785  -2.859  1.00 33.59 ? 5213 HOH A O   1 
HETATM 1317 O O   . HOH C 3 .   ? 8.827   14.541  12.171  1.00 31.93 ? 5214 HOH A O   1 
HETATM 1318 O O   . HOH C 3 .   ? 4.449   15.708  7.577   1.00 23.26 ? 5215 HOH A O   1 
HETATM 1319 O O   . HOH C 3 .   ? -1.484  15.087  -0.467  1.00 29.60 ? 5216 HOH A O   1 
HETATM 1320 O O   . HOH C 3 .   ? 16.359  11.940  -9.402  1.00 20.13 ? 5217 HOH A O   1 
HETATM 1321 O O   . HOH C 3 .   ? -7.714  -18.513 -0.271  1.00 30.72 ? 5218 HOH A O   1 
HETATM 1322 O O   . HOH C 3 .   ? -3.339  12.050  -3.684  1.00 18.81 ? 5219 HOH A O   1 
HETATM 1323 O O   . HOH C 3 .   ? -8.874  9.784   8.762   1.00 24.58 ? 5220 HOH A O   1 
HETATM 1324 O O   . HOH C 3 .   ? -2.139  10.987  8.649   1.00 31.40 ? 5221 HOH A O   1 
HETATM 1325 O O   . HOH C 3 .   ? 12.196  20.183  2.741   1.00 17.10 ? 5222 HOH A O   1 
HETATM 1326 O O   . HOH C 3 .   ? -17.092 -10.394 8.039   1.00 19.21 ? 5223 HOH A O   1 
HETATM 1327 O O   . HOH C 3 .   ? 5.623   1.022   10.449  1.00 17.74 ? 5224 HOH A O   1 
HETATM 1328 O O   . HOH C 3 .   ? 6.844   0.673   12.614  1.00 21.99 ? 5225 HOH A O   1 
HETATM 1329 O O   . HOH C 3 .   ? 10.112  4.627   8.892   1.00 27.10 ? 5226 HOH A O   1 
HETATM 1330 O O   . HOH C 3 .   ? 12.845  2.808   6.718   1.00 28.22 ? 5227 HOH A O   1 
HETATM 1331 O O   . HOH C 3 .   ? 14.048  -1.276  3.140   1.00 40.05 ? 5228 HOH A O   1 
HETATM 1332 O O   . HOH C 3 .   ? 12.902  3.222   13.005  1.00 45.32 ? 5229 HOH A O   1 
HETATM 1333 O O   . HOH C 3 .   ? 11.662  9.422   4.688   1.00 24.61 ? 5230 HOH A O   1 
HETATM 1334 O O   . HOH C 3 .   ? 6.274   0.698   18.940  1.00 34.90 ? 5231 HOH A O   1 
HETATM 1335 O O   . HOH C 3 .   ? -6.914  -4.909  -7.340  1.00 22.35 ? 5232 HOH A O   1 
HETATM 1336 O O   . HOH C 3 .   ? -12.560 7.088   10.075  1.00 29.23 ? 5233 HOH A O   1 
HETATM 1337 O O   . HOH C 3 .   ? -10.747 4.538   12.634  1.00 28.92 ? 5234 HOH A O   1 
HETATM 1338 O O   . HOH C 3 .   ? -18.346 -8.256  8.733   1.00 29.40 ? 5235 HOH A O   1 
HETATM 1339 O O   . HOH C 3 .   ? -5.470  1.910   15.754  1.00 31.62 ? 5236 HOH A O   1 
HETATM 1340 O O   . HOH C 3 .   ? 9.379   -9.360  -6.247  1.00 27.79 ? 5237 HOH A O   1 
HETATM 1341 O O   . HOH C 3 .   ? 14.748  -3.838  -5.208  1.00 34.58 ? 5238 HOH A O   1 
HETATM 1342 O O   . HOH C 3 .   ? -20.075 -8.277  1.705   1.00 21.96 ? 5239 HOH A O   1 
HETATM 1343 O O   . HOH C 3 .   ? 1.170   -0.485  18.377  1.00 28.46 ? 5240 HOH A O   1 
HETATM 1344 O O   . HOH C 3 .   ? -10.390 -5.760  -7.778  1.00 31.04 ? 5241 HOH A O   1 
# 
loop_
_pdbx_poly_seq_scheme.asym_id 
_pdbx_poly_seq_scheme.entity_id 
_pdbx_poly_seq_scheme.seq_id 
_pdbx_poly_seq_scheme.mon_id 
_pdbx_poly_seq_scheme.ndb_seq_num 
_pdbx_poly_seq_scheme.pdb_seq_num 
_pdbx_poly_seq_scheme.auth_seq_num 
_pdbx_poly_seq_scheme.pdb_mon_id 
_pdbx_poly_seq_scheme.auth_mon_id 
_pdbx_poly_seq_scheme.pdb_strand_id 
_pdbx_poly_seq_scheme.pdb_ins_code 
_pdbx_poly_seq_scheme.hetero 
A 1 1   MET 1   1   1   MET MET A . n 
A 1 2   TYR 2   2   2   TYR TYR A . n 
A 1 3   TRP 3   3   3   TRP TRP A . n 
A 1 4   VAL 4   4   4   VAL VAL A . n 
A 1 5   ARG 5   5   5   ARG ARG A . n 
A 1 6   ARG 6   6   6   ARG ARG A . n 
A 1 7   LYS 7   7   7   LYS LYS A . n 
A 1 8   THR 8   8   8   THR THR A . n 
A 1 9   ILE 9   9   9   ILE ILE A . n 
A 1 10  GLY 10  10  10  GLY GLY A . n 
A 1 11  GLY 11  11  11  GLY GLY A . n 
A 1 12  SER 12  12  12  SER SER A . n 
A 1 13  GLY 13  13  13  GLY GLY A . n 
A 1 14  LEU 14  14  14  LEU LEU A . n 
A 1 15  PRO 15  15  15  PRO PRO A . n 
A 1 16  TYR 16  16  16  TYR TYR A . n 
A 1 17  THR 17  17  17  THR THR A . n 
A 1 18  GLU 18  18  18  GLU GLU A . n 
A 1 19  ASN 19  19  19  ASN ASN A . n 
A 1 20  GLU 20  20  20  GLU GLU A . n 
A 1 21  ILE 21  21  21  ILE ILE A . n 
A 1 22  LEU 22  22  22  LEU LEU A . n 
A 1 23  GLU 23  23  23  GLU GLU A . n 
A 1 24  TRP 24  24  24  TRP TRP A . n 
A 1 25  ARG 25  25  25  ARG ARG A . n 
A 1 26  LYS 26  26  26  LYS LYS A . n 
A 1 27  GLU 27  27  27  GLU GLU A . n 
A 1 28  GLY 28  28  28  GLY GLY A . n 
A 1 29  VAL 29  29  29  VAL VAL A . n 
A 1 30  LYS 30  30  30  LYS LYS A . n 
A 1 31  ARG 31  31  31  ARG ARG A . n 
A 1 32  VAL 32  32  32  VAL VAL A . n 
A 1 33  LEU 33  33  33  LEU LEU A . n 
A 1 34  VAL 34  34  34  VAL VAL A . n 
A 1 35  LEU 35  35  35  LEU LEU A . n 
A 1 36  PRO 36  36  36  PRO PRO A . n 
A 1 37  GLU 37  37  37  GLU GLU A . n 
A 1 38  ASP 38  38  38  ASP ASP A . n 
A 1 39  TRP 39  39  39  TRP TRP A . n 
A 1 40  GLU 40  40  40  GLU GLU A . n 
A 1 41  ILE 41  41  41  ILE ILE A . n 
A 1 42  GLU 42  42  42  GLU GLU A . n 
A 1 43  GLU 43  43  43  GLU GLU A . n 
A 1 44  SER 44  44  44  SER SER A . n 
A 1 45  TRP 45  45  45  TRP TRP A . n 
A 1 46  GLY 46  46  46  GLY GLY A . n 
A 1 47  ASP 47  47  47  ASP ASP A . n 
A 1 48  LYS 48  48  48  LYS LYS A . n 
A 1 49  ASP 49  49  49  ASP ASP A . n 
A 1 50  TYR 50  50  50  TYR TYR A . n 
A 1 51  TYR 51  51  51  TYR TYR A . n 
A 1 52  LEU 52  52  52  LEU LEU A . n 
A 1 53  SER 53  53  53  SER SER A . n 
A 1 54  ILE 54  54  54  ILE ILE A . n 
A 1 55  LEU 55  55  55  LEU LEU A . n 
A 1 56  LYS 56  56  56  LYS LYS A . n 
A 1 57  LYS 57  57  57  LYS LYS A . n 
A 1 58  ASN 58  58  58  ASN ASN A . n 
A 1 59  GLY 59  59  59  GLY GLY A . n 
A 1 60  LEU 60  60  60  LEU LEU A . n 
A 1 61  GLN 61  61  61  GLN GLN A . n 
A 1 62  PRO 62  62  62  PRO PRO A . n 
A 1 63  LEU 63  63  63  LEU LEU A . n 
A 1 64  HIS 64  64  64  HIS HIS A . n 
A 1 65  ILE 65  65  65  ILE ILE A . n 
A 1 66  PRO 66  66  66  PRO PRO A . n 
A 1 67  ILE 67  67  67  ILE ILE A . n 
A 1 68  PRO 68  68  68  PRO PRO A . n 
A 1 69  ASP 69  69  69  ASP ASP A . n 
A 1 70  GLY 70  70  70  GLY GLY A . n 
A 1 71  GLY 71  71  71  GLY GLY A . n 
A 1 72  VAL 72  72  72  VAL VAL A . n 
A 1 73  PRO 73  73  73  PRO PRO A . n 
A 1 74  SER 74  74  74  SER SER A . n 
A 1 75  ASP 75  75  75  ASP ASP A . n 
A 1 76  SER 76  76  76  SER SER A . n 
A 1 77  GLN 77  77  77  GLN GLN A . n 
A 1 78  PHE 78  78  78  PHE PHE A . n 
A 1 79  LEU 79  79  79  LEU LEU A . n 
A 1 80  THR 80  80  80  THR THR A . n 
A 1 81  ILE 81  81  81  ILE ILE A . n 
A 1 82  MET 82  82  82  MET MET A . n 
A 1 83  LYS 83  83  83  LYS LYS A . n 
A 1 84  TRP 84  84  84  TRP TRP A . n 
A 1 85  LEU 85  85  85  LEU LEU A . n 
A 1 86  LEU 86  86  86  LEU LEU A . n 
A 1 87  SER 87  87  87  SER SER A . n 
A 1 88  GLU 88  88  88  GLU GLU A . n 
A 1 89  LYS 89  89  89  LYS LYS A . n 
A 1 90  GLU 90  90  90  GLU GLU A . n 
A 1 91  GLY 91  91  91  GLY GLY A . n 
A 1 92  ASN 92  92  92  ASN ASN A . n 
A 1 93  LEU 93  93  93  LEU LEU A . n 
A 1 94  VAL 94  94  94  VAL VAL A . n 
A 1 95  HIS 95  95  95  HIS HIS A . n 
A 1 96  CYS 96  96  96  CYS CYS A . n 
A 1 97  VAL 97  97  97  VAL VAL A . n 
A 1 98  GLY 98  98  98  GLY GLY A . n 
A 1 99  GLY 99  99  99  GLY GLY A . n 
A 1 100 ILE 100 100 100 ILE ILE A . n 
A 1 101 GLY 101 101 101 GLY GLY A . n 
A 1 102 ARG 102 102 102 ARG ARG A . n 
A 1 103 THR 103 103 103 THR THR A . n 
A 1 104 GLY 104 104 104 GLY GLY A . n 
A 1 105 THR 105 105 105 THR THR A . n 
A 1 106 ILE 106 106 106 ILE ILE A . n 
A 1 107 LEU 107 107 107 LEU LEU A . n 
A 1 108 ALA 108 108 108 ALA ALA A . n 
A 1 109 SER 109 109 109 SER SER A . n 
A 1 110 TYR 110 110 110 TYR TYR A . n 
A 1 111 LEU 111 111 111 LEU LEU A . n 
A 1 112 ILE 112 112 112 ILE ILE A . n 
A 1 113 LEU 113 113 113 LEU LEU A . n 
A 1 114 THR 114 114 114 THR THR A . n 
A 1 115 GLU 115 115 115 GLU GLU A . n 
A 1 116 GLY 116 116 116 GLY GLY A . n 
A 1 117 LEU 117 117 117 LEU LEU A . n 
A 1 118 GLU 118 118 118 GLU GLU A . n 
A 1 119 VAL 119 119 119 VAL VAL A . n 
A 1 120 GLU 120 120 120 GLU GLU A . n 
A 1 121 SER 121 121 121 SER SER A . n 
A 1 122 ALA 122 122 122 ALA ALA A . n 
A 1 123 ILE 123 123 123 ILE ILE A . n 
A 1 124 ASP 124 124 124 ASP ASP A . n 
A 1 125 GLU 125 125 125 GLU GLU A . n 
A 1 126 VAL 126 126 126 VAL VAL A . n 
A 1 127 ARG 127 127 127 ARG ARG A . n 
A 1 128 LEU 128 128 128 LEU LEU A . n 
A 1 129 VAL 129 129 129 VAL VAL A . n 
A 1 130 ARG 130 130 130 ARG ARG A . n 
A 1 131 PRO 131 131 131 PRO PRO A . n 
A 1 132 GLY 132 132 132 GLY GLY A . n 
A 1 133 ALA 133 133 133 ALA ALA A . n 
A 1 134 VAL 134 134 134 VAL VAL A . n 
A 1 135 GLN 135 135 135 GLN GLN A . n 
A 1 136 THR 136 136 136 THR THR A . n 
A 1 137 TYR 137 137 137 TYR TYR A . n 
A 1 138 GLU 138 138 138 GLU GLU A . n 
A 1 139 GLN 139 139 139 GLN GLN A . n 
A 1 140 GLU 140 140 140 GLU GLU A . n 
A 1 141 MET 141 141 141 MET MET A . n 
A 1 142 PHE 142 142 142 PHE PHE A . n 
A 1 143 LEU 143 143 143 LEU LEU A . n 
A 1 144 LEU 144 144 144 LEU LEU A . n 
A 1 145 ARG 145 145 145 ARG ARG A . n 
A 1 146 VAL 146 146 146 VAL VAL A . n 
A 1 147 GLU 147 147 147 GLU GLU A . n 
A 1 148 GLY 148 148 148 GLY GLY A . n 
A 1 149 MET 149 149 149 MET MET A . n 
A 1 150 ARG 150 150 150 ARG ARG A . n 
A 1 151 LYS 151 151 151 LYS LYS A . n 
A 1 152 SER 152 152 152 SER SER A . n 
A 1 153 TRP 153 153 153 TRP TRP A . n 
A 1 154 LEU 154 154 154 LEU LEU A . n 
A 1 155 LYS 155 155 155 LYS LYS A . n 
A 1 156 ASN 156 156 156 ASN ASN A . n 
A 1 157 ILE 157 157 157 ILE ILE A . n 
A 1 158 TYR 158 158 158 TYR TYR A . n 
A 1 159 SER 159 159 159 SER SER A . n 
A 1 160 ASN 160 160 160 ASN ASN A . n 
A 1 161 SER 161 161 161 SER SER A . n 
# 
loop_
_pdbx_nonpoly_scheme.asym_id 
_pdbx_nonpoly_scheme.entity_id 
_pdbx_nonpoly_scheme.mon_id 
_pdbx_nonpoly_scheme.ndb_seq_num 
_pdbx_nonpoly_scheme.pdb_seq_num 
_pdbx_nonpoly_scheme.auth_seq_num 
_pdbx_nonpoly_scheme.pdb_mon_id 
_pdbx_nonpoly_scheme.auth_mon_id 
_pdbx_nonpoly_scheme.pdb_strand_id 
_pdbx_nonpoly_scheme.pdb_ins_code 
B 2 WO4 1  1380 1380 WO4 WO4 A . 
C 3 HOH 1  5201 5201 HOH HOH A . 
C 3 HOH 2  5202 5202 HOH HOH A . 
C 3 HOH 3  5203 5203 HOH HOH A . 
C 3 HOH 4  5204 5204 HOH HOH A . 
C 3 HOH 5  5205 5205 HOH HOH A . 
C 3 HOH 6  5206 5206 HOH HOH A . 
C 3 HOH 7  5207 5207 HOH HOH A . 
C 3 HOH 8  5208 5208 HOH HOH A . 
C 3 HOH 9  5209 5209 HOH HOH A . 
C 3 HOH 10 5210 5210 HOH HOH A . 
C 3 HOH 11 5211 5211 HOH HOH A . 
C 3 HOH 12 5212 5212 HOH HOH A . 
C 3 HOH 13 5213 5213 HOH HOH A . 
C 3 HOH 14 5214 5214 HOH HOH A . 
C 3 HOH 15 5215 5215 HOH HOH A . 
C 3 HOH 16 5216 5216 HOH HOH A . 
C 3 HOH 17 5217 5217 HOH HOH A . 
C 3 HOH 18 5218 5218 HOH HOH A . 
C 3 HOH 19 5219 5219 HOH HOH A . 
C 3 HOH 20 5220 5220 HOH HOH A . 
C 3 HOH 21 5221 5221 HOH HOH A . 
C 3 HOH 22 5222 5222 HOH HOH A . 
C 3 HOH 23 5223 5223 HOH HOH A . 
C 3 HOH 24 5224 5224 HOH HOH A . 
C 3 HOH 25 5225 5225 HOH HOH A . 
C 3 HOH 26 5226 5226 HOH HOH A . 
C 3 HOH 27 5227 5227 HOH HOH A . 
C 3 HOH 28 5228 5228 HOH HOH A . 
C 3 HOH 29 5229 5229 HOH HOH A . 
C 3 HOH 30 5230 5230 HOH HOH A . 
C 3 HOH 31 5231 5231 HOH HOH A . 
C 3 HOH 32 5232 5232 HOH HOH A . 
C 3 HOH 33 5233 5233 HOH HOH A . 
C 3 HOH 34 5234 5234 HOH HOH A . 
C 3 HOH 35 5235 5235 HOH HOH A . 
C 3 HOH 36 5236 5236 HOH HOH A . 
C 3 HOH 37 5237 5237 HOH HOH A . 
C 3 HOH 38 5238 5238 HOH HOH A . 
C 3 HOH 39 5239 5239 HOH HOH A . 
C 3 HOH 40 5240 5240 HOH HOH A . 
C 3 HOH 41 5241 5241 HOH HOH A . 
# 
_pdbx_struct_assembly.id                   1 
_pdbx_struct_assembly.details              author_defined_assembly 
_pdbx_struct_assembly.method_details       ? 
_pdbx_struct_assembly.oligomeric_details   monomeric 
_pdbx_struct_assembly.oligomeric_count     1 
# 
_pdbx_struct_assembly_gen.assembly_id       1 
_pdbx_struct_assembly_gen.oper_expression   1 
_pdbx_struct_assembly_gen.asym_id_list      A,B,C 
# 
_pdbx_struct_oper_list.id                   1 
_pdbx_struct_oper_list.type                 'identity operation' 
_pdbx_struct_oper_list.name                 1_555 
_pdbx_struct_oper_list.symmetry_operation   x,y,z 
_pdbx_struct_oper_list.matrix[1][1]         1.0000000000 
_pdbx_struct_oper_list.matrix[1][2]         0.0000000000 
_pdbx_struct_oper_list.matrix[1][3]         0.0000000000 
_pdbx_struct_oper_list.vector[1]            0.0000000000 
_pdbx_struct_oper_list.matrix[2][1]         0.0000000000 
_pdbx_struct_oper_list.matrix[2][2]         1.0000000000 
_pdbx_struct_oper_list.matrix[2][3]         0.0000000000 
_pdbx_struct_oper_list.vector[2]            0.0000000000 
_pdbx_struct_oper_list.matrix[3][1]         0.0000000000 
_pdbx_struct_oper_list.matrix[3][2]         0.0000000000 
_pdbx_struct_oper_list.matrix[3][3]         1.0000000000 
_pdbx_struct_oper_list.vector[3]            0.0000000000 
# 
loop_
_pdbx_audit_revision_history.ordinal 
_pdbx_audit_revision_history.data_content_type 
_pdbx_audit_revision_history.major_revision 
_pdbx_audit_revision_history.minor_revision 
_pdbx_audit_revision_history.revision_date 
1 'Structure model' 1 0 2007-03-13 
2 'Structure model' 1 1 2008-05-01 
3 'Structure model' 1 2 2011-07-13 
4 'Structure model' 1 3 2023-10-25 
# 
_pdbx_audit_revision_details.ordinal             1 
_pdbx_audit_revision_details.revision_ordinal    1 
_pdbx_audit_revision_details.data_content_type   'Structure model' 
_pdbx_audit_revision_details.provider            repository 
_pdbx_audit_revision_details.type                'Initial release' 
_pdbx_audit_revision_details.description         ? 
_pdbx_audit_revision_details.details             ? 
# 
loop_
_pdbx_audit_revision_group.ordinal 
_pdbx_audit_revision_group.revision_ordinal 
_pdbx_audit_revision_group.data_content_type 
_pdbx_audit_revision_group.group 
1 2 'Structure model' 'Version format compliance' 
2 3 'Structure model' 'Version format compliance' 
3 4 'Structure model' 'Data collection'           
4 4 'Structure model' 'Database references'       
5 4 'Structure model' 'Derived calculations'      
6 4 'Structure model' 'Refinement description'    
# 
loop_
_pdbx_audit_revision_category.ordinal 
_pdbx_audit_revision_category.revision_ordinal 
_pdbx_audit_revision_category.data_content_type 
_pdbx_audit_revision_category.category 
1 4 'Structure model' chem_comp_atom                
2 4 'Structure model' chem_comp_bond                
3 4 'Structure model' database_2                    
4 4 'Structure model' pdbx_initial_refinement_model 
5 4 'Structure model' struct_site                   
# 
loop_
_pdbx_audit_revision_item.ordinal 
_pdbx_audit_revision_item.revision_ordinal 
_pdbx_audit_revision_item.data_content_type 
_pdbx_audit_revision_item.item 
1 4 'Structure model' '_database_2.pdbx_DOI'                
2 4 'Structure model' '_database_2.pdbx_database_accession' 
3 4 'Structure model' '_struct_site.pdbx_auth_asym_id'      
4 4 'Structure model' '_struct_site.pdbx_auth_comp_id'      
5 4 'Structure model' '_struct_site.pdbx_auth_seq_id'       
# 
loop_
_software.name 
_software.classification 
_software.version 
_software.citation_id 
_software.pdbx_ordinal 
CrystalClear 'data collection' '(MSC/RIGAKU)' ? 1 
AMoRE        phasing           .              ? 2 
CNS          refinement        1.1            ? 3 
DENZO        'data reduction'  .              ? 4 
SCALEPACK    'data scaling'    .              ? 5 
# 
loop_
_pdbx_validate_torsion.id 
_pdbx_validate_torsion.PDB_model_num 
_pdbx_validate_torsion.auth_comp_id 
_pdbx_validate_torsion.auth_asym_id 
_pdbx_validate_torsion.auth_seq_id 
_pdbx_validate_torsion.PDB_ins_code 
_pdbx_validate_torsion.label_alt_id 
_pdbx_validate_torsion.phi 
_pdbx_validate_torsion.psi 
1 1 ARG A 6   ? ? -26.15  106.35  
2 1 LYS A 7   ? ? 63.96   -0.30   
3 1 CYS A 96  ? ? -129.43 -136.79 
4 1 ILE A 100 ? ? -107.87 -66.72  
5 1 VAL A 134 ? ? 68.52   87.41   
# 
loop_
_chem_comp_atom.comp_id 
_chem_comp_atom.atom_id 
_chem_comp_atom.type_symbol 
_chem_comp_atom.pdbx_aromatic_flag 
_chem_comp_atom.pdbx_stereo_config 
_chem_comp_atom.pdbx_ordinal 
ALA N    N N N 1   
ALA CA   C N S 2   
ALA C    C N N 3   
ALA O    O N N 4   
ALA CB   C N N 5   
ALA OXT  O N N 6   
ALA H    H N N 7   
ALA H2   H N N 8   
ALA HA   H N N 9   
ALA HB1  H N N 10  
ALA HB2  H N N 11  
ALA HB3  H N N 12  
ALA HXT  H N N 13  
ARG N    N N N 14  
ARG CA   C N S 15  
ARG C    C N N 16  
ARG O    O N N 17  
ARG CB   C N N 18  
ARG CG   C N N 19  
ARG CD   C N N 20  
ARG NE   N N N 21  
ARG CZ   C N N 22  
ARG NH1  N N N 23  
ARG NH2  N N N 24  
ARG OXT  O N N 25  
ARG H    H N N 26  
ARG H2   H N N 27  
ARG HA   H N N 28  
ARG HB2  H N N 29  
ARG HB3  H N N 30  
ARG HG2  H N N 31  
ARG HG3  H N N 32  
ARG HD2  H N N 33  
ARG HD3  H N N 34  
ARG HE   H N N 35  
ARG HH11 H N N 36  
ARG HH12 H N N 37  
ARG HH21 H N N 38  
ARG HH22 H N N 39  
ARG HXT  H N N 40  
ASN N    N N N 41  
ASN CA   C N S 42  
ASN C    C N N 43  
ASN O    O N N 44  
ASN CB   C N N 45  
ASN CG   C N N 46  
ASN OD1  O N N 47  
ASN ND2  N N N 48  
ASN OXT  O N N 49  
ASN H    H N N 50  
ASN H2   H N N 51  
ASN HA   H N N 52  
ASN HB2  H N N 53  
ASN HB3  H N N 54  
ASN HD21 H N N 55  
ASN HD22 H N N 56  
ASN HXT  H N N 57  
ASP N    N N N 58  
ASP CA   C N S 59  
ASP C    C N N 60  
ASP O    O N N 61  
ASP CB   C N N 62  
ASP CG   C N N 63  
ASP OD1  O N N 64  
ASP OD2  O N N 65  
ASP OXT  O N N 66  
ASP H    H N N 67  
ASP H2   H N N 68  
ASP HA   H N N 69  
ASP HB2  H N N 70  
ASP HB3  H N N 71  
ASP HD2  H N N 72  
ASP HXT  H N N 73  
CYS N    N N N 74  
CYS CA   C N R 75  
CYS C    C N N 76  
CYS O    O N N 77  
CYS CB   C N N 78  
CYS SG   S N N 79  
CYS OXT  O N N 80  
CYS H    H N N 81  
CYS H2   H N N 82  
CYS HA   H N N 83  
CYS HB2  H N N 84  
CYS HB3  H N N 85  
CYS HG   H N N 86  
CYS HXT  H N N 87  
GLN N    N N N 88  
GLN CA   C N S 89  
GLN C    C N N 90  
GLN O    O N N 91  
GLN CB   C N N 92  
GLN CG   C N N 93  
GLN CD   C N N 94  
GLN OE1  O N N 95  
GLN NE2  N N N 96  
GLN OXT  O N N 97  
GLN H    H N N 98  
GLN H2   H N N 99  
GLN HA   H N N 100 
GLN HB2  H N N 101 
GLN HB3  H N N 102 
GLN HG2  H N N 103 
GLN HG3  H N N 104 
GLN HE21 H N N 105 
GLN HE22 H N N 106 
GLN HXT  H N N 107 
GLU N    N N N 108 
GLU CA   C N S 109 
GLU C    C N N 110 
GLU O    O N N 111 
GLU CB   C N N 112 
GLU CG   C N N 113 
GLU CD   C N N 114 
GLU OE1  O N N 115 
GLU OE2  O N N 116 
GLU OXT  O N N 117 
GLU H    H N N 118 
GLU H2   H N N 119 
GLU HA   H N N 120 
GLU HB2  H N N 121 
GLU HB3  H N N 122 
GLU HG2  H N N 123 
GLU HG3  H N N 124 
GLU HE2  H N N 125 
GLU HXT  H N N 126 
GLY N    N N N 127 
GLY CA   C N N 128 
GLY C    C N N 129 
GLY O    O N N 130 
GLY OXT  O N N 131 
GLY H    H N N 132 
GLY H2   H N N 133 
GLY HA2  H N N 134 
GLY HA3  H N N 135 
GLY HXT  H N N 136 
HIS N    N N N 137 
HIS CA   C N S 138 
HIS C    C N N 139 
HIS O    O N N 140 
HIS CB   C N N 141 
HIS CG   C Y N 142 
HIS ND1  N Y N 143 
HIS CD2  C Y N 144 
HIS CE1  C Y N 145 
HIS NE2  N Y N 146 
HIS OXT  O N N 147 
HIS H    H N N 148 
HIS H2   H N N 149 
HIS HA   H N N 150 
HIS HB2  H N N 151 
HIS HB3  H N N 152 
HIS HD1  H N N 153 
HIS HD2  H N N 154 
HIS HE1  H N N 155 
HIS HE2  H N N 156 
HIS HXT  H N N 157 
HOH O    O N N 158 
HOH H1   H N N 159 
HOH H2   H N N 160 
ILE N    N N N 161 
ILE CA   C N S 162 
ILE C    C N N 163 
ILE O    O N N 164 
ILE CB   C N S 165 
ILE CG1  C N N 166 
ILE CG2  C N N 167 
ILE CD1  C N N 168 
ILE OXT  O N N 169 
ILE H    H N N 170 
ILE H2   H N N 171 
ILE HA   H N N 172 
ILE HB   H N N 173 
ILE HG12 H N N 174 
ILE HG13 H N N 175 
ILE HG21 H N N 176 
ILE HG22 H N N 177 
ILE HG23 H N N 178 
ILE HD11 H N N 179 
ILE HD12 H N N 180 
ILE HD13 H N N 181 
ILE HXT  H N N 182 
LEU N    N N N 183 
LEU CA   C N S 184 
LEU C    C N N 185 
LEU O    O N N 186 
LEU CB   C N N 187 
LEU CG   C N N 188 
LEU CD1  C N N 189 
LEU CD2  C N N 190 
LEU OXT  O N N 191 
LEU H    H N N 192 
LEU H2   H N N 193 
LEU HA   H N N 194 
LEU HB2  H N N 195 
LEU HB3  H N N 196 
LEU HG   H N N 197 
LEU HD11 H N N 198 
LEU HD12 H N N 199 
LEU HD13 H N N 200 
LEU HD21 H N N 201 
LEU HD22 H N N 202 
LEU HD23 H N N 203 
LEU HXT  H N N 204 
LYS N    N N N 205 
LYS CA   C N S 206 
LYS C    C N N 207 
LYS O    O N N 208 
LYS CB   C N N 209 
LYS CG   C N N 210 
LYS CD   C N N 211 
LYS CE   C N N 212 
LYS NZ   N N N 213 
LYS OXT  O N N 214 
LYS H    H N N 215 
LYS H2   H N N 216 
LYS HA   H N N 217 
LYS HB2  H N N 218 
LYS HB3  H N N 219 
LYS HG2  H N N 220 
LYS HG3  H N N 221 
LYS HD2  H N N 222 
LYS HD3  H N N 223 
LYS HE2  H N N 224 
LYS HE3  H N N 225 
LYS HZ1  H N N 226 
LYS HZ2  H N N 227 
LYS HZ3  H N N 228 
LYS HXT  H N N 229 
MET N    N N N 230 
MET CA   C N S 231 
MET C    C N N 232 
MET O    O N N 233 
MET CB   C N N 234 
MET CG   C N N 235 
MET SD   S N N 236 
MET CE   C N N 237 
MET OXT  O N N 238 
MET H    H N N 239 
MET H2   H N N 240 
MET HA   H N N 241 
MET HB2  H N N 242 
MET HB3  H N N 243 
MET HG2  H N N 244 
MET HG3  H N N 245 
MET HE1  H N N 246 
MET HE2  H N N 247 
MET HE3  H N N 248 
MET HXT  H N N 249 
PHE N    N N N 250 
PHE CA   C N S 251 
PHE C    C N N 252 
PHE O    O N N 253 
PHE CB   C N N 254 
PHE CG   C Y N 255 
PHE CD1  C Y N 256 
PHE CD2  C Y N 257 
PHE CE1  C Y N 258 
PHE CE2  C Y N 259 
PHE CZ   C Y N 260 
PHE OXT  O N N 261 
PHE H    H N N 262 
PHE H2   H N N 263 
PHE HA   H N N 264 
PHE HB2  H N N 265 
PHE HB3  H N N 266 
PHE HD1  H N N 267 
PHE HD2  H N N 268 
PHE HE1  H N N 269 
PHE HE2  H N N 270 
PHE HZ   H N N 271 
PHE HXT  H N N 272 
PRO N    N N N 273 
PRO CA   C N S 274 
PRO C    C N N 275 
PRO O    O N N 276 
PRO CB   C N N 277 
PRO CG   C N N 278 
PRO CD   C N N 279 
PRO OXT  O N N 280 
PRO H    H N N 281 
PRO HA   H N N 282 
PRO HB2  H N N 283 
PRO HB3  H N N 284 
PRO HG2  H N N 285 
PRO HG3  H N N 286 
PRO HD2  H N N 287 
PRO HD3  H N N 288 
PRO HXT  H N N 289 
SER N    N N N 290 
SER CA   C N S 291 
SER C    C N N 292 
SER O    O N N 293 
SER CB   C N N 294 
SER OG   O N N 295 
SER OXT  O N N 296 
SER H    H N N 297 
SER H2   H N N 298 
SER HA   H N N 299 
SER HB2  H N N 300 
SER HB3  H N N 301 
SER HG   H N N 302 
SER HXT  H N N 303 
THR N    N N N 304 
THR CA   C N S 305 
THR C    C N N 306 
THR O    O N N 307 
THR CB   C N R 308 
THR OG1  O N N 309 
THR CG2  C N N 310 
THR OXT  O N N 311 
THR H    H N N 312 
THR H2   H N N 313 
THR HA   H N N 314 
THR HB   H N N 315 
THR HG1  H N N 316 
THR HG21 H N N 317 
THR HG22 H N N 318 
THR HG23 H N N 319 
THR HXT  H N N 320 
TRP N    N N N 321 
TRP CA   C N S 322 
TRP C    C N N 323 
TRP O    O N N 324 
TRP CB   C N N 325 
TRP CG   C Y N 326 
TRP CD1  C Y N 327 
TRP CD2  C Y N 328 
TRP NE1  N Y N 329 
TRP CE2  C Y N 330 
TRP CE3  C Y N 331 
TRP CZ2  C Y N 332 
TRP CZ3  C Y N 333 
TRP CH2  C Y N 334 
TRP OXT  O N N 335 
TRP H    H N N 336 
TRP H2   H N N 337 
TRP HA   H N N 338 
TRP HB2  H N N 339 
TRP HB3  H N N 340 
TRP HD1  H N N 341 
TRP HE1  H N N 342 
TRP HE3  H N N 343 
TRP HZ2  H N N 344 
TRP HZ3  H N N 345 
TRP HH2  H N N 346 
TRP HXT  H N N 347 
TYR N    N N N 348 
TYR CA   C N S 349 
TYR C    C N N 350 
TYR O    O N N 351 
TYR CB   C N N 352 
TYR CG   C Y N 353 
TYR CD1  C Y N 354 
TYR CD2  C Y N 355 
TYR CE1  C Y N 356 
TYR CE2  C Y N 357 
TYR CZ   C Y N 358 
TYR OH   O N N 359 
TYR OXT  O N N 360 
TYR H    H N N 361 
TYR H2   H N N 362 
TYR HA   H N N 363 
TYR HB2  H N N 364 
TYR HB3  H N N 365 
TYR HD1  H N N 366 
TYR HD2  H N N 367 
TYR HE1  H N N 368 
TYR HE2  H N N 369 
TYR HH   H N N 370 
TYR HXT  H N N 371 
VAL N    N N N 372 
VAL CA   C N S 373 
VAL C    C N N 374 
VAL O    O N N 375 
VAL CB   C N N 376 
VAL CG1  C N N 377 
VAL CG2  C N N 378 
VAL OXT  O N N 379 
VAL H    H N N 380 
VAL H2   H N N 381 
VAL HA   H N N 382 
VAL HB   H N N 383 
VAL HG11 H N N 384 
VAL HG12 H N N 385 
VAL HG13 H N N 386 
VAL HG21 H N N 387 
VAL HG22 H N N 388 
VAL HG23 H N N 389 
VAL HXT  H N N 390 
WO4 W    W N N 391 
WO4 O1   O N N 392 
WO4 O2   O N N 393 
WO4 O3   O N N 394 
WO4 O4   O N N 395 
# 
loop_
_chem_comp_bond.comp_id 
_chem_comp_bond.atom_id_1 
_chem_comp_bond.atom_id_2 
_chem_comp_bond.value_order 
_chem_comp_bond.pdbx_aromatic_flag 
_chem_comp_bond.pdbx_stereo_config 
_chem_comp_bond.pdbx_ordinal 
ALA N   CA   sing N N 1   
ALA N   H    sing N N 2   
ALA N   H2   sing N N 3   
ALA CA  C    sing N N 4   
ALA CA  CB   sing N N 5   
ALA CA  HA   sing N N 6   
ALA C   O    doub N N 7   
ALA C   OXT  sing N N 8   
ALA CB  HB1  sing N N 9   
ALA CB  HB2  sing N N 10  
ALA CB  HB3  sing N N 11  
ALA OXT HXT  sing N N 12  
ARG N   CA   sing N N 13  
ARG N   H    sing N N 14  
ARG N   H2   sing N N 15  
ARG CA  C    sing N N 16  
ARG CA  CB   sing N N 17  
ARG CA  HA   sing N N 18  
ARG C   O    doub N N 19  
ARG C   OXT  sing N N 20  
ARG CB  CG   sing N N 21  
ARG CB  HB2  sing N N 22  
ARG CB  HB3  sing N N 23  
ARG CG  CD   sing N N 24  
ARG CG  HG2  sing N N 25  
ARG CG  HG3  sing N N 26  
ARG CD  NE   sing N N 27  
ARG CD  HD2  sing N N 28  
ARG CD  HD3  sing N N 29  
ARG NE  CZ   sing N N 30  
ARG NE  HE   sing N N 31  
ARG CZ  NH1  sing N N 32  
ARG CZ  NH2  doub N N 33  
ARG NH1 HH11 sing N N 34  
ARG NH1 HH12 sing N N 35  
ARG NH2 HH21 sing N N 36  
ARG NH2 HH22 sing N N 37  
ARG OXT HXT  sing N N 38  
ASN N   CA   sing N N 39  
ASN N   H    sing N N 40  
ASN N   H2   sing N N 41  
ASN CA  C    sing N N 42  
ASN CA  CB   sing N N 43  
ASN CA  HA   sing N N 44  
ASN C   O    doub N N 45  
ASN C   OXT  sing N N 46  
ASN CB  CG   sing N N 47  
ASN CB  HB2  sing N N 48  
ASN CB  HB3  sing N N 49  
ASN CG  OD1  doub N N 50  
ASN CG  ND2  sing N N 51  
ASN ND2 HD21 sing N N 52  
ASN ND2 HD22 sing N N 53  
ASN OXT HXT  sing N N 54  
ASP N   CA   sing N N 55  
ASP N   H    sing N N 56  
ASP N   H2   sing N N 57  
ASP CA  C    sing N N 58  
ASP CA  CB   sing N N 59  
ASP CA  HA   sing N N 60  
ASP C   O    doub N N 61  
ASP C   OXT  sing N N 62  
ASP CB  CG   sing N N 63  
ASP CB  HB2  sing N N 64  
ASP CB  HB3  sing N N 65  
ASP CG  OD1  doub N N 66  
ASP CG  OD2  sing N N 67  
ASP OD2 HD2  sing N N 68  
ASP OXT HXT  sing N N 69  
CYS N   CA   sing N N 70  
CYS N   H    sing N N 71  
CYS N   H2   sing N N 72  
CYS CA  C    sing N N 73  
CYS CA  CB   sing N N 74  
CYS CA  HA   sing N N 75  
CYS C   O    doub N N 76  
CYS C   OXT  sing N N 77  
CYS CB  SG   sing N N 78  
CYS CB  HB2  sing N N 79  
CYS CB  HB3  sing N N 80  
CYS SG  HG   sing N N 81  
CYS OXT HXT  sing N N 82  
GLN N   CA   sing N N 83  
GLN N   H    sing N N 84  
GLN N   H2   sing N N 85  
GLN CA  C    sing N N 86  
GLN CA  CB   sing N N 87  
GLN CA  HA   sing N N 88  
GLN C   O    doub N N 89  
GLN C   OXT  sing N N 90  
GLN CB  CG   sing N N 91  
GLN CB  HB2  sing N N 92  
GLN CB  HB3  sing N N 93  
GLN CG  CD   sing N N 94  
GLN CG  HG2  sing N N 95  
GLN CG  HG3  sing N N 96  
GLN CD  OE1  doub N N 97  
GLN CD  NE2  sing N N 98  
GLN NE2 HE21 sing N N 99  
GLN NE2 HE22 sing N N 100 
GLN OXT HXT  sing N N 101 
GLU N   CA   sing N N 102 
GLU N   H    sing N N 103 
GLU N   H2   sing N N 104 
GLU CA  C    sing N N 105 
GLU CA  CB   sing N N 106 
GLU CA  HA   sing N N 107 
GLU C   O    doub N N 108 
GLU C   OXT  sing N N 109 
GLU CB  CG   sing N N 110 
GLU CB  HB2  sing N N 111 
GLU CB  HB3  sing N N 112 
GLU CG  CD   sing N N 113 
GLU CG  HG2  sing N N 114 
GLU CG  HG3  sing N N 115 
GLU CD  OE1  doub N N 116 
GLU CD  OE2  sing N N 117 
GLU OE2 HE2  sing N N 118 
GLU OXT HXT  sing N N 119 
GLY N   CA   sing N N 120 
GLY N   H    sing N N 121 
GLY N   H2   sing N N 122 
GLY CA  C    sing N N 123 
GLY CA  HA2  sing N N 124 
GLY CA  HA3  sing N N 125 
GLY C   O    doub N N 126 
GLY C   OXT  sing N N 127 
GLY OXT HXT  sing N N 128 
HIS N   CA   sing N N 129 
HIS N   H    sing N N 130 
HIS N   H2   sing N N 131 
HIS CA  C    sing N N 132 
HIS CA  CB   sing N N 133 
HIS CA  HA   sing N N 134 
HIS C   O    doub N N 135 
HIS C   OXT  sing N N 136 
HIS CB  CG   sing N N 137 
HIS CB  HB2  sing N N 138 
HIS CB  HB3  sing N N 139 
HIS CG  ND1  sing Y N 140 
HIS CG  CD2  doub Y N 141 
HIS ND1 CE1  doub Y N 142 
HIS ND1 HD1  sing N N 143 
HIS CD2 NE2  sing Y N 144 
HIS CD2 HD2  sing N N 145 
HIS CE1 NE2  sing Y N 146 
HIS CE1 HE1  sing N N 147 
HIS NE2 HE2  sing N N 148 
HIS OXT HXT  sing N N 149 
HOH O   H1   sing N N 150 
HOH O   H2   sing N N 151 
ILE N   CA   sing N N 152 
ILE N   H    sing N N 153 
ILE N   H2   sing N N 154 
ILE CA  C    sing N N 155 
ILE CA  CB   sing N N 156 
ILE CA  HA   sing N N 157 
ILE C   O    doub N N 158 
ILE C   OXT  sing N N 159 
ILE CB  CG1  sing N N 160 
ILE CB  CG2  sing N N 161 
ILE CB  HB   sing N N 162 
ILE CG1 CD1  sing N N 163 
ILE CG1 HG12 sing N N 164 
ILE CG1 HG13 sing N N 165 
ILE CG2 HG21 sing N N 166 
ILE CG2 HG22 sing N N 167 
ILE CG2 HG23 sing N N 168 
ILE CD1 HD11 sing N N 169 
ILE CD1 HD12 sing N N 170 
ILE CD1 HD13 sing N N 171 
ILE OXT HXT  sing N N 172 
LEU N   CA   sing N N 173 
LEU N   H    sing N N 174 
LEU N   H2   sing N N 175 
LEU CA  C    sing N N 176 
LEU CA  CB   sing N N 177 
LEU CA  HA   sing N N 178 
LEU C   O    doub N N 179 
LEU C   OXT  sing N N 180 
LEU CB  CG   sing N N 181 
LEU CB  HB2  sing N N 182 
LEU CB  HB3  sing N N 183 
LEU CG  CD1  sing N N 184 
LEU CG  CD2  sing N N 185 
LEU CG  HG   sing N N 186 
LEU CD1 HD11 sing N N 187 
LEU CD1 HD12 sing N N 188 
LEU CD1 HD13 sing N N 189 
LEU CD2 HD21 sing N N 190 
LEU CD2 HD22 sing N N 191 
LEU CD2 HD23 sing N N 192 
LEU OXT HXT  sing N N 193 
LYS N   CA   sing N N 194 
LYS N   H    sing N N 195 
LYS N   H2   sing N N 196 
LYS CA  C    sing N N 197 
LYS CA  CB   sing N N 198 
LYS CA  HA   sing N N 199 
LYS C   O    doub N N 200 
LYS C   OXT  sing N N 201 
LYS CB  CG   sing N N 202 
LYS CB  HB2  sing N N 203 
LYS CB  HB3  sing N N 204 
LYS CG  CD   sing N N 205 
LYS CG  HG2  sing N N 206 
LYS CG  HG3  sing N N 207 
LYS CD  CE   sing N N 208 
LYS CD  HD2  sing N N 209 
LYS CD  HD3  sing N N 210 
LYS CE  NZ   sing N N 211 
LYS CE  HE2  sing N N 212 
LYS CE  HE3  sing N N 213 
LYS NZ  HZ1  sing N N 214 
LYS NZ  HZ2  sing N N 215 
LYS NZ  HZ3  sing N N 216 
LYS OXT HXT  sing N N 217 
MET N   CA   sing N N 218 
MET N   H    sing N N 219 
MET N   H2   sing N N 220 
MET CA  C    sing N N 221 
MET CA  CB   sing N N 222 
MET CA  HA   sing N N 223 
MET C   O    doub N N 224 
MET C   OXT  sing N N 225 
MET CB  CG   sing N N 226 
MET CB  HB2  sing N N 227 
MET CB  HB3  sing N N 228 
MET CG  SD   sing N N 229 
MET CG  HG2  sing N N 230 
MET CG  HG3  sing N N 231 
MET SD  CE   sing N N 232 
MET CE  HE1  sing N N 233 
MET CE  HE2  sing N N 234 
MET CE  HE3  sing N N 235 
MET OXT HXT  sing N N 236 
PHE N   CA   sing N N 237 
PHE N   H    sing N N 238 
PHE N   H2   sing N N 239 
PHE CA  C    sing N N 240 
PHE CA  CB   sing N N 241 
PHE CA  HA   sing N N 242 
PHE C   O    doub N N 243 
PHE C   OXT  sing N N 244 
PHE CB  CG   sing N N 245 
PHE CB  HB2  sing N N 246 
PHE CB  HB3  sing N N 247 
PHE CG  CD1  doub Y N 248 
PHE CG  CD2  sing Y N 249 
PHE CD1 CE1  sing Y N 250 
PHE CD1 HD1  sing N N 251 
PHE CD2 CE2  doub Y N 252 
PHE CD2 HD2  sing N N 253 
PHE CE1 CZ   doub Y N 254 
PHE CE1 HE1  sing N N 255 
PHE CE2 CZ   sing Y N 256 
PHE CE2 HE2  sing N N 257 
PHE CZ  HZ   sing N N 258 
PHE OXT HXT  sing N N 259 
PRO N   CA   sing N N 260 
PRO N   CD   sing N N 261 
PRO N   H    sing N N 262 
PRO CA  C    sing N N 263 
PRO CA  CB   sing N N 264 
PRO CA  HA   sing N N 265 
PRO C   O    doub N N 266 
PRO C   OXT  sing N N 267 
PRO CB  CG   sing N N 268 
PRO CB  HB2  sing N N 269 
PRO CB  HB3  sing N N 270 
PRO CG  CD   sing N N 271 
PRO CG  HG2  sing N N 272 
PRO CG  HG3  sing N N 273 
PRO CD  HD2  sing N N 274 
PRO CD  HD3  sing N N 275 
PRO OXT HXT  sing N N 276 
SER N   CA   sing N N 277 
SER N   H    sing N N 278 
SER N   H2   sing N N 279 
SER CA  C    sing N N 280 
SER CA  CB   sing N N 281 
SER CA  HA   sing N N 282 
SER C   O    doub N N 283 
SER C   OXT  sing N N 284 
SER CB  OG   sing N N 285 
SER CB  HB2  sing N N 286 
SER CB  HB3  sing N N 287 
SER OG  HG   sing N N 288 
SER OXT HXT  sing N N 289 
THR N   CA   sing N N 290 
THR N   H    sing N N 291 
THR N   H2   sing N N 292 
THR CA  C    sing N N 293 
THR CA  CB   sing N N 294 
THR CA  HA   sing N N 295 
THR C   O    doub N N 296 
THR C   OXT  sing N N 297 
THR CB  OG1  sing N N 298 
THR CB  CG2  sing N N 299 
THR CB  HB   sing N N 300 
THR OG1 HG1  sing N N 301 
THR CG2 HG21 sing N N 302 
THR CG2 HG22 sing N N 303 
THR CG2 HG23 sing N N 304 
THR OXT HXT  sing N N 305 
TRP N   CA   sing N N 306 
TRP N   H    sing N N 307 
TRP N   H2   sing N N 308 
TRP CA  C    sing N N 309 
TRP CA  CB   sing N N 310 
TRP CA  HA   sing N N 311 
TRP C   O    doub N N 312 
TRP C   OXT  sing N N 313 
TRP CB  CG   sing N N 314 
TRP CB  HB2  sing N N 315 
TRP CB  HB3  sing N N 316 
TRP CG  CD1  doub Y N 317 
TRP CG  CD2  sing Y N 318 
TRP CD1 NE1  sing Y N 319 
TRP CD1 HD1  sing N N 320 
TRP CD2 CE2  doub Y N 321 
TRP CD2 CE3  sing Y N 322 
TRP NE1 CE2  sing Y N 323 
TRP NE1 HE1  sing N N 324 
TRP CE2 CZ2  sing Y N 325 
TRP CE3 CZ3  doub Y N 326 
TRP CE3 HE3  sing N N 327 
TRP CZ2 CH2  doub Y N 328 
TRP CZ2 HZ2  sing N N 329 
TRP CZ3 CH2  sing Y N 330 
TRP CZ3 HZ3  sing N N 331 
TRP CH2 HH2  sing N N 332 
TRP OXT HXT  sing N N 333 
TYR N   CA   sing N N 334 
TYR N   H    sing N N 335 
TYR N   H2   sing N N 336 
TYR CA  C    sing N N 337 
TYR CA  CB   sing N N 338 
TYR CA  HA   sing N N 339 
TYR C   O    doub N N 340 
TYR C   OXT  sing N N 341 
TYR CB  CG   sing N N 342 
TYR CB  HB2  sing N N 343 
TYR CB  HB3  sing N N 344 
TYR CG  CD1  doub Y N 345 
TYR CG  CD2  sing Y N 346 
TYR CD1 CE1  sing Y N 347 
TYR CD1 HD1  sing N N 348 
TYR CD2 CE2  doub Y N 349 
TYR CD2 HD2  sing N N 350 
TYR CE1 CZ   doub Y N 351 
TYR CE1 HE1  sing N N 352 
TYR CE2 CZ   sing Y N 353 
TYR CE2 HE2  sing N N 354 
TYR CZ  OH   sing N N 355 
TYR OH  HH   sing N N 356 
TYR OXT HXT  sing N N 357 
VAL N   CA   sing N N 358 
VAL N   H    sing N N 359 
VAL N   H2   sing N N 360 
VAL CA  C    sing N N 361 
VAL CA  CB   sing N N 362 
VAL CA  HA   sing N N 363 
VAL C   O    doub N N 364 
VAL C   OXT  sing N N 365 
VAL CB  CG1  sing N N 366 
VAL CB  CG2  sing N N 367 
VAL CB  HB   sing N N 368 
VAL CG1 HG11 sing N N 369 
VAL CG1 HG12 sing N N 370 
VAL CG1 HG13 sing N N 371 
VAL CG2 HG21 sing N N 372 
VAL CG2 HG22 sing N N 373 
VAL CG2 HG23 sing N N 374 
VAL OXT HXT  sing N N 375 
WO4 W   O1   doub N N 376 
WO4 W   O2   doub N N 377 
WO4 W   O3   sing N N 378 
WO4 W   O4   sing N N 379 
# 
loop_
_pdbx_entity_nonpoly.entity_id 
_pdbx_entity_nonpoly.name 
_pdbx_entity_nonpoly.comp_id 
2 'TUNGSTATE(VI)ION' WO4 
3 water              HOH 
# 
_pdbx_initial_refinement_model.id               1 
_pdbx_initial_refinement_model.entity_id_list   ? 
_pdbx_initial_refinement_model.type             'experimental model' 
_pdbx_initial_refinement_model.source_name      PDB 
_pdbx_initial_refinement_model.accession_code   1OHE 
_pdbx_initial_refinement_model.details          ? 
# 
